data_6I3N
#
_entry.id   6I3N
#
_cell.length_a   1.00
_cell.length_b   1.00
_cell.length_c   1.00
_cell.angle_alpha   90.00
_cell.angle_beta   90.00
_cell.angle_gamma   90.00
#
_symmetry.space_group_name_H-M   'P 1'
#
_entity_poly.entity_id   1
_entity_poly.type   'polypeptide(L)'
_entity_poly.pdbx_seq_one_letter_code
;SNAMAAGGPGAGSAAPVSSTSSLPLAALNMRVRRRLSLFLNVRTQVAADWTALAEEMDFEYLEIRQLETQADPTGRLLDA
WQGRPGASVGRLLELLTKLGRDDVLLELGPSIEEDCQKYILKQQQEEAEKPLQVAAVDSSVPRTAELAGITTLDWSHPQF
EK
;
_entity_poly.pdbx_strand_id   M,I,J,K,H,L,B,F,C,D,A,E,G
#
# COMPACT_ATOMS: atom_id res chain seq x y z
N SER A 22 0.81 20.57 37.35
CA SER A 22 1.27 19.20 37.50
C SER A 22 1.13 18.42 36.20
N LEU A 23 0.17 17.49 36.18
CA LEU A 23 0.01 16.53 35.10
C LEU A 23 -1.10 16.98 34.16
N PRO A 24 -1.03 16.64 32.85
CA PRO A 24 -2.00 17.22 31.90
C PRO A 24 -3.39 16.64 32.01
N LEU A 25 -4.30 17.16 31.18
CA LEU A 25 -5.70 16.75 31.22
C LEU A 25 -5.97 15.46 30.47
N ALA A 26 -4.95 14.79 29.96
CA ALA A 26 -5.13 13.45 29.44
C ALA A 26 -5.31 12.42 30.54
N ALA A 27 -5.04 12.80 31.79
CA ALA A 27 -5.33 11.92 32.92
C ALA A 27 -6.82 11.78 33.15
N LEU A 28 -7.59 12.78 32.74
CA LEU A 28 -9.04 12.77 32.95
C LEU A 28 -9.70 11.96 31.85
N ASN A 29 -10.18 10.77 32.19
CA ASN A 29 -10.81 9.89 31.21
C ASN A 29 -12.25 10.27 30.94
N MET A 30 -13.01 9.38 30.30
CA MET A 30 -14.36 9.69 29.86
C MET A 30 -15.38 9.83 30.98
N ARG A 31 -15.22 9.15 32.12
CA ARG A 31 -16.26 9.20 33.14
C ARG A 31 -16.26 10.53 33.89
N VAL A 32 -15.10 11.03 34.27
CA VAL A 32 -14.98 12.34 34.88
C VAL A 32 -15.36 13.44 33.90
N ARG A 33 -14.91 13.36 32.66
CA ARG A 33 -15.18 14.35 31.65
C ARG A 33 -16.65 14.40 31.23
N ARG A 34 -17.42 13.34 31.47
CA ARG A 34 -18.87 13.40 31.35
C ARG A 34 -19.54 14.01 32.57
N ARG A 35 -19.00 13.77 33.76
CA ARG A 35 -19.61 14.31 34.97
C ARG A 35 -19.34 15.80 35.11
N LEU A 36 -18.19 16.29 34.66
CA LEU A 36 -18.00 17.72 34.51
C LEU A 36 -18.94 18.31 33.49
N SER A 37 -19.27 17.56 32.43
CA SER A 37 -20.14 18.09 31.40
C SER A 37 -21.56 18.25 31.91
N LEU A 38 -22.03 17.34 32.77
CA LEU A 38 -23.39 17.41 33.29
C LEU A 38 -23.60 18.65 34.15
N PHE A 39 -22.58 19.03 34.90
CA PHE A 39 -22.69 20.25 35.71
C PHE A 39 -22.47 21.50 34.88
N LEU A 40 -21.48 21.48 33.99
CA LEU A 40 -20.98 22.73 33.47
C LEU A 40 -21.69 23.20 32.21
N ASN A 41 -22.30 22.31 31.42
CA ASN A 41 -22.97 22.82 30.23
C ASN A 41 -24.45 23.05 30.43
N VAL A 42 -24.94 22.99 31.67
CA VAL A 42 -26.24 23.56 32.00
C VAL A 42 -26.09 25.06 31.86
N ARG A 43 -26.64 25.62 30.80
CA ARG A 43 -26.33 26.97 30.40
C ARG A 43 -27.25 27.94 31.14
N THR A 44 -26.67 28.71 32.06
CA THR A 44 -27.40 29.69 32.83
C THR A 44 -26.89 31.09 32.52
N GLN A 45 -27.79 32.05 32.59
CA GLN A 45 -27.50 33.45 32.30
C GLN A 45 -26.97 34.18 33.52
N VAL A 46 -27.16 33.61 34.71
CA VAL A 46 -26.86 34.29 35.96
C VAL A 46 -25.55 33.77 36.57
N ALA A 47 -25.45 32.46 36.72
CA ALA A 47 -24.33 31.84 37.43
C ALA A 47 -23.20 31.49 36.46
N ALA A 48 -22.26 30.68 36.93
CA ALA A 48 -21.05 30.34 36.19
C ALA A 48 -21.21 28.96 35.56
N ASP A 49 -21.62 28.93 34.31
CA ASP A 49 -21.63 27.72 33.49
C ASP A 49 -20.27 27.59 32.81
N TRP A 50 -20.19 26.77 31.76
CA TRP A 50 -18.92 26.53 31.08
C TRP A 50 -18.37 27.75 30.36
N THR A 51 -19.20 28.76 30.08
CA THR A 51 -18.69 29.95 29.39
C THR A 51 -17.89 30.84 30.32
N ALA A 52 -18.25 30.88 31.60
CA ALA A 52 -17.41 31.59 32.57
C ALA A 52 -16.07 30.89 32.73
N LEU A 53 -16.07 29.57 32.73
CA LEU A 53 -14.84 28.80 32.77
C LEU A 53 -14.01 29.02 31.51
N ALA A 54 -14.67 29.09 30.36
CA ALA A 54 -13.98 29.34 29.09
C ALA A 54 -13.39 30.73 29.06
N GLU A 55 -14.04 31.71 29.67
CA GLU A 55 -13.45 33.03 29.78
C GLU A 55 -12.26 33.04 30.73
N GLU A 56 -12.33 32.26 31.82
CA GLU A 56 -11.21 32.20 32.76
C GLU A 56 -9.99 31.50 32.18
N MET A 57 -10.14 30.77 31.09
CA MET A 57 -9.03 30.11 30.42
C MET A 57 -8.57 30.85 29.19
N ASP A 58 -8.79 32.17 29.15
CA ASP A 58 -8.25 33.10 28.16
C ASP A 58 -8.68 32.77 26.74
N PHE A 59 -9.92 32.32 26.58
CA PHE A 59 -10.50 32.16 25.27
C PHE A 59 -11.18 33.44 24.81
N GLU A 60 -11.05 33.71 23.51
CA GLU A 60 -11.73 34.83 22.87
C GLU A 60 -13.23 34.55 22.84
N TYR A 61 -14.02 35.62 22.67
CA TYR A 61 -15.47 35.48 22.59
C TYR A 61 -15.89 34.64 21.39
N LEU A 62 -15.19 34.79 20.27
CA LEU A 62 -15.56 34.02 19.08
C LEU A 62 -15.21 32.55 19.23
N GLU A 63 -14.19 32.21 20.04
CA GLU A 63 -13.89 30.82 20.33
C GLU A 63 -15.01 30.18 21.14
N ILE A 64 -15.47 30.87 22.18
CA ILE A 64 -16.56 30.41 23.03
C ILE A 64 -17.84 30.31 22.22
N ARG A 65 -18.07 31.27 21.33
CA ARG A 65 -19.23 31.26 20.47
C ARG A 65 -19.19 30.13 19.45
N GLN A 66 -17.99 29.72 19.04
CA GLN A 66 -17.85 28.54 18.20
C GLN A 66 -18.07 27.26 18.98
N LEU A 67 -17.66 27.24 20.25
CA LEU A 67 -17.86 26.05 21.08
C LEU A 67 -19.32 25.88 21.48
N GLU A 68 -20.10 26.96 21.48
CA GLU A 68 -21.52 26.86 21.81
C GLU A 68 -22.29 26.03 20.79
N THR A 69 -21.81 25.98 19.54
CA THR A 69 -22.59 25.38 18.45
C THR A 69 -22.64 23.87 18.58
N GLN A 70 -21.49 23.25 18.80
CA GLN A 70 -21.42 21.80 18.83
C GLN A 70 -21.82 21.26 20.20
N ALA A 71 -22.37 20.05 20.19
CA ALA A 71 -22.84 19.42 21.41
C ALA A 71 -21.68 19.02 22.30
N ASP A 72 -21.97 18.90 23.61
CA ASP A 72 -21.03 18.80 24.71
C ASP A 72 -19.99 19.91 24.61
N PRO A 73 -20.33 21.16 24.91
CA PRO A 73 -19.33 22.22 24.80
C PRO A 73 -18.28 22.19 25.89
N THR A 74 -18.56 21.55 27.02
CA THR A 74 -17.55 21.40 28.06
C THR A 74 -16.47 20.42 27.64
N GLY A 75 -16.84 19.33 26.96
CA GLY A 75 -15.85 18.38 26.49
C GLY A 75 -14.99 18.95 25.39
N ARG A 76 -15.58 19.72 24.48
CA ARG A 76 -14.79 20.38 23.44
C ARG A 76 -13.99 21.53 23.99
N LEU A 77 -14.45 22.12 25.09
CA LEU A 77 -13.69 23.13 25.80
C LEU A 77 -12.45 22.53 26.45
N LEU A 78 -12.59 21.36 27.07
CA LEU A 78 -11.44 20.68 27.64
C LEU A 78 -10.50 20.13 26.58
N ASP A 79 -11.03 19.75 25.41
CA ASP A 79 -10.17 19.34 24.31
C ASP A 79 -9.41 20.51 23.72
N ALA A 80 -10.04 21.68 23.65
CA ALA A 80 -9.34 22.85 23.14
C ALA A 80 -8.39 23.42 24.19
N TRP A 81 -8.56 23.06 25.44
CA TRP A 81 -7.64 23.48 26.48
C TRP A 81 -6.64 22.38 26.82
N GLN A 82 -6.55 21.34 26.01
CA GLN A 82 -5.47 20.37 26.14
C GLN A 82 -4.12 21.04 25.92
N GLY A 83 -3.88 21.50 24.71
CA GLY A 83 -2.62 22.17 24.43
C GLY A 83 -2.74 23.66 24.54
N ARG A 84 -2.45 24.16 25.73
CA ARG A 84 -2.42 25.57 26.08
C ARG A 84 -1.30 25.72 27.09
N PRO A 85 -0.63 26.88 27.14
CA PRO A 85 0.60 26.98 27.94
C PRO A 85 0.41 26.85 29.46
N GLY A 86 -0.80 27.03 29.97
CA GLY A 86 -0.97 26.90 31.40
C GLY A 86 -1.78 25.71 31.87
N ALA A 87 -2.12 24.79 30.98
CA ALA A 87 -3.12 23.78 31.30
C ALA A 87 -2.55 22.65 32.14
N SER A 88 -3.30 22.28 33.18
CA SER A 88 -2.99 21.11 33.99
C SER A 88 -4.27 20.72 34.72
N VAL A 89 -4.18 19.66 35.53
CA VAL A 89 -5.33 19.24 36.31
C VAL A 89 -5.55 20.16 37.51
N GLY A 90 -4.46 20.52 38.20
CA GLY A 90 -4.56 21.44 39.33
C GLY A 90 -4.98 22.85 38.93
N ARG A 91 -4.60 23.29 37.74
CA ARG A 91 -5.09 24.56 37.23
C ARG A 91 -6.59 24.51 36.99
N LEU A 92 -7.10 23.39 36.51
CA LEU A 92 -8.55 23.22 36.36
C LEU A 92 -9.25 23.22 37.70
N LEU A 93 -8.66 22.55 38.69
CA LEU A 93 -9.28 22.48 40.01
C LEU A 93 -9.24 23.81 40.73
N GLU A 94 -8.27 24.68 40.43
CA GLU A 94 -8.27 25.99 41.05
C GLU A 94 -9.06 27.02 40.26
N LEU A 95 -9.25 26.82 38.95
CA LEU A 95 -10.18 27.67 38.21
C LEU A 95 -11.63 27.34 38.52
N LEU A 96 -11.93 26.09 38.87
CA LEU A 96 -13.28 25.78 39.33
C LEU A 96 -13.52 26.28 40.75
N THR A 97 -12.47 26.57 41.50
CA THR A 97 -12.62 27.21 42.80
C THR A 97 -12.74 28.72 42.64
N LYS A 98 -12.02 29.29 41.68
CA LYS A 98 -12.09 30.72 41.41
C LYS A 98 -13.47 31.12 40.91
N LEU A 99 -14.14 30.24 40.18
CA LEU A 99 -15.53 30.48 39.81
C LEU A 99 -16.50 30.26 40.97
N GLY A 100 -16.02 29.72 42.09
CA GLY A 100 -16.86 29.49 43.23
C GLY A 100 -17.73 28.25 43.14
N ARG A 101 -17.69 27.53 42.02
CA ARG A 101 -18.49 26.33 41.89
C ARG A 101 -17.86 25.21 42.68
N ASP A 102 -18.24 25.09 43.95
CA ASP A 102 -17.86 23.97 44.80
C ASP A 102 -18.83 22.81 44.67
N ASP A 103 -19.78 22.92 43.75
CA ASP A 103 -20.66 21.81 43.39
C ASP A 103 -19.84 20.67 42.80
N VAL A 104 -18.88 20.99 41.94
CA VAL A 104 -18.15 19.96 41.23
C VAL A 104 -17.00 19.39 42.03
N LEU A 105 -16.37 20.17 42.91
CA LEU A 105 -15.21 19.66 43.63
C LEU A 105 -15.58 18.72 44.76
N LEU A 106 -16.84 18.71 45.18
CA LEU A 106 -17.26 17.80 46.22
C LEU A 106 -17.67 16.45 45.66
N GLU A 107 -18.12 16.40 44.41
CA GLU A 107 -18.47 15.12 43.81
C GLU A 107 -17.34 14.57 42.96
N LEU A 108 -16.65 15.42 42.21
CA LEU A 108 -15.48 15.01 41.44
C LEU A 108 -14.18 15.19 42.22
N GLY A 109 -14.26 15.18 43.54
CA GLY A 109 -13.09 15.18 44.38
C GLY A 109 -12.26 13.91 44.26
N PRO A 110 -12.79 12.78 44.72
CA PRO A 110 -12.00 11.54 44.67
C PRO A 110 -11.82 10.97 43.28
N SER A 111 -12.73 11.25 42.34
CA SER A 111 -12.62 10.66 41.01
C SER A 111 -11.46 11.25 40.21
N ILE A 112 -11.20 12.54 40.34
CA ILE A 112 -10.08 13.16 39.64
C ILE A 112 -8.75 12.66 40.21
N GLU A 113 -8.67 12.44 41.53
CA GLU A 113 -7.47 11.85 42.10
C GLU A 113 -7.31 10.38 41.70
N GLU A 114 -8.43 9.66 41.60
CA GLU A 114 -8.37 8.24 41.22
C GLU A 114 -7.96 8.07 39.77
N ASP A 115 -8.28 9.03 38.91
CA ASP A 115 -7.81 9.00 37.53
C ASP A 115 -6.46 9.69 37.35
N CYS A 116 -6.00 10.47 38.33
CA CYS A 116 -4.63 10.92 38.36
C CYS A 116 -3.69 9.75 38.68
N GLN A 117 -4.01 8.99 39.72
CA GLN A 117 -3.19 7.86 40.12
C GLN A 117 -3.18 6.73 39.11
N LYS A 118 -4.23 6.61 38.31
CA LYS A 118 -4.24 5.62 37.24
C LYS A 118 -3.33 6.03 36.09
N TYR A 119 -3.27 7.32 35.79
CA TYR A 119 -2.37 7.82 34.74
C TYR A 119 -0.92 7.73 35.18
N ILE A 120 -0.67 7.97 36.48
CA ILE A 120 0.68 7.82 37.01
C ILE A 120 1.13 6.37 36.97
N LEU A 121 0.22 5.45 37.31
CA LEU A 121 0.56 4.02 37.25
C LEU A 121 0.69 3.53 35.82
N LYS A 122 0.02 4.19 34.87
CA LYS A 122 0.27 3.86 33.47
C LYS A 122 1.63 4.37 33.01
N GLN A 123 2.07 5.52 33.52
CA GLN A 123 3.45 5.96 33.29
C GLN A 123 4.47 5.15 34.08
N GLN A 124 4.04 4.38 35.08
CA GLN A 124 4.87 3.56 35.97
C GLN A 124 5.96 4.37 36.67
N SER B 22 20.06 19.72 14.19
CA SER B 22 20.93 18.63 14.60
C SER B 22 20.69 17.37 13.76
N LEU B 23 20.09 16.36 14.36
CA LEU B 23 19.94 15.03 13.78
C LEU B 23 18.54 14.87 13.21
N PRO B 24 18.36 14.07 12.14
CA PRO B 24 17.06 14.02 11.47
C PRO B 24 15.98 13.29 12.24
N LEU B 25 14.77 13.28 11.67
CA LEU B 25 13.61 12.68 12.33
C LEU B 25 13.56 11.17 12.18
N ALA B 26 14.56 10.55 11.58
CA ALA B 26 14.66 9.09 11.61
C ALA B 26 15.09 8.58 12.97
N ALA B 27 15.56 9.46 13.86
CA ALA B 27 15.85 9.07 15.23
C ALA B 27 14.58 8.76 16.00
N LEU B 28 13.47 9.37 15.60
CA LEU B 28 12.21 9.18 16.31
C LEU B 28 11.56 7.90 15.83
N ASN B 29 11.55 6.87 16.67
CA ASN B 29 10.99 5.57 16.33
C ASN B 29 9.48 5.55 16.46
N MET B 30 8.88 4.36 16.47
CA MET B 30 7.43 4.23 16.46
C MET B 30 6.75 4.61 17.77
N ARG B 31 7.41 4.48 18.92
CA ARG B 31 6.69 4.74 20.18
C ARG B 31 6.49 6.23 20.41
N VAL B 32 7.51 7.05 20.17
CA VAL B 32 7.37 8.50 20.24
C VAL B 32 6.45 9.03 19.17
N ARG B 33 6.56 8.53 17.95
CA ARG B 33 5.75 8.98 16.83
C ARG B 33 4.28 8.60 16.98
N ARG B 34 3.96 7.60 17.80
CA ARG B 34 2.58 7.35 18.19
C ARG B 34 2.10 8.25 19.30
N ARG B 35 2.98 8.61 20.24
CA ARG B 35 2.57 9.47 21.35
C ARG B 35 2.41 10.92 20.90
N LEU B 36 3.21 11.38 19.94
CA LEU B 36 2.91 12.65 19.29
C LEU B 36 1.60 12.60 18.53
N SER B 37 1.25 11.45 17.96
CA SER B 37 0.02 11.36 17.19
C SER B 37 -1.20 11.45 18.10
N LEU B 38 -1.12 10.88 19.31
CA LEU B 38 -2.27 10.91 20.22
C LEU B 38 -2.60 12.33 20.67
N PHE B 39 -1.58 13.17 20.84
CA PHE B 39 -1.83 14.55 21.21
C PHE B 39 -2.22 15.39 20.00
N LEU B 40 -1.54 15.19 18.88
CA LEU B 40 -1.60 16.20 17.83
C LEU B 40 -2.72 15.99 16.83
N ASN B 41 -3.22 14.77 16.64
CA ASN B 41 -4.30 14.63 15.67
C ASN B 41 -5.68 14.66 16.30
N VAL B 42 -5.78 15.01 17.58
CA VAL B 42 -7.06 15.42 18.15
C VAL B 42 -7.41 16.75 17.50
N ARG B 43 -8.35 16.71 16.58
CA ARG B 43 -8.58 17.84 15.69
C ARG B 43 -9.51 18.85 16.36
N THR B 44 -8.97 20.00 16.72
CA THR B 44 -9.74 21.06 17.35
C THR B 44 -9.76 22.28 16.45
N GLN B 45 -10.86 23.02 16.52
CA GLN B 45 -11.09 24.21 15.72
C GLN B 45 -10.49 25.45 16.37
N VAL B 46 -10.18 25.38 17.66
CA VAL B 46 -9.78 26.54 18.45
C VAL B 46 -8.28 26.54 18.68
N ALA B 47 -7.75 25.45 19.20
CA ALA B 47 -6.35 25.37 19.61
C ALA B 47 -5.47 24.88 18.47
N ALA B 48 -4.24 24.50 18.80
CA ALA B 48 -3.22 24.11 17.83
C ALA B 48 -3.11 22.60 17.77
N ASP B 49 -3.82 22.00 16.82
CA ASP B 49 -3.69 20.59 16.50
C ASP B 49 -2.57 20.44 15.46
N TRP B 50 -2.53 19.29 14.76
CA TRP B 50 -1.47 19.03 13.79
C TRP B 50 -1.52 19.96 12.59
N THR B 51 -2.66 20.60 12.30
CA THR B 51 -2.73 21.48 11.14
C THR B 51 -2.01 22.81 11.39
N ALA B 52 -2.02 23.29 12.63
CA ALA B 52 -1.22 24.45 12.96
C ALA B 52 0.28 24.14 12.85
N LEU B 53 0.67 22.94 13.27
CA LEU B 53 2.04 22.49 13.11
C LEU B 53 2.40 22.34 11.64
N ALA B 54 1.47 21.82 10.84
CA ALA B 54 1.70 21.67 9.41
C ALA B 54 1.82 23.01 8.71
N GLU B 55 1.08 24.02 9.18
CA GLU B 55 1.27 25.35 8.65
C GLU B 55 2.59 25.96 9.06
N GLU B 56 3.06 25.68 10.28
CA GLU B 56 4.34 26.20 10.73
C GLU B 56 5.53 25.56 10.02
N MET B 57 5.31 24.44 9.33
CA MET B 57 6.36 23.77 8.57
C MET B 57 6.24 24.03 7.08
N ASP B 58 5.62 25.17 6.71
CA ASP B 58 5.59 25.71 5.35
C ASP B 58 4.91 24.77 4.36
N PHE B 59 3.87 24.08 4.81
CA PHE B 59 3.05 23.30 3.90
C PHE B 59 1.93 24.16 3.33
N GLU B 60 1.61 23.91 2.07
CA GLU B 60 0.48 24.53 1.38
C GLU B 60 -0.81 24.01 1.98
N TYR B 61 -1.90 24.76 1.77
CA TYR B 61 -3.21 24.33 2.26
C TYR B 61 -3.66 23.03 1.63
N LEU B 62 -3.36 22.84 0.34
CA LEU B 62 -3.78 21.61 -0.33
C LEU B 62 -2.97 20.41 0.15
N GLU B 63 -1.74 20.61 0.60
CA GLU B 63 -0.97 19.53 1.19
C GLU B 63 -1.59 19.07 2.51
N ILE B 64 -1.94 20.03 3.37
CA ILE B 64 -2.58 19.75 4.65
C ILE B 64 -3.94 19.11 4.43
N ARG B 65 -4.67 19.57 3.42
CA ARG B 65 -5.96 19.03 3.07
C ARG B 65 -5.84 17.61 2.53
N GLN B 66 -4.74 17.28 1.87
CA GLN B 66 -4.48 15.91 1.45
C GLN B 66 -4.09 15.03 2.63
N LEU B 67 -3.36 15.60 3.60
CA LEU B 67 -2.98 14.82 4.78
C LEU B 67 -4.16 14.57 5.71
N GLU B 68 -5.20 15.40 5.64
CA GLU B 68 -6.39 15.18 6.47
C GLU B 68 -7.12 13.89 6.10
N THR B 69 -6.99 13.43 4.85
CA THR B 69 -7.81 12.33 4.37
C THR B 69 -7.36 11.00 4.97
N GLN B 70 -6.06 10.74 4.95
CA GLN B 70 -5.57 9.46 5.42
C GLN B 70 -5.43 9.45 6.94
N ALA B 71 -5.55 8.26 7.51
CA ALA B 71 -5.48 8.09 8.96
C ALA B 71 -4.06 8.30 9.46
N ASP B 72 -3.95 8.65 10.73
CA ASP B 72 -2.76 9.18 11.41
C ASP B 72 -2.16 10.32 10.60
N PRO B 73 -2.78 11.50 10.58
CA PRO B 73 -2.21 12.59 9.79
C PRO B 73 -0.95 13.18 10.39
N THR B 74 -0.71 13.01 11.68
CA THR B 74 0.53 13.46 12.29
C THR B 74 1.71 12.61 11.84
N GLY B 75 1.51 11.30 11.73
CA GLY B 75 2.58 10.44 11.26
C GLY B 75 2.91 10.67 9.80
N ARG B 76 1.89 10.88 8.97
CA ARG B 76 2.15 11.20 7.57
C ARG B 76 2.69 12.61 7.40
N LEU B 77 2.37 13.49 8.34
CA LEU B 77 2.96 14.82 8.37
C LEU B 77 4.44 14.76 8.70
N LEU B 78 4.83 13.93 9.67
CA LEU B 78 6.24 13.75 9.97
C LEU B 78 6.98 13.00 8.88
N ASP B 79 6.30 12.11 8.16
CA ASP B 79 6.93 11.44 7.03
C ASP B 79 7.12 12.40 5.87
N ALA B 80 6.18 13.31 5.65
CA ALA B 80 6.34 14.29 4.59
C ALA B 80 7.31 15.39 4.99
N TRP B 81 7.59 15.53 6.26
CA TRP B 81 8.58 16.49 6.72
C TRP B 81 9.91 15.82 7.01
N GLN B 82 10.10 14.56 6.59
CA GLN B 82 11.42 13.94 6.63
C GLN B 82 12.39 14.70 5.75
N GLY B 83 12.17 14.68 4.44
CA GLY B 83 13.04 15.39 3.54
C GLY B 83 12.50 16.76 3.21
N ARG B 84 12.94 17.74 3.99
CA ARG B 84 12.63 19.16 3.84
C ARG B 84 13.89 19.89 4.29
N PRO B 85 14.16 21.08 3.73
CA PRO B 85 15.48 21.70 3.97
C PRO B 85 15.73 22.15 5.40
N GLY B 86 14.71 22.30 6.22
CA GLY B 86 14.96 22.72 7.58
C GLY B 86 14.70 21.70 8.66
N ALA B 87 14.43 20.45 8.29
CA ALA B 87 13.90 19.49 9.24
C ALA B 87 14.98 18.91 10.14
N SER B 88 14.69 18.86 11.44
CA SER B 88 15.53 18.18 12.42
C SER B 88 14.66 17.89 13.64
N VAL B 89 15.28 17.29 14.66
CA VAL B 89 14.55 17.00 15.89
C VAL B 89 14.39 18.27 16.72
N GLY B 90 15.45 19.06 16.83
CA GLY B 90 15.39 20.31 17.56
C GLY B 90 14.49 21.35 16.92
N ARG B 91 14.39 21.34 15.60
CA ARG B 91 13.42 22.19 14.92
C ARG B 91 11.99 21.79 15.25
N LEU B 92 11.73 20.49 15.37
CA LEU B 92 10.42 20.02 15.80
C LEU B 92 10.13 20.42 17.24
N LEU B 93 11.13 20.32 18.11
CA LEU B 93 10.93 20.68 19.51
C LEU B 93 10.75 22.17 19.70
N GLU B 94 11.30 23.00 18.82
CA GLU B 94 11.08 24.44 18.95
C GLU B 94 9.84 24.90 18.20
N LEU B 95 9.38 24.16 17.19
CA LEU B 95 8.08 24.47 16.60
C LEU B 95 6.94 24.04 17.49
N LEU B 96 7.11 22.99 18.30
CA LEU B 96 6.10 22.66 19.27
C LEU B 96 6.09 23.63 20.46
N THR B 97 7.18 24.38 20.65
CA THR B 97 7.19 25.44 21.64
C THR B 97 6.58 26.73 21.07
N LYS B 98 6.82 26.98 19.78
CA LYS B 98 6.25 28.15 19.11
C LYS B 98 4.74 28.06 19.04
N LEU B 99 4.19 26.85 18.92
CA LEU B 99 2.75 26.68 19.01
C LEU B 99 2.24 26.77 20.44
N GLY B 100 3.12 26.82 21.42
CA GLY B 100 2.72 26.90 22.81
C GLY B 100 2.28 25.60 23.42
N ARG B 101 2.23 24.52 22.65
CA ARG B 101 1.82 23.25 23.21
C ARG B 101 2.95 22.66 24.04
N ASP B 102 2.96 22.99 25.32
CA ASP B 102 3.87 22.39 26.29
C ASP B 102 3.30 21.12 26.89
N ASP B 103 2.14 20.68 26.39
CA ASP B 103 1.59 19.39 26.73
C ASP B 103 2.51 18.26 26.29
N VAL B 104 3.07 18.39 25.09
CA VAL B 104 3.87 17.30 24.54
C VAL B 104 5.31 17.32 25.01
N LEU B 105 5.89 18.48 25.32
CA LEU B 105 7.29 18.53 25.69
C LEU B 105 7.52 18.06 27.11
N LEU B 106 6.48 17.99 27.94
CA LEU B 106 6.63 17.51 29.29
C LEU B 106 6.51 16.00 29.37
N GLU B 107 5.80 15.38 28.44
CA GLU B 107 5.70 13.92 28.45
C GLU B 107 6.67 13.28 27.48
N LEU B 108 6.87 13.88 26.31
CA LEU B 108 7.86 13.42 25.35
C LEU B 108 9.20 14.12 25.51
N GLY B 109 9.48 14.62 26.70
CA GLY B 109 10.77 15.17 27.03
C GLY B 109 11.87 14.13 27.03
N PRO B 110 11.85 13.20 27.98
CA PRO B 110 12.94 12.21 28.05
C PRO B 110 12.90 11.17 26.95
N SER B 111 11.74 10.89 26.35
CA SER B 111 11.66 9.85 25.33
C SER B 111 12.34 10.26 24.03
N ILE B 112 12.22 11.53 23.64
CA ILE B 112 12.89 12.00 22.43
C ILE B 112 14.41 12.02 22.62
N GLU B 113 14.88 12.37 23.82
CA GLU B 113 16.32 12.27 24.09
C GLU B 113 16.80 10.82 24.15
N GLU B 114 15.97 9.93 24.68
CA GLU B 114 16.34 8.52 24.78
C GLU B 114 16.38 7.86 23.41
N ASP B 115 15.58 8.32 22.46
CA ASP B 115 15.67 7.84 21.09
C ASP B 115 16.64 8.62 20.23
N CYS B 116 17.08 9.79 20.69
CA CYS B 116 18.23 10.45 20.09
C CYS B 116 19.52 9.70 20.40
N GLN B 117 19.72 9.37 21.67
CA GLN B 117 20.92 8.66 22.09
C GLN B 117 21.00 7.25 21.56
N LYS B 118 19.86 6.62 21.26
CA LYS B 118 19.87 5.31 20.64
C LYS B 118 20.28 5.38 19.17
N TYR B 119 19.87 6.44 18.47
CA TYR B 119 20.27 6.63 17.08
C TYR B 119 21.74 6.98 16.99
N ILE B 120 22.24 7.75 17.96
CA ILE B 120 23.66 8.09 17.99
C ILE B 120 24.50 6.84 18.26
N LEU B 121 24.04 5.98 19.16
CA LEU B 121 24.74 4.74 19.45
C LEU B 121 24.65 3.75 18.30
N LYS B 122 23.58 3.84 17.49
CA LYS B 122 23.54 3.04 16.29
C LYS B 122 24.51 3.56 15.24
N GLN B 123 24.71 4.88 15.16
CA GLN B 123 25.79 5.42 14.33
C GLN B 123 27.17 5.20 14.91
N GLN B 124 27.26 4.83 16.19
CA GLN B 124 28.50 4.60 16.94
C GLN B 124 29.44 5.79 16.91
N SER C 22 -11.20 -17.16 29.13
CA SER C 22 -11.26 -18.37 28.33
C SER C 22 -10.56 -18.17 26.98
N LEU C 23 -11.35 -18.10 25.91
CA LEU C 23 -10.85 -18.10 24.54
C LEU C 23 -10.83 -16.67 24.00
N PRO C 24 -9.91 -16.35 23.08
CA PRO C 24 -9.75 -14.95 22.68
C PRO C 24 -10.87 -14.43 21.78
N LEU C 25 -10.78 -13.16 21.42
CA LEU C 25 -11.81 -12.50 20.63
C LEU C 25 -11.69 -12.78 19.14
N ALA C 26 -10.76 -13.63 18.73
CA ALA C 26 -10.75 -14.10 17.34
C ALA C 26 -11.86 -15.10 17.07
N ALA C 27 -12.50 -15.61 18.12
CA ALA C 27 -13.68 -16.46 17.93
C ALA C 27 -14.86 -15.67 17.41
N LEU C 28 -14.90 -14.37 17.69
CA LEU C 28 -16.02 -13.54 17.27
C LEU C 28 -15.80 -13.10 15.83
N ASN C 29 -16.60 -13.67 14.91
CA ASN C 29 -16.47 -13.36 13.50
C ASN C 29 -17.16 -12.06 13.12
N MET C 30 -17.37 -11.82 11.83
CA MET C 30 -17.89 -10.55 11.35
C MET C 30 -19.36 -10.30 11.69
N ARG C 31 -20.20 -11.33 11.82
CA ARG C 31 -21.62 -11.08 12.02
C ARG C 31 -21.92 -10.60 13.43
N VAL C 32 -21.32 -11.23 14.44
CA VAL C 32 -21.45 -10.76 15.81
C VAL C 32 -20.79 -9.41 16.02
N ARG C 33 -19.61 -9.20 15.45
CA ARG C 33 -18.87 -7.97 15.59
C ARG C 33 -19.55 -6.79 14.87
N ARG C 34 -20.43 -7.04 13.91
CA ARG C 34 -21.29 -6.01 13.37
C ARG C 34 -22.51 -5.74 14.24
N ARG C 35 -23.05 -6.76 14.88
CA ARG C 35 -24.23 -6.58 15.70
C ARG C 35 -23.89 -5.91 17.03
N LEU C 36 -22.70 -6.17 17.59
CA LEU C 36 -22.20 -5.34 18.68
C LEU C 36 -21.98 -3.91 18.25
N SER C 37 -21.57 -3.69 17.01
CA SER C 37 -21.31 -2.33 16.55
C SER C 37 -22.59 -1.53 16.43
N LEU C 38 -23.70 -2.17 16.02
CA LEU C 38 -24.96 -1.46 15.86
C LEU C 38 -25.50 -0.96 17.19
N PHE C 39 -25.30 -1.72 18.25
CA PHE C 39 -25.73 -1.27 19.57
C PHE C 39 -24.75 -0.28 20.16
N LEU C 40 -23.46 -0.55 20.04
CA LEU C 40 -22.51 0.13 20.92
C LEU C 40 -21.99 1.45 20.35
N ASN C 41 -21.99 1.66 19.04
CA ASN C 41 -21.48 2.93 18.55
C ASN C 41 -22.57 3.96 18.31
N VAL C 42 -23.80 3.68 18.75
CA VAL C 42 -24.80 4.73 18.89
C VAL C 42 -24.33 5.61 20.03
N ARG C 43 -23.82 6.79 19.69
CA ARG C 43 -23.08 7.59 20.64
C ARG C 43 -24.04 8.45 21.44
N THR C 44 -24.18 8.12 22.72
CA THR C 44 -25.05 8.86 23.63
C THR C 44 -24.22 9.52 24.72
N GLN C 45 -24.70 10.68 25.17
CA GLN C 45 -24.04 11.47 26.20
C GLN C 45 -24.43 11.01 27.60
N VAL C 46 -25.52 10.26 27.73
CA VAL C 46 -26.10 9.91 29.01
C VAL C 46 -25.77 8.48 29.40
N ALA C 47 -26.05 7.53 28.51
CA ALA C 47 -25.93 6.12 28.81
C ALA C 47 -24.54 5.60 28.43
N ALA C 48 -24.41 4.28 28.39
CA ALA C 48 -23.13 3.62 28.17
C ALA C 48 -23.04 3.15 26.73
N ASP C 49 -22.40 3.96 25.90
CA ASP C 49 -22.05 3.60 24.54
C ASP C 49 -20.67 2.94 24.56
N TRP C 50 -20.01 2.85 23.41
CA TRP C 50 -18.72 2.18 23.31
C TRP C 50 -17.61 2.89 24.09
N THR C 51 -17.77 4.17 24.41
CA THR C 51 -16.72 4.86 25.14
C THR C 51 -16.69 4.48 26.61
N ALA C 52 -17.85 4.16 27.19
CA ALA C 52 -17.86 3.61 28.54
C ALA C 52 -17.21 2.24 28.58
N LEU C 53 -17.46 1.43 27.55
CA LEU C 53 -16.80 0.14 27.43
C LEU C 53 -15.30 0.29 27.23
N ALA C 54 -14.90 1.28 26.45
CA ALA C 54 -13.48 1.54 26.22
C ALA C 54 -12.80 2.03 27.49
N GLU C 55 -13.50 2.78 28.33
CA GLU C 55 -12.93 3.15 29.61
C GLU C 55 -12.84 1.95 30.55
N GLU C 56 -13.82 1.04 30.50
CA GLU C 56 -13.76 -0.15 31.36
C GLU C 56 -12.66 -1.12 30.95
N MET C 57 -12.09 -0.98 29.75
CA MET C 57 -11.00 -1.81 29.29
C MET C 57 -9.66 -1.11 29.39
N ASP C 58 -9.54 -0.13 30.29
CA ASP C 58 -8.29 0.51 30.68
C ASP C 58 -7.61 1.23 29.53
N PHE C 59 -8.41 1.84 28.66
CA PHE C 59 -7.87 2.70 27.62
C PHE C 59 -7.75 4.13 28.13
N GLU C 60 -6.69 4.80 27.70
CA GLU C 60 -6.46 6.21 27.97
C GLU C 60 -7.49 7.04 27.21
N TYR C 61 -7.70 8.28 27.65
CA TYR C 61 -8.64 9.18 26.98
C TYR C 61 -8.20 9.47 25.55
N LEU C 62 -6.90 9.61 25.32
CA LEU C 62 -6.43 9.91 23.98
C LEU C 62 -6.57 8.72 23.05
N GLU C 63 -6.54 7.49 23.58
CA GLU C 63 -6.81 6.32 22.76
C GLU C 63 -8.26 6.28 22.30
N ILE C 64 -9.19 6.55 23.22
CA ILE C 64 -10.62 6.60 22.91
C ILE C 64 -10.91 7.73 21.95
N ARG C 65 -10.23 8.86 22.13
CA ARG C 65 -10.38 10.01 21.27
C ARG C 65 -9.83 9.74 19.88
N GLN C 66 -8.81 8.89 19.77
CA GLN C 66 -8.32 8.45 18.46
C GLN C 66 -9.28 7.46 17.81
N LEU C 67 -9.91 6.61 18.61
CA LEU C 67 -10.87 5.65 18.06
C LEU C 67 -12.16 6.32 17.63
N GLU C 68 -12.49 7.50 18.17
CA GLU C 68 -13.68 8.22 17.75
C GLU C 68 -13.61 8.66 16.29
N THR C 69 -12.40 8.89 15.78
CA THR C 69 -12.23 9.51 14.47
C THR C 69 -12.64 8.56 13.35
N GLN C 70 -12.14 7.33 13.40
CA GLN C 70 -12.40 6.39 12.32
C GLN C 70 -13.75 5.72 12.49
N ALA C 71 -14.33 5.33 11.35
CA ALA C 71 -15.64 4.71 11.34
C ALA C 71 -15.59 3.31 11.93
N ASP C 72 -16.75 2.84 12.41
CA ASP C 72 -16.93 1.67 13.25
C ASP C 72 -15.97 1.72 14.43
N PRO C 73 -16.18 2.57 15.43
CA PRO C 73 -15.24 2.62 16.56
C PRO C 73 -15.34 1.43 17.47
N THR C 74 -16.45 0.71 17.47
CA THR C 74 -16.56 -0.51 18.27
C THR C 74 -15.71 -1.63 17.68
N GLY C 75 -15.68 -1.74 16.36
CA GLY C 75 -14.85 -2.76 15.74
C GLY C 75 -13.37 -2.49 15.91
N ARG C 76 -12.96 -1.23 15.80
CA ARG C 76 -11.57 -0.87 16.04
C ARG C 76 -11.23 -0.94 17.51
N LEU C 77 -12.22 -0.76 18.37
CA LEU C 77 -12.04 -0.97 19.80
C LEU C 77 -11.79 -2.43 20.13
N LEU C 78 -12.55 -3.34 19.50
CA LEU C 78 -12.32 -4.75 19.70
C LEU C 78 -11.03 -5.23 19.04
N ASP C 79 -10.61 -4.59 17.96
CA ASP C 79 -9.32 -4.92 17.36
C ASP C 79 -8.18 -4.44 18.23
N ALA C 80 -8.32 -3.28 18.86
CA ALA C 80 -7.28 -2.80 19.76
C ALA C 80 -7.29 -3.53 21.08
N TRP C 81 -8.38 -4.20 21.40
CA TRP C 81 -8.44 -5.01 22.60
C TRP C 81 -8.23 -6.49 22.30
N GLN C 82 -7.77 -6.82 21.09
CA GLN C 82 -7.32 -8.18 20.81
C GLN C 82 -6.14 -8.55 21.70
N GLY C 83 -5.01 -7.88 21.50
CA GLY C 83 -3.86 -8.18 22.31
C GLY C 83 -3.74 -7.23 23.49
N ARG C 84 -4.31 -7.64 24.61
CA ARG C 84 -4.29 -6.96 25.90
C ARG C 84 -4.25 -8.06 26.93
N PRO C 85 -3.63 -7.80 28.10
CA PRO C 85 -3.37 -8.91 29.04
C PRO C 85 -4.61 -9.54 29.66
N GLY C 86 -5.75 -8.87 29.64
CA GLY C 86 -6.93 -9.47 30.23
C GLY C 86 -8.02 -9.88 29.27
N ALA C 87 -7.78 -9.83 27.97
CA ALA C 87 -8.86 -9.93 27.00
C ALA C 87 -9.30 -11.37 26.79
N SER C 88 -10.62 -11.58 26.78
CA SER C 88 -11.22 -12.84 26.41
C SER C 88 -12.66 -12.58 26.03
N VAL C 89 -13.38 -13.65 25.69
CA VAL C 89 -14.79 -13.49 25.35
C VAL C 89 -15.63 -13.33 26.62
N GLY C 90 -15.35 -14.13 27.65
CA GLY C 90 -16.05 -14.01 28.91
C GLY C 90 -15.79 -12.71 29.63
N ARG C 91 -14.59 -12.14 29.48
CA ARG C 91 -14.32 -10.82 30.01
C ARG C 91 -15.15 -9.75 29.32
N LEU C 92 -15.35 -9.89 28.01
CA LEU C 92 -16.23 -8.98 27.28
C LEU C 92 -17.68 -9.13 27.73
N LEU C 93 -18.12 -10.37 27.96
CA LEU C 93 -19.50 -10.59 28.37
C LEU C 93 -19.75 -10.12 29.79
N GLU C 94 -18.73 -10.10 30.65
CA GLU C 94 -18.93 -9.56 31.98
C GLU C 94 -18.70 -8.07 32.08
N LEU C 95 -17.91 -7.48 31.16
CA LEU C 95 -17.84 -6.03 31.09
C LEU C 95 -19.10 -5.43 30.49
N LEU C 96 -19.77 -6.14 29.60
CA LEU C 96 -21.06 -5.65 29.12
C LEU C 96 -22.15 -5.83 30.16
N THR C 97 -21.95 -6.67 31.16
CA THR C 97 -22.87 -6.76 32.29
C THR C 97 -22.56 -5.70 33.32
N LYS C 98 -21.28 -5.39 33.51
CA LYS C 98 -20.86 -4.34 34.45
C LYS C 98 -21.35 -2.97 33.99
N LEU C 99 -21.44 -2.75 32.69
CA LEU C 99 -22.05 -1.52 32.19
C LEU C 99 -23.57 -1.55 32.28
N GLY C 100 -24.16 -2.68 32.62
CA GLY C 100 -25.59 -2.79 32.74
C GLY C 100 -26.32 -2.94 31.43
N ARG C 101 -25.62 -2.90 30.30
CA ARG C 101 -26.29 -3.06 29.02
C ARG C 101 -26.64 -4.52 28.80
N ASP C 102 -27.84 -4.90 29.23
CA ASP C 102 -28.39 -6.21 28.96
C ASP C 102 -29.16 -6.23 27.65
N ASP C 103 -29.11 -5.13 26.91
CA ASP C 103 -29.64 -5.08 25.55
C ASP C 103 -28.88 -6.04 24.65
N VAL C 104 -27.56 -6.09 24.79
CA VAL C 104 -26.75 -6.88 23.88
C VAL C 104 -26.67 -8.34 24.29
N LEU C 105 -26.74 -8.67 25.58
CA LEU C 105 -26.57 -10.06 25.98
C LEU C 105 -27.82 -10.90 25.72
N LEU C 106 -28.96 -10.26 25.48
CA LEU C 106 -30.17 -11.01 25.17
C LEU C 106 -30.28 -11.31 23.69
N GLU C 107 -29.67 -10.49 22.84
CA GLU C 107 -29.72 -10.78 21.41
C GLU C 107 -28.45 -11.47 20.93
N LEU C 108 -27.29 -11.08 21.45
CA LEU C 108 -26.04 -11.75 21.14
C LEU C 108 -25.70 -12.83 22.16
N GLY C 109 -26.71 -13.37 22.81
CA GLY C 109 -26.54 -14.51 23.69
C GLY C 109 -26.13 -15.77 22.95
N PRO C 110 -27.02 -16.32 22.12
CA PRO C 110 -26.69 -17.59 21.44
C PRO C 110 -25.67 -17.43 20.32
N SER C 111 -25.54 -16.25 19.71
CA SER C 111 -24.61 -16.07 18.60
C SER C 111 -23.16 -16.12 19.04
N ILE C 112 -22.84 -15.56 20.21
CA ILE C 112 -21.47 -15.60 20.72
C ILE C 112 -21.09 -17.02 21.11
N GLU C 113 -22.03 -17.80 21.67
CA GLU C 113 -21.76 -19.20 21.94
C GLU C 113 -21.63 -20.02 20.66
N GLU C 114 -22.43 -19.70 19.65
CA GLU C 114 -22.39 -20.42 18.38
C GLU C 114 -21.09 -20.15 17.63
N ASP C 115 -20.51 -18.96 17.81
CA ASP C 115 -19.20 -18.68 17.22
C ASP C 115 -18.05 -19.06 18.14
N CYS C 116 -18.32 -19.32 19.41
CA CYS C 116 -17.34 -19.96 20.27
C CYS C 116 -17.15 -21.42 19.88
N GLN C 117 -18.26 -22.15 19.73
CA GLN C 117 -18.21 -23.56 19.38
C GLN C 117 -17.68 -23.80 17.97
N LYS C 118 -17.81 -22.83 17.07
CA LYS C 118 -17.23 -22.94 15.74
C LYS C 118 -15.72 -22.78 15.77
N TYR C 119 -15.23 -21.89 16.64
CA TYR C 119 -13.78 -21.71 16.79
C TYR C 119 -13.15 -22.92 17.48
N ILE C 120 -13.88 -23.51 18.43
CA ILE C 120 -13.40 -24.72 19.10
C ILE C 120 -13.32 -25.88 18.11
N LEU C 121 -14.35 -26.00 17.26
CA LEU C 121 -14.35 -27.06 16.25
C LEU C 121 -13.30 -26.82 15.16
N LYS C 122 -12.94 -25.55 14.93
CA LYS C 122 -11.83 -25.29 14.03
C LYS C 122 -10.50 -25.65 14.67
N GLN C 123 -10.36 -25.47 15.99
CA GLN C 123 -9.20 -26.00 16.69
C GLN C 123 -9.23 -27.51 16.87
N GLN C 124 -10.39 -28.15 16.63
CA GLN C 124 -10.63 -29.59 16.78
C GLN C 124 -10.26 -30.12 18.16
N SER D 22 -36.55 -3.76 -12.49
CA SER D 22 -35.81 -3.73 -13.74
C SER D 22 -34.31 -3.81 -13.52
N LEU D 23 -33.61 -2.70 -13.73
CA LEU D 23 -32.16 -2.66 -13.73
C LEU D 23 -31.65 -2.11 -12.40
N PRO D 24 -30.45 -2.52 -11.95
CA PRO D 24 -30.02 -2.16 -10.59
C PRO D 24 -29.60 -0.71 -10.44
N LEU D 25 -29.25 -0.32 -9.22
CA LEU D 25 -28.92 1.06 -8.90
C LEU D 25 -27.48 1.42 -9.27
N ALA D 26 -26.74 0.52 -9.92
CA ALA D 26 -25.46 0.90 -10.49
C ALA D 26 -25.63 1.73 -11.75
N ALA D 27 -26.83 1.80 -12.30
CA ALA D 27 -27.09 2.71 -13.42
C ALA D 27 -27.05 4.16 -12.98
N LEU D 28 -27.34 4.42 -11.71
CA LEU D 28 -27.37 5.78 -11.20
C LEU D 28 -25.95 6.23 -10.86
N ASN D 29 -25.40 7.12 -11.67
CA ASN D 29 -24.04 7.60 -11.48
C ASN D 29 -23.96 8.68 -10.42
N MET D 30 -22.84 9.41 -10.36
CA MET D 30 -22.60 10.37 -9.30
C MET D 30 -23.46 11.63 -9.37
N ARG D 31 -23.89 12.07 -10.56
CA ARG D 31 -24.61 13.34 -10.63
C ARG D 31 -26.03 13.21 -10.11
N VAL D 32 -26.75 12.15 -10.48
CA VAL D 32 -28.07 11.88 -9.93
C VAL D 32 -28.02 11.56 -8.45
N ARG D 33 -27.05 10.77 -8.02
CA ARG D 33 -26.91 10.37 -6.64
C ARG D 33 -26.51 11.53 -5.73
N ARG D 34 -25.94 12.61 -6.28
CA ARG D 34 -25.78 13.84 -5.52
C ARG D 34 -27.03 14.68 -5.47
N ARG D 35 -27.83 14.68 -6.54
CA ARG D 35 -29.04 15.48 -6.56
C ARG D 35 -30.13 14.86 -5.71
N LEU D 36 -30.20 13.53 -5.63
CA LEU D 36 -31.04 12.88 -4.62
C LEU D 36 -30.56 13.21 -3.20
N SER D 37 -29.26 13.35 -3.01
CA SER D 37 -28.74 13.64 -1.68
C SER D 37 -29.12 15.03 -1.23
N LEU D 38 -29.15 16.00 -2.14
CA LEU D 38 -29.47 17.38 -1.76
C LEU D 38 -30.91 17.51 -1.29
N PHE D 39 -31.81 16.73 -1.88
CA PHE D 39 -33.20 16.77 -1.43
C PHE D 39 -33.40 15.92 -0.18
N LEU D 40 -32.79 14.74 -0.14
CA LEU D 40 -33.26 13.74 0.81
C LEU D 40 -32.54 13.82 2.16
N ASN D 41 -31.32 14.35 2.24
CA ASN D 41 -30.69 14.39 3.55
C ASN D 41 -30.87 15.72 4.25
N VAL D 42 -31.74 16.59 3.73
CA VAL D 42 -32.26 17.70 4.53
C VAL D 42 -33.13 17.09 5.60
N ARG D 43 -32.64 17.05 6.83
CA ARG D 43 -33.25 16.24 7.87
C ARG D 43 -34.36 17.03 8.54
N THR D 44 -35.60 16.61 8.32
CA THR D 44 -36.75 17.25 8.90
C THR D 44 -37.47 16.27 9.84
N GLN D 45 -38.07 16.83 10.88
CA GLN D 45 -38.78 16.06 11.89
C GLN D 45 -40.22 15.80 11.49
N VAL D 46 -40.74 16.53 10.51
CA VAL D 46 -42.15 16.50 10.16
C VAL D 46 -42.38 15.69 8.88
N ALA D 47 -41.65 16.03 7.83
CA ALA D 47 -41.88 15.46 6.50
C ALA D 47 -41.01 14.22 6.30
N ALA D 48 -40.91 13.77 5.05
CA ALA D 48 -40.23 12.53 4.69
C ALA D 48 -38.85 12.86 4.13
N ASP D 49 -37.85 12.81 5.00
CA ASP D 49 -36.45 12.88 4.60
C ASP D 49 -35.96 11.48 4.29
N TRP D 50 -34.63 11.28 4.26
CA TRP D 50 -34.07 9.99 3.90
C TRP D 50 -34.36 8.90 4.92
N THR D 51 -34.73 9.25 6.16
CA THR D 51 -35.02 8.22 7.15
C THR D 51 -36.37 7.55 6.91
N ALA D 52 -37.34 8.30 6.38
CA ALA D 52 -38.59 7.68 5.97
C ALA D 52 -38.38 6.74 4.81
N LEU D 53 -37.52 7.13 3.86
CA LEU D 53 -37.15 6.26 2.76
C LEU D 53 -36.40 5.03 3.24
N ALA D 54 -35.52 5.20 4.24
CA ALA D 54 -34.79 4.08 4.80
C ALA D 54 -35.70 3.13 5.55
N GLU D 55 -36.76 3.64 6.17
CA GLU D 55 -37.73 2.76 6.78
C GLU D 55 -38.56 2.03 5.74
N GLU D 56 -38.88 2.69 4.62
CA GLU D 56 -39.64 2.03 3.57
C GLU D 56 -38.85 0.95 2.85
N MET D 57 -37.53 0.91 3.01
CA MET D 57 -36.68 -0.11 2.42
C MET D 57 -36.27 -1.18 3.42
N ASP D 58 -37.07 -1.36 4.48
CA ASP D 58 -36.97 -2.46 5.44
C ASP D 58 -35.65 -2.46 6.19
N PHE D 59 -35.14 -1.28 6.51
CA PHE D 59 -33.98 -1.16 7.38
C PHE D 59 -34.42 -1.10 8.83
N GLU D 60 -33.63 -1.72 9.69
CA GLU D 60 -33.80 -1.67 11.13
C GLU D 60 -33.49 -0.25 11.62
N TYR D 61 -33.99 0.08 12.82
CA TYR D 61 -33.72 1.40 13.40
C TYR D 61 -32.23 1.60 13.66
N LEU D 62 -31.53 0.56 14.09
CA LEU D 62 -30.11 0.69 14.36
C LEU D 62 -29.30 0.86 13.08
N GLU D 63 -29.77 0.33 11.96
CA GLU D 63 -29.10 0.57 10.68
C GLU D 63 -29.22 2.02 10.27
N ILE D 64 -30.42 2.59 10.39
CA ILE D 64 -30.67 4.00 10.07
C ILE D 64 -29.89 4.90 11.01
N ARG D 65 -29.82 4.51 12.27
CA ARG D 65 -29.07 5.25 13.27
C ARG D 65 -27.57 5.20 13.01
N GLN D 66 -27.09 4.10 12.43
CA GLN D 66 -25.69 4.03 12.00
C GLN D 66 -25.45 4.86 10.76
N LEU D 67 -26.43 4.93 9.85
CA LEU D 67 -26.27 5.74 8.65
C LEU D 67 -26.35 7.24 8.94
N GLU D 68 -26.99 7.62 10.06
CA GLU D 68 -27.04 9.03 10.43
C GLU D 68 -25.67 9.61 10.76
N THR D 69 -24.74 8.77 11.21
CA THR D 69 -23.47 9.26 11.73
C THR D 69 -22.57 9.78 10.62
N GLN D 70 -22.43 9.02 9.55
CA GLN D 70 -21.53 9.39 8.48
C GLN D 70 -22.18 10.38 7.53
N ALA D 71 -21.34 11.21 6.90
CA ALA D 71 -21.82 12.24 6.00
C ALA D 71 -22.34 11.62 4.71
N ASP D 72 -23.22 12.37 4.03
CA ASP D 72 -24.07 11.92 2.93
C ASP D 72 -24.80 10.65 3.30
N PRO D 73 -25.81 10.69 4.17
CA PRO D 73 -26.49 9.44 4.55
C PRO D 73 -27.38 8.89 3.45
N THR D 74 -27.79 9.71 2.48
CA THR D 74 -28.56 9.22 1.36
C THR D 74 -27.71 8.38 0.42
N GLY D 75 -26.46 8.80 0.20
CA GLY D 75 -25.57 8.03 -0.64
C GLY D 75 -25.17 6.70 -0.01
N ARG D 76 -24.92 6.71 1.29
CA ARG D 76 -24.62 5.47 1.99
C ARG D 76 -25.86 4.59 2.14
N LEU D 77 -27.03 5.21 2.15
CA LEU D 77 -28.29 4.48 2.13
C LEU D 77 -28.49 3.77 0.80
N LEU D 78 -28.19 4.46 -0.31
CA LEU D 78 -28.29 3.81 -1.61
C LEU D 78 -27.19 2.77 -1.82
N ASP D 79 -26.02 2.96 -1.21
CA ASP D 79 -24.99 1.94 -1.27
C ASP D 79 -25.36 0.71 -0.45
N ALA D 80 -26.01 0.91 0.68
CA ALA D 80 -26.44 -0.23 1.48
C ALA D 80 -27.69 -0.89 0.89
N TRP D 81 -28.38 -0.20 0.01
CA TRP D 81 -29.51 -0.78 -0.67
C TRP D 81 -29.15 -1.24 -2.08
N GLN D 82 -27.85 -1.30 -2.40
CA GLN D 82 -27.42 -1.94 -3.64
C GLN D 82 -27.80 -3.41 -3.64
N GLY D 83 -27.19 -4.18 -2.75
CA GLY D 83 -27.52 -5.60 -2.68
C GLY D 83 -28.56 -5.87 -1.63
N ARG D 84 -29.81 -5.87 -2.06
CA ARG D 84 -30.99 -6.20 -1.28
C ARG D 84 -31.95 -6.89 -2.24
N PRO D 85 -32.79 -7.81 -1.73
CA PRO D 85 -33.56 -8.66 -2.66
C PRO D 85 -34.60 -7.93 -3.51
N GLY D 86 -35.01 -6.73 -3.13
CA GLY D 86 -35.99 -6.05 -3.94
C GLY D 86 -35.51 -4.82 -4.69
N ALA D 87 -34.21 -4.56 -4.69
CA ALA D 87 -33.72 -3.26 -5.13
C ALA D 87 -33.68 -3.15 -6.65
N SER D 88 -34.17 -2.03 -7.17
CA SER D 88 -34.05 -1.67 -8.57
C SER D 88 -34.23 -0.17 -8.69
N VAL D 89 -34.19 0.33 -9.92
CA VAL D 89 -34.41 1.75 -10.14
C VAL D 89 -35.89 2.09 -10.06
N GLY D 90 -36.74 1.26 -10.68
CA GLY D 90 -38.17 1.46 -10.61
C GLY D 90 -38.75 1.29 -9.22
N ARG D 91 -38.17 0.41 -8.41
CA ARG D 91 -38.56 0.31 -7.01
C ARG D 91 -38.23 1.59 -6.24
N LEU D 92 -37.09 2.20 -6.55
CA LEU D 92 -36.76 3.48 -5.94
C LEU D 92 -37.71 4.57 -6.39
N LEU D 93 -38.07 4.58 -7.67
CA LEU D 93 -38.98 5.61 -8.17
C LEU D 93 -40.40 5.44 -7.65
N GLU D 94 -40.81 4.22 -7.31
CA GLU D 94 -42.13 4.05 -6.72
C GLU D 94 -42.13 4.19 -5.20
N LEU D 95 -40.99 3.96 -4.54
CA LEU D 95 -40.91 4.29 -3.12
C LEU D 95 -40.82 5.79 -2.89
N LEU D 96 -40.24 6.54 -3.83
CA LEU D 96 -40.28 7.99 -3.69
C LEU D 96 -41.67 8.55 -4.03
N THR D 97 -42.50 7.78 -4.71
CA THR D 97 -43.89 8.18 -4.91
C THR D 97 -44.74 7.79 -3.70
N LYS D 98 -44.43 6.65 -3.09
CA LYS D 98 -45.15 6.21 -1.90
C LYS D 98 -44.93 7.16 -0.72
N LEU D 99 -43.75 7.77 -0.65
CA LEU D 99 -43.51 8.81 0.34
C LEU D 99 -44.17 10.13 -0.04
N GLY D 100 -44.72 10.25 -1.24
CA GLY D 100 -45.35 11.46 -1.68
C GLY D 100 -44.41 12.56 -2.11
N ARG D 101 -43.11 12.34 -2.01
CA ARG D 101 -42.16 13.37 -2.43
C ARG D 101 -42.09 13.40 -3.95
N ASP D 102 -42.94 14.21 -4.57
CA ASP D 102 -42.88 14.48 -6.00
C ASP D 102 -41.96 15.64 -6.31
N ASP D 103 -41.26 16.15 -5.29
CA ASP D 103 -40.20 17.13 -5.50
C ASP D 103 -39.07 16.53 -6.33
N VAL D 104 -38.71 15.28 -6.05
CA VAL D 104 -37.56 14.68 -6.71
C VAL D 104 -37.89 14.09 -8.07
N LEU D 105 -39.12 13.60 -8.28
CA LEU D 105 -39.42 12.96 -9.55
C LEU D 105 -39.64 13.96 -10.68
N LEU D 106 -39.85 15.23 -10.36
CA LEU D 106 -40.02 16.23 -11.39
C LEU D 106 -38.68 16.79 -11.85
N GLU D 107 -37.66 16.77 -10.99
CA GLU D 107 -36.36 17.26 -11.40
C GLU D 107 -35.44 16.12 -11.83
N LEU D 108 -35.49 14.99 -11.12
CA LEU D 108 -34.73 13.81 -11.49
C LEU D 108 -35.54 12.86 -12.36
N GLY D 109 -36.53 13.39 -13.08
CA GLY D 109 -37.26 12.63 -14.06
C GLY D 109 -36.42 12.22 -15.24
N PRO D 110 -35.98 13.18 -16.07
CA PRO D 110 -35.21 12.81 -17.26
C PRO D 110 -33.80 12.33 -16.97
N SER D 111 -33.19 12.75 -15.85
CA SER D 111 -31.82 12.36 -15.57
C SER D 111 -31.68 10.89 -15.23
N ILE D 112 -32.64 10.32 -14.50
CA ILE D 112 -32.60 8.90 -14.18
C ILE D 112 -32.81 8.05 -15.44
N GLU D 113 -33.68 8.50 -16.35
CA GLU D 113 -33.82 7.80 -17.63
C GLU D 113 -32.59 7.94 -18.50
N GLU D 114 -31.95 9.11 -18.47
CA GLU D 114 -30.75 9.34 -19.27
C GLU D 114 -29.57 8.53 -18.77
N ASP D 115 -29.52 8.24 -17.47
CA ASP D 115 -28.50 7.35 -16.93
C ASP D 115 -28.91 5.89 -16.95
N CYS D 116 -30.20 5.59 -17.15
CA CYS D 116 -30.62 4.24 -17.46
C CYS D 116 -30.18 3.85 -18.86
N GLN D 117 -30.45 4.71 -19.84
CA GLN D 117 -30.09 4.45 -21.22
C GLN D 117 -28.59 4.42 -21.46
N LYS D 118 -27.81 5.11 -20.64
CA LYS D 118 -26.36 5.05 -20.74
C LYS D 118 -25.83 3.71 -20.21
N TYR D 119 -26.44 3.18 -19.16
CA TYR D 119 -26.05 1.89 -18.63
C TYR D 119 -26.44 0.76 -19.58
N ILE D 120 -27.60 0.91 -20.24
CA ILE D 120 -28.02 -0.07 -21.23
C ILE D 120 -27.08 -0.07 -22.43
N LEU D 121 -26.66 1.12 -22.87
CA LEU D 121 -25.73 1.22 -23.98
C LEU D 121 -24.34 0.75 -23.60
N LYS D 122 -23.99 0.84 -22.31
CA LYS D 122 -22.74 0.23 -21.88
C LYS D 122 -22.83 -1.29 -21.86
N GLN D 123 -23.99 -1.85 -21.52
CA GLN D 123 -24.22 -3.28 -21.70
C GLN D 123 -24.38 -3.69 -23.15
N GLN D 124 -24.59 -2.73 -24.06
CA GLN D 124 -24.81 -2.93 -25.50
C GLN D 124 -25.95 -3.91 -25.80
N SER E 22 -5.03 14.64 -29.41
CA SER E 22 -3.63 14.76 -29.79
C SER E 22 -2.79 13.62 -29.20
N LEU E 23 -1.96 13.95 -28.23
CA LEU E 23 -0.97 13.03 -27.67
C LEU E 23 -1.48 12.44 -26.36
N PRO E 24 -1.06 11.21 -26.01
CA PRO E 24 -1.67 10.55 -24.85
C PRO E 24 -1.24 11.11 -23.51
N LEU E 25 -1.80 10.55 -22.43
CA LEU E 25 -1.53 11.04 -21.08
C LEU E 25 -0.23 10.50 -20.50
N ALA E 26 0.55 9.76 -21.27
CA ALA E 26 1.90 9.41 -20.84
C ALA E 26 2.85 10.60 -20.93
N ALA E 27 2.44 11.68 -21.60
CA ALA E 27 3.23 12.90 -21.61
C ALA E 27 3.22 13.58 -20.23
N LEU E 28 2.17 13.35 -19.45
CA LEU E 28 2.04 13.98 -18.15
C LEU E 28 2.84 13.18 -17.12
N ASN E 29 3.96 13.74 -16.68
CA ASN E 29 4.82 13.07 -15.72
C ASN E 29 4.32 13.19 -14.30
N MET E 30 5.17 12.89 -13.32
CA MET E 30 4.75 12.84 -11.92
C MET E 30 4.46 14.21 -11.31
N ARG E 31 5.10 15.29 -11.76
CA ARG E 31 4.91 16.57 -11.07
C ARG E 31 3.56 17.18 -11.40
N VAL E 32 3.14 17.16 -12.66
CA VAL E 32 1.81 17.60 -13.04
C VAL E 32 0.72 16.70 -12.48
N ARG E 33 0.92 15.40 -12.51
CA ARG E 33 -0.04 14.44 -12.03
C ARG E 33 -0.21 14.48 -10.51
N ARG E 34 0.76 15.02 -9.78
CA ARG E 34 0.58 15.32 -8.36
C ARG E 34 -0.15 16.64 -8.14
N ARG E 35 0.07 17.63 -8.99
CA ARG E 35 -0.58 18.92 -8.82
C ARG E 35 -2.05 18.86 -9.23
N LEU E 36 -2.39 18.05 -10.23
CA LEU E 36 -3.80 17.75 -10.47
C LEU E 36 -4.43 17.00 -9.31
N SER E 37 -3.66 16.16 -8.63
CA SER E 37 -4.21 15.40 -7.52
C SER E 37 -4.53 16.29 -6.34
N LEU E 38 -3.71 17.31 -6.09
CA LEU E 38 -3.94 18.20 -4.96
C LEU E 38 -5.22 19.00 -5.11
N PHE E 39 -5.56 19.38 -6.33
CA PHE E 39 -6.80 20.09 -6.55
C PHE E 39 -7.99 19.14 -6.60
N LEU E 40 -7.84 18.01 -7.29
CA LEU E 40 -9.01 17.26 -7.69
C LEU E 40 -9.47 16.25 -6.66
N ASN E 41 -8.62 15.74 -5.78
CA ASN E 41 -9.12 14.76 -4.83
C ASN E 41 -9.50 15.38 -3.49
N VAL E 42 -9.54 16.71 -3.41
CA VAL E 42 -10.25 17.37 -2.32
C VAL E 42 -11.73 17.08 -2.52
N ARG E 43 -12.27 16.18 -1.71
CA ARG E 43 -13.58 15.61 -1.99
C ARG E 43 -14.67 16.51 -1.42
N THR E 44 -15.41 17.17 -2.30
CA THR E 44 -16.49 18.05 -1.91
C THR E 44 -17.82 17.49 -2.41
N GLN E 45 -18.87 17.75 -1.65
CA GLN E 45 -20.22 17.29 -1.93
C GLN E 45 -20.96 18.23 -2.87
N VAL E 46 -20.46 19.46 -3.01
CA VAL E 46 -21.17 20.51 -3.72
C VAL E 46 -20.57 20.74 -5.10
N ALA E 47 -19.25 20.96 -5.15
CA ALA E 47 -18.57 21.33 -6.38
C ALA E 47 -18.08 20.10 -7.14
N ALA E 48 -17.20 20.34 -8.11
CA ALA E 48 -16.71 19.30 -9.01
C ALA E 48 -15.32 18.86 -8.57
N ASP E 49 -15.28 17.78 -7.80
CA ASP E 49 -14.03 17.11 -7.45
C ASP E 49 -13.74 16.06 -8.52
N TRP E 50 -12.86 15.09 -8.22
CA TRP E 50 -12.47 14.09 -9.20
C TRP E 50 -13.61 13.16 -9.60
N THR E 51 -14.67 13.05 -8.81
CA THR E 51 -15.76 12.15 -9.16
C THR E 51 -16.63 12.73 -10.27
N ALA E 52 -16.77 14.05 -10.32
CA ALA E 52 -17.44 14.67 -11.46
C ALA E 52 -16.64 14.49 -12.74
N LEU E 53 -15.31 14.59 -12.64
CA LEU E 53 -14.44 14.31 -13.77
C LEU E 53 -14.51 12.85 -14.18
N ALA E 54 -14.59 11.94 -13.21
CA ALA E 54 -14.71 10.53 -13.51
C ALA E 54 -16.04 10.20 -14.16
N GLU E 55 -17.10 10.91 -13.80
CA GLU E 55 -18.36 10.73 -14.49
C GLU E 55 -18.31 11.29 -15.91
N GLU E 56 -17.59 12.41 -16.11
CA GLU E 56 -17.48 12.97 -17.46
C GLU E 56 -16.64 12.12 -18.39
N MET E 57 -15.87 11.17 -17.86
CA MET E 57 -15.07 10.26 -18.67
C MET E 57 -15.72 8.88 -18.79
N ASP E 58 -17.05 8.82 -18.66
CA ASP E 58 -17.87 7.64 -18.96
C ASP E 58 -17.51 6.44 -18.08
N PHE E 59 -17.18 6.70 -16.83
CA PHE E 59 -16.99 5.63 -15.87
C PHE E 59 -18.31 5.29 -15.19
N GLU E 60 -18.52 4.01 -14.93
CA GLU E 60 -19.65 3.51 -14.17
C GLU E 60 -19.51 3.96 -12.71
N TYR E 61 -20.65 3.95 -11.99
CA TYR E 61 -20.63 4.32 -10.58
C TYR E 61 -19.78 3.36 -9.76
N LEU E 62 -19.81 2.06 -10.09
CA LEU E 62 -19.01 1.11 -9.33
C LEU E 62 -17.53 1.25 -9.60
N GLU E 63 -17.14 1.75 -10.77
CA GLU E 63 -15.74 2.04 -11.04
C GLU E 63 -15.24 3.19 -10.19
N ILE E 64 -16.03 4.28 -10.11
CA ILE E 64 -15.71 5.43 -9.29
C ILE E 64 -15.68 5.06 -7.82
N ARG E 65 -16.61 4.20 -7.42
CA ARG E 65 -16.68 3.72 -6.05
C ARG E 65 -15.50 2.83 -5.70
N GLN E 66 -14.96 2.11 -6.68
CA GLN E 66 -13.73 1.35 -6.47
C GLN E 66 -12.52 2.27 -6.41
N LEU E 67 -12.53 3.35 -7.18
CA LEU E 67 -11.40 4.29 -7.15
C LEU E 67 -11.39 5.13 -5.88
N GLU E 68 -12.54 5.28 -5.21
CA GLU E 68 -12.59 6.01 -3.95
C GLU E 68 -11.78 5.33 -2.85
N THR E 69 -11.63 4.00 -2.93
CA THR E 69 -11.05 3.25 -1.82
C THR E 69 -9.55 3.49 -1.70
N GLN E 70 -8.84 3.41 -2.81
CA GLN E 70 -7.40 3.53 -2.77
C GLN E 70 -6.97 5.00 -2.76
N ALA E 71 -5.82 5.24 -2.16
CA ALA E 71 -5.29 6.59 -2.02
C ALA E 71 -4.83 7.12 -3.38
N ASP E 72 -4.80 8.45 -3.47
CA ASP E 72 -4.67 9.24 -4.70
C ASP E 72 -5.67 8.75 -5.75
N PRO E 73 -6.96 9.05 -5.60
CA PRO E 73 -7.93 8.56 -6.59
C PRO E 73 -7.85 9.28 -7.92
N THR E 74 -7.29 10.50 -7.95
CA THR E 74 -7.09 11.19 -9.21
C THR E 74 -6.00 10.55 -10.05
N GLY E 75 -4.92 10.10 -9.40
CA GLY E 75 -3.86 9.43 -10.13
C GLY E 75 -4.30 8.07 -10.67
N ARG E 76 -5.06 7.32 -9.88
CA ARG E 76 -5.59 6.06 -10.36
C ARG E 76 -6.69 6.26 -11.38
N LEU E 77 -7.39 7.39 -11.31
CA LEU E 77 -8.35 7.76 -12.33
C LEU E 77 -7.67 8.07 -13.66
N LEU E 78 -6.55 8.78 -13.62
CA LEU E 78 -5.79 9.04 -14.84
C LEU E 78 -5.10 7.79 -15.37
N ASP E 79 -4.72 6.86 -14.48
CA ASP E 79 -4.16 5.59 -14.93
C ASP E 79 -5.23 4.72 -15.57
N ALA E 80 -6.46 4.75 -15.03
CA ALA E 80 -7.52 3.97 -15.64
C ALA E 80 -8.06 4.63 -16.90
N TRP E 81 -7.78 5.91 -17.08
CA TRP E 81 -8.16 6.59 -18.31
C TRP E 81 -6.99 6.71 -19.28
N GLN E 82 -5.90 5.98 -19.04
CA GLN E 82 -4.85 5.86 -20.04
C GLN E 82 -5.38 5.20 -21.30
N GLY E 83 -5.75 3.93 -21.20
CA GLY E 83 -6.28 3.25 -22.36
C GLY E 83 -7.79 3.28 -22.39
N ARG E 84 -8.33 4.28 -23.06
CA ARG E 84 -9.74 4.50 -23.30
C ARG E 84 -9.83 5.12 -24.68
N PRO E 85 -10.93 4.89 -25.42
CA PRO E 85 -10.94 5.28 -26.84
C PRO E 85 -10.91 6.77 -27.10
N GLY E 86 -11.23 7.61 -26.13
CA GLY E 86 -11.19 9.03 -26.38
C GLY E 86 -10.10 9.81 -25.67
N ALA E 87 -9.17 9.14 -25.01
CA ALA E 87 -8.27 9.80 -24.08
C ALA E 87 -7.14 10.53 -24.79
N SER E 88 -6.90 11.76 -24.38
CA SER E 88 -5.75 12.54 -24.82
C SER E 88 -5.50 13.64 -23.79
N VAL E 89 -4.50 14.47 -24.06
CA VAL E 89 -4.22 15.59 -23.16
C VAL E 89 -5.21 16.72 -23.39
N GLY E 90 -5.50 17.03 -24.65
CA GLY E 90 -6.48 18.06 -24.97
C GLY E 90 -7.89 17.71 -24.56
N ARG E 91 -8.24 16.41 -24.59
CA ARG E 91 -9.53 15.98 -24.06
C ARG E 91 -9.62 16.21 -22.56
N LEU E 92 -8.51 15.98 -21.84
CA LEU E 92 -8.48 16.28 -20.41
C LEU E 92 -8.60 17.77 -20.15
N LEU E 93 -7.93 18.58 -20.96
CA LEU E 93 -7.99 20.03 -20.77
C LEU E 93 -9.35 20.61 -21.12
N GLU E 94 -10.11 19.97 -22.02
CA GLU E 94 -11.44 20.46 -22.30
C GLU E 94 -12.50 19.86 -21.38
N LEU E 95 -12.25 18.69 -20.79
CA LEU E 95 -13.14 18.19 -19.76
C LEU E 95 -12.97 18.96 -18.45
N LEU E 96 -11.77 19.46 -18.17
CA LEU E 96 -11.61 20.33 -17.00
C LEU E 96 -12.20 21.71 -17.24
N THR E 97 -12.43 22.09 -18.50
CA THR E 97 -13.14 23.32 -18.79
C THR E 97 -14.65 23.10 -18.74
N LYS E 98 -15.09 21.92 -19.18
CA LYS E 98 -16.52 21.57 -19.13
C LYS E 98 -17.03 21.48 -17.70
N LEU E 99 -16.16 21.05 -16.77
CA LEU E 99 -16.52 21.10 -15.36
C LEU E 99 -16.45 22.50 -14.78
N GLY E 100 -15.93 23.47 -15.53
CA GLY E 100 -15.83 24.82 -15.05
C GLY E 100 -14.68 25.08 -14.11
N ARG E 101 -13.91 24.06 -13.76
CA ARG E 101 -12.78 24.27 -12.87
C ARG E 101 -11.64 24.92 -13.63
N ASP E 102 -11.61 26.25 -13.64
CA ASP E 102 -10.51 27.02 -14.18
C ASP E 102 -9.45 27.28 -13.13
N ASP E 103 -9.60 26.68 -11.94
CA ASP E 103 -8.56 26.68 -10.93
C ASP E 103 -7.31 25.96 -11.44
N VAL E 104 -7.50 24.83 -12.12
CA VAL E 104 -6.37 24.01 -12.53
C VAL E 104 -5.74 24.49 -13.83
N LEU E 105 -6.50 25.08 -14.74
CA LEU E 105 -5.92 25.45 -16.02
C LEU E 105 -5.08 26.71 -15.94
N LEU E 106 -5.21 27.47 -14.87
CA LEU E 106 -4.39 28.67 -14.71
C LEU E 106 -3.06 28.36 -14.05
N GLU E 107 -2.99 27.29 -13.26
CA GLU E 107 -1.72 26.93 -12.64
C GLU E 107 -1.02 25.83 -13.41
N LEU E 108 -1.77 24.85 -13.92
CA LEU E 108 -1.21 23.80 -14.76
C LEU E 108 -1.31 24.14 -16.24
N GLY E 109 -1.37 25.42 -16.56
CA GLY E 109 -1.31 25.88 -17.93
C GLY E 109 0.03 25.61 -18.59
N PRO E 110 1.10 26.29 -18.14
CA PRO E 110 2.39 26.10 -18.79
C PRO E 110 3.06 24.77 -18.49
N SER E 111 2.74 24.12 -17.37
CA SER E 111 3.39 22.86 -17.02
C SER E 111 2.97 21.72 -17.92
N ILE E 112 1.69 21.66 -18.30
CA ILE E 112 1.22 20.62 -19.21
C ILE E 112 1.82 20.80 -20.61
N GLU E 113 1.96 22.05 -21.06
CA GLU E 113 2.65 22.29 -22.33
C GLU E 113 4.13 21.97 -22.25
N GLU E 114 4.77 22.26 -21.11
CA GLU E 114 6.18 21.99 -20.94
C GLU E 114 6.47 20.50 -20.88
N ASP E 115 5.52 19.71 -20.39
CA ASP E 115 5.67 18.25 -20.43
C ASP E 115 5.13 17.62 -21.70
N CYS E 116 4.35 18.37 -22.47
CA CYS E 116 4.02 17.96 -23.83
C CYS E 116 5.26 18.06 -24.74
N GLN E 117 5.93 19.21 -24.68
CA GLN E 117 7.11 19.44 -25.51
C GLN E 117 8.28 18.55 -25.13
N LYS E 118 8.35 18.10 -23.87
CA LYS E 118 9.39 17.16 -23.47
C LYS E 118 9.12 15.77 -24.01
N TYR E 119 7.85 15.36 -24.08
CA TYR E 119 7.50 14.07 -24.65
C TYR E 119 7.70 14.06 -26.15
N ILE E 120 7.42 15.20 -26.80
CA ILE E 120 7.66 15.33 -28.24
C ILE E 120 9.15 15.25 -28.54
N LEU E 121 9.97 15.92 -27.72
CA LEU E 121 11.42 15.88 -27.91
C LEU E 121 11.99 14.50 -27.57
N LYS E 122 11.32 13.75 -26.69
CA LYS E 122 11.75 12.37 -26.48
C LYS E 122 11.38 11.50 -27.68
N GLN E 123 10.25 11.76 -28.34
CA GLN E 123 9.96 11.09 -29.61
C GLN E 123 10.81 11.60 -30.76
N GLN E 124 11.49 12.74 -30.59
CA GLN E 124 12.33 13.41 -31.59
C GLN E 124 11.59 13.68 -32.90
N SER F 22 -7.49 37.25 -9.62
CA SER F 22 -6.06 37.05 -9.55
C SER F 22 -5.70 35.59 -9.25
N LEU F 23 -5.23 35.33 -8.03
CA LEU F 23 -4.68 34.05 -7.64
C LEU F 23 -5.71 33.26 -6.84
N PRO F 24 -5.68 31.92 -6.91
CA PRO F 24 -6.78 31.13 -6.31
C PRO F 24 -6.75 31.10 -4.80
N LEU F 25 -7.75 30.43 -4.21
CA LEU F 25 -7.89 30.37 -2.77
C LEU F 25 -7.02 29.32 -2.12
N ALA F 26 -6.14 28.65 -2.88
CA ALA F 26 -5.12 27.81 -2.27
C ALA F 26 -4.01 28.63 -1.64
N ALA F 27 -3.95 29.93 -1.91
CA ALA F 27 -3.00 30.80 -1.23
C ALA F 27 -3.39 30.99 0.23
N LEU F 28 -4.66 30.85 0.56
CA LEU F 28 -5.13 31.04 1.92
C LEU F 28 -4.91 29.78 2.72
N ASN F 29 -3.95 29.81 3.63
CA ASN F 29 -3.61 28.65 4.44
C ASN F 29 -4.55 28.47 5.62
N MET F 30 -4.18 27.64 6.58
CA MET F 30 -5.06 27.29 7.69
C MET F 30 -5.31 28.41 8.69
N ARG F 31 -4.37 29.34 8.88
CA ARG F 31 -4.56 30.34 9.93
C ARG F 31 -5.58 31.40 9.53
N VAL F 32 -5.51 31.89 8.29
CA VAL F 32 -6.52 32.81 7.77
C VAL F 32 -7.88 32.14 7.63
N ARG F 33 -7.91 30.91 7.15
CA ARG F 33 -9.15 30.19 6.94
C ARG F 33 -9.83 29.79 8.25
N ARG F 34 -9.10 29.77 9.37
CA ARG F 34 -9.72 29.66 10.68
C ARG F 34 -10.23 31.00 11.20
N ARG F 35 -9.54 32.10 10.89
CA ARG F 35 -9.97 33.39 11.37
C ARG F 35 -11.18 33.91 10.60
N LEU F 36 -11.29 33.59 9.32
CA LEU F 36 -12.55 33.81 8.61
C LEU F 36 -13.68 32.96 9.18
N SER F 37 -13.37 31.76 9.65
CA SER F 37 -14.40 30.88 10.18
C SER F 37 -14.95 31.42 11.49
N LEU F 38 -14.10 32.03 12.33
CA LEU F 38 -14.55 32.54 13.62
C LEU F 38 -15.54 33.69 13.45
N PHE F 39 -15.34 34.52 12.43
CA PHE F 39 -16.28 35.60 12.18
C PHE F 39 -17.52 35.10 11.44
N LEU F 40 -17.34 34.24 10.45
CA LEU F 40 -18.41 34.05 9.48
C LEU F 40 -19.38 32.94 9.87
N ASN F 41 -18.99 31.97 10.68
CA ASN F 41 -19.97 30.93 11.00
C ASN F 41 -20.69 31.19 12.32
N VAL F 42 -20.52 32.38 12.90
CA VAL F 42 -21.44 32.84 13.93
C VAL F 42 -22.77 33.09 13.25
N ARG F 43 -23.72 32.18 13.47
CA ARG F 43 -24.92 32.14 12.66
C ARG F 43 -25.95 33.10 13.22
N THR F 44 -26.21 34.18 12.49
CA THR F 44 -27.19 35.18 12.89
C THR F 44 -28.33 35.23 11.89
N GLN F 45 -29.51 35.53 12.39
CA GLN F 45 -30.72 35.60 11.60
C GLN F 45 -30.90 36.97 10.95
N VAL F 46 -30.18 37.97 11.43
CA VAL F 46 -30.39 39.35 11.02
C VAL F 46 -29.30 39.81 10.06
N ALA F 47 -28.04 39.64 10.44
CA ALA F 47 -26.92 40.16 9.69
C ALA F 47 -26.41 39.13 8.68
N ALA F 48 -25.22 39.38 8.15
CA ALA F 48 -24.64 38.58 7.07
C ALA F 48 -23.59 37.63 7.66
N ASP F 49 -24.02 36.41 7.93
CA ASP F 49 -23.13 35.32 8.31
C ASP F 49 -22.66 34.62 7.03
N TRP F 50 -22.14 33.40 7.15
CA TRP F 50 -21.61 32.68 5.99
C TRP F 50 -22.67 32.30 4.98
N THR F 51 -23.95 32.27 5.37
CA THR F 51 -24.99 31.90 4.40
C THR F 51 -25.28 33.02 3.42
N ALA F 52 -25.16 34.27 3.85
CA ALA F 52 -25.26 35.39 2.91
C ALA F 52 -24.10 35.37 1.93
N LEU F 53 -22.91 35.03 2.41
CA LEU F 53 -21.74 34.89 1.54
C LEU F 53 -21.93 33.72 0.58
N ALA F 54 -22.51 32.62 1.06
CA ALA F 54 -22.77 31.47 0.21
C ALA F 54 -23.82 31.77 -0.85
N GLU F 55 -24.79 32.61 -0.53
CA GLU F 55 -25.73 33.04 -1.55
C GLU F 55 -25.08 33.98 -2.55
N GLU F 56 -24.16 34.83 -2.12
CA GLU F 56 -23.47 35.72 -3.04
C GLU F 56 -22.52 34.99 -3.99
N MET F 57 -22.17 33.73 -3.68
CA MET F 57 -21.32 32.93 -4.54
C MET F 57 -22.11 31.92 -5.35
N ASP F 58 -23.38 32.22 -5.61
CA ASP F 58 -24.25 31.49 -6.55
C ASP F 58 -24.45 30.03 -6.16
N PHE F 59 -24.54 29.77 -4.86
CA PHE F 59 -24.90 28.45 -4.39
C PHE F 59 -26.41 28.33 -4.26
N GLU F 60 -26.92 27.15 -4.59
CA GLU F 60 -28.32 26.80 -4.42
C GLU F 60 -28.64 26.71 -2.93
N TYR F 61 -29.93 26.81 -2.60
CA TYR F 61 -30.35 26.70 -1.21
C TYR F 61 -30.03 25.32 -0.63
N LEU F 62 -30.17 24.27 -1.43
CA LEU F 62 -29.90 22.94 -0.92
C LEU F 62 -28.40 22.71 -0.70
N GLU F 63 -27.54 23.40 -1.46
CA GLU F 63 -26.11 23.34 -1.20
C GLU F 63 -25.76 23.97 0.15
N ILE F 64 -26.31 25.15 0.41
CA ILE F 64 -26.10 25.85 1.68
C ILE F 64 -26.67 25.05 2.84
N ARG F 65 -27.82 24.43 2.61
CA ARG F 65 -28.46 23.60 3.61
C ARG F 65 -27.65 22.33 3.88
N GLN F 66 -26.93 21.82 2.87
CA GLN F 66 -26.02 20.71 3.10
C GLN F 66 -24.77 21.15 3.84
N LEU F 67 -24.29 22.38 3.56
CA LEU F 67 -23.11 22.88 4.27
C LEU F 67 -23.40 23.24 5.71
N GLU F 68 -24.67 23.50 6.06
CA GLU F 68 -25.03 23.79 7.45
C GLU F 68 -24.80 22.59 8.36
N THR F 69 -24.88 21.38 7.82
CA THR F 69 -24.87 20.18 8.65
C THR F 69 -23.50 19.91 9.25
N GLN F 70 -22.46 19.98 8.43
CA GLN F 70 -21.13 19.64 8.90
C GLN F 70 -20.49 20.83 9.58
N ALA F 71 -19.59 20.53 10.52
CA ALA F 71 -18.91 21.55 11.31
C ALA F 71 -17.92 22.32 10.44
N ASP F 72 -17.61 23.54 10.88
CA ASP F 72 -16.92 24.60 10.14
C ASP F 72 -17.55 24.77 8.77
N PRO F 73 -18.75 25.37 8.66
CA PRO F 73 -19.36 25.53 7.34
C PRO F 73 -18.68 26.57 6.48
N THR F 74 -17.95 27.51 7.07
CA THR F 74 -17.19 28.48 6.29
C THR F 74 -16.01 27.82 5.59
N GLY F 75 -15.33 26.90 6.27
CA GLY F 75 -14.22 26.20 5.64
C GLY F 75 -14.67 25.27 4.53
N ARG F 76 -15.78 24.59 4.73
CA ARG F 76 -16.32 23.74 3.67
C ARG F 76 -16.94 24.57 2.56
N LEU F 77 -17.38 25.77 2.87
CA LEU F 77 -17.84 26.71 1.86
C LEU F 77 -16.69 27.20 0.99
N LEU F 78 -15.55 27.50 1.59
CA LEU F 78 -14.39 27.89 0.82
C LEU F 78 -13.79 26.71 0.06
N ASP F 79 -13.92 25.49 0.58
CA ASP F 79 -13.47 24.32 -0.17
C ASP F 79 -14.38 24.05 -1.35
N ALA F 80 -15.69 24.27 -1.20
CA ALA F 80 -16.60 24.07 -2.32
C ALA F 80 -16.52 25.22 -3.31
N TRP F 81 -15.96 26.35 -2.90
CA TRP F 81 -15.76 27.46 -3.82
C TRP F 81 -14.32 27.51 -4.31
N GLN F 82 -13.54 26.46 -4.10
CA GLN F 82 -12.23 26.35 -4.75
C GLN F 82 -12.39 26.31 -6.26
N GLY F 83 -13.00 25.23 -6.76
CA GLY F 83 -13.19 25.13 -8.19
C GLY F 83 -14.56 25.62 -8.60
N ARG F 84 -14.63 26.89 -8.94
CA ARG F 84 -15.81 27.58 -9.45
C ARG F 84 -15.29 28.60 -10.45
N PRO F 85 -16.08 28.94 -11.48
CA PRO F 85 -15.52 29.75 -12.59
C PRO F 85 -15.12 31.17 -12.22
N GLY F 86 -15.61 31.71 -11.12
CA GLY F 86 -15.22 33.06 -10.78
C GLY F 86 -14.35 33.23 -9.57
N ALA F 87 -13.85 32.14 -9.00
CA ALA F 87 -13.24 32.19 -7.68
C ALA F 87 -11.82 32.72 -7.73
N SER F 88 -11.52 33.65 -6.81
CA SER F 88 -10.16 34.14 -6.60
C SER F 88 -10.12 34.73 -5.19
N VAL F 89 -8.95 35.27 -4.84
CA VAL F 89 -8.81 35.91 -3.53
C VAL F 89 -9.44 37.30 -3.55
N GLY F 90 -9.20 38.06 -4.62
CA GLY F 90 -9.80 39.38 -4.76
C GLY F 90 -11.31 39.35 -4.91
N ARG F 91 -11.84 38.30 -5.53
CA ARG F 91 -13.29 38.13 -5.58
C ARG F 91 -13.87 37.89 -4.20
N LEU F 92 -13.15 37.14 -3.35
CA LEU F 92 -13.57 36.95 -1.97
C LEU F 92 -13.51 38.25 -1.19
N LEU F 93 -12.46 39.04 -1.41
CA LEU F 93 -12.32 40.30 -0.69
C LEU F 93 -13.34 41.34 -1.14
N GLU F 94 -13.83 41.27 -2.37
CA GLU F 94 -14.87 42.19 -2.79
C GLU F 94 -16.27 41.68 -2.50
N LEU F 95 -16.46 40.36 -2.37
CA LEU F 95 -17.74 39.87 -1.88
C LEU F 95 -17.91 40.09 -0.39
N LEU F 96 -16.82 40.10 0.38
CA LEU F 96 -16.94 40.48 1.77
C LEU F 96 -17.14 41.97 1.95
N THR F 97 -16.83 42.77 0.94
CA THR F 97 -17.17 44.20 0.97
C THR F 97 -18.60 44.42 0.53
N LYS F 98 -19.07 43.63 -0.44
CA LYS F 98 -20.45 43.72 -0.91
C LYS F 98 -21.44 43.34 0.18
N LEU F 99 -21.06 42.41 1.06
CA LEU F 99 -21.88 42.12 2.23
C LEU F 99 -21.76 43.19 3.31
N GLY F 100 -20.86 44.14 3.16
CA GLY F 100 -20.68 45.19 4.14
C GLY F 100 -19.92 44.79 5.38
N ARG F 101 -19.52 43.53 5.49
CA ARG F 101 -18.77 43.10 6.66
C ARG F 101 -17.34 43.59 6.54
N ASP F 102 -17.07 44.78 7.06
CA ASP F 102 -15.73 45.32 7.18
C ASP F 102 -15.07 44.91 8.49
N ASP F 103 -15.74 44.05 9.25
CA ASP F 103 -15.14 43.43 10.43
C ASP F 103 -13.96 42.57 10.03
N VAL F 104 -14.09 41.81 8.94
CA VAL F 104 -13.05 40.87 8.57
C VAL F 104 -11.92 41.51 7.77
N LEU F 105 -12.19 42.54 6.98
CA LEU F 105 -11.14 43.12 6.15
C LEU F 105 -10.17 43.97 6.95
N LEU F 106 -10.54 44.37 8.16
CA LEU F 106 -9.63 45.16 8.97
C LEU F 106 -8.70 44.28 9.79
N GLU F 107 -9.11 43.05 10.10
CA GLU F 107 -8.22 42.16 10.84
C GLU F 107 -7.51 41.19 9.91
N LEU F 108 -8.19 40.69 8.88
CA LEU F 108 -7.57 39.83 7.87
C LEU F 108 -7.06 40.63 6.68
N GLY F 109 -6.78 41.90 6.88
CA GLY F 109 -6.15 42.72 5.88
C GLY F 109 -4.73 42.29 5.54
N PRO F 110 -3.81 42.45 6.49
CA PRO F 110 -2.41 42.10 6.19
C PRO F 110 -2.15 40.60 6.10
N SER F 111 -2.96 39.76 6.76
CA SER F 111 -2.70 38.33 6.74
C SER F 111 -2.99 37.69 5.39
N ILE F 112 -4.02 38.15 4.69
CA ILE F 112 -4.32 37.63 3.36
C ILE F 112 -3.25 38.04 2.36
N GLU F 113 -2.72 39.27 2.48
CA GLU F 113 -1.61 39.68 1.64
C GLU F 113 -0.32 38.92 1.98
N GLU F 114 -0.10 38.64 3.26
CA GLU F 114 1.10 37.93 3.69
C GLU F 114 1.07 36.47 3.23
N ASP F 115 -0.11 35.89 3.11
CA ASP F 115 -0.24 34.55 2.55
C ASP F 115 -0.39 34.54 1.04
N CYS F 116 -0.70 35.68 0.43
CA CYS F 116 -0.58 35.83 -1.01
C CYS F 116 0.89 35.84 -1.44
N GLN F 117 1.70 36.65 -0.77
CA GLN F 117 3.11 36.76 -1.09
C GLN F 117 3.89 35.50 -0.78
N LYS F 118 3.43 34.68 0.16
CA LYS F 118 4.06 33.41 0.42
C LYS F 118 3.77 32.39 -0.67
N TYR F 119 2.56 32.42 -1.22
CA TYR F 119 2.20 31.54 -2.32
C TYR F 119 2.92 31.94 -3.61
N ILE F 120 3.10 33.25 -3.81
CA ILE F 120 3.85 33.74 -4.96
C ILE F 120 5.31 33.33 -4.86
N LEU F 121 5.89 33.43 -3.66
CA LEU F 121 7.27 33.02 -3.46
C LEU F 121 7.44 31.51 -3.54
N LYS F 122 6.37 30.75 -3.24
CA LYS F 122 6.44 29.31 -3.48
C LYS F 122 6.38 29.00 -4.98
N GLN F 123 5.62 29.77 -5.75
CA GLN F 123 5.68 29.66 -7.20
C GLN F 123 6.97 30.22 -7.79
N GLN F 124 7.74 31.00 -7.01
CA GLN F 124 8.99 31.66 -7.42
C GLN F 124 8.82 32.53 -8.66
N SER G 22 44.35 -19.14 7.87
CA SER G 22 44.77 -20.53 8.00
C SER G 22 44.63 -21.28 6.69
N LEU G 23 43.66 -22.18 6.62
CA LEU G 23 43.50 -23.12 5.52
C LEU G 23 42.41 -22.63 4.58
N PRO G 24 42.50 -22.93 3.26
CA PRO G 24 41.57 -22.32 2.31
C PRO G 24 40.16 -22.87 2.37
N LEU G 25 39.28 -22.30 1.54
CA LEU G 25 37.86 -22.68 1.55
C LEU G 25 37.57 -23.94 0.76
N ALA G 26 38.60 -24.63 0.26
CA ALA G 26 38.40 -25.96 -0.30
C ALA G 26 38.17 -27.00 0.78
N ALA G 27 38.43 -26.66 2.04
CA ALA G 27 38.10 -27.55 3.15
C ALA G 27 36.60 -27.66 3.35
N LEU G 28 35.86 -26.63 2.95
CA LEU G 28 34.41 -26.62 3.13
C LEU G 28 33.75 -27.39 2.00
N ASN G 29 33.23 -28.57 2.30
CA ASN G 29 32.60 -29.42 1.30
C ASN G 29 31.18 -28.99 1.00
N MET G 30 30.41 -29.86 0.34
CA MET G 30 29.07 -29.51 -0.12
C MET G 30 28.04 -29.36 0.99
N ARG G 31 28.16 -30.07 2.10
CA ARG G 31 27.10 -30.02 3.10
C ARG G 31 27.12 -28.71 3.88
N VAL G 32 28.29 -28.24 4.30
CA VAL G 32 28.42 -26.94 4.92
C VAL G 32 28.09 -25.81 3.97
N ARG G 33 28.55 -25.89 2.74
CA ARG G 33 28.33 -24.86 1.74
C ARG G 33 26.87 -24.77 1.30
N ARG G 34 26.08 -25.82 1.50
CA ARG G 34 24.62 -25.72 1.35
C ARG G 34 23.95 -25.12 2.57
N ARG G 35 24.45 -25.40 3.77
CA ARG G 35 23.84 -24.86 4.98
C ARG G 35 24.14 -23.39 5.15
N LEU G 36 25.31 -22.92 4.73
CA LEU G 36 25.54 -21.48 4.61
C LEU G 36 24.63 -20.85 3.59
N SER G 37 24.31 -21.57 2.52
CA SER G 37 23.46 -21.00 1.48
C SER G 37 22.04 -20.82 1.96
N LEU G 38 21.54 -21.74 2.79
CA LEU G 38 20.17 -21.64 3.28
C LEU G 38 19.97 -20.42 4.17
N PHE G 39 20.99 -20.06 4.95
CA PHE G 39 20.88 -18.87 5.77
C PHE G 39 21.15 -17.61 4.98
N LEU G 40 22.16 -17.64 4.11
CA LEU G 40 22.70 -16.38 3.62
C LEU G 40 22.02 -15.87 2.36
N ASN G 41 21.40 -16.73 1.54
CA ASN G 41 20.77 -16.18 0.35
C ASN G 41 19.29 -15.92 0.53
N VAL G 42 18.78 -16.00 1.76
CA VAL G 42 17.49 -15.40 2.07
C VAL G 42 17.68 -13.90 1.97
N ARG G 43 17.15 -13.31 0.90
CA ARG G 43 17.51 -11.95 0.54
C ARG G 43 16.61 -10.98 1.28
N THR G 44 17.18 -10.24 2.23
CA THR G 44 16.45 -9.26 3.01
C THR G 44 17.01 -7.87 2.73
N GLN G 45 16.12 -6.89 2.81
CA GLN G 45 16.45 -5.50 2.55
C GLN G 45 16.99 -4.80 3.80
N VAL G 46 16.76 -5.38 4.96
CA VAL G 46 17.06 -4.74 6.24
C VAL G 46 18.33 -5.31 6.86
N ALA G 47 18.40 -6.62 6.99
CA ALA G 47 19.49 -7.28 7.70
C ALA G 47 20.63 -7.63 6.75
N ALA G 48 21.53 -8.48 7.22
CA ALA G 48 22.75 -8.83 6.50
C ALA G 48 22.58 -10.20 5.83
N ASP G 49 22.19 -10.19 4.58
CA ASP G 49 22.17 -11.38 3.74
C ASP G 49 23.53 -11.53 3.07
N TRP G 50 23.62 -12.34 2.01
CA TRP G 50 24.89 -12.59 1.36
C TRP G 50 25.48 -11.37 0.67
N THR G 51 24.68 -10.33 0.39
CA THR G 51 25.23 -9.15 -0.26
C THR G 51 26.04 -8.29 0.70
N ALA G 52 25.66 -8.26 1.98
CA ALA G 52 26.49 -7.60 2.98
C ALA G 52 27.81 -8.33 3.15
N LEU G 53 27.78 -9.65 3.12
CA LEU G 53 29.00 -10.45 3.17
C LEU G 53 29.85 -10.23 1.94
N ALA G 54 29.21 -10.11 0.77
CA ALA G 54 29.93 -9.86 -0.48
C ALA G 54 30.56 -8.48 -0.48
N GLU G 55 29.92 -7.50 0.15
CA GLU G 55 30.54 -6.19 0.29
C GLU G 55 31.70 -6.23 1.27
N GLU G 56 31.59 -7.03 2.34
CA GLU G 56 32.70 -7.13 3.30
C GLU G 56 33.92 -7.86 2.73
N MET G 57 33.77 -8.56 1.62
CA MET G 57 34.87 -9.24 0.96
C MET G 57 35.38 -8.48 -0.25
N ASP G 58 35.19 -7.15 -0.27
CA ASP G 58 35.77 -6.22 -1.23
C ASP G 58 35.36 -6.50 -2.66
N PHE G 59 34.11 -6.92 -2.85
CA PHE G 59 33.56 -7.06 -4.19
C PHE G 59 32.93 -5.74 -4.62
N GLU G 60 33.08 -5.44 -5.91
CA GLU G 60 32.44 -4.30 -6.55
C GLU G 60 30.93 -4.54 -6.61
N TYR G 61 30.17 -3.45 -6.77
CA TYR G 61 28.71 -3.56 -6.88
C TYR G 61 28.31 -4.36 -8.10
N LEU G 62 29.02 -4.20 -9.21
CA LEU G 62 28.67 -4.94 -10.42
C LEU G 62 28.98 -6.42 -10.29
N GLU G 63 29.97 -6.80 -9.48
CA GLU G 63 30.22 -8.21 -9.21
C GLU G 63 29.08 -8.83 -8.43
N ILE G 64 28.62 -8.15 -7.39
CA ILE G 64 27.49 -8.61 -6.57
C ILE G 64 26.23 -8.66 -7.40
N ARG G 65 26.04 -7.68 -8.27
CA ARG G 65 24.90 -7.63 -9.17
C ARG G 65 24.94 -8.76 -10.19
N GLN G 66 26.13 -9.18 -10.60
CA GLN G 66 26.26 -10.35 -11.47
C GLN G 66 25.99 -11.63 -10.70
N LEU G 67 26.39 -11.69 -9.44
CA LEU G 67 26.13 -12.88 -8.64
C LEU G 67 24.67 -13.04 -8.25
N GLU G 68 23.91 -11.93 -8.25
CA GLU G 68 22.48 -12.01 -7.96
C GLU G 68 21.71 -12.80 -9.01
N THR G 69 22.21 -12.84 -10.25
CA THR G 69 21.45 -13.39 -11.36
C THR G 69 21.37 -14.91 -11.28
N GLN G 70 22.49 -15.56 -11.04
CA GLN G 70 22.52 -17.01 -11.04
C GLN G 70 22.08 -17.56 -9.69
N ALA G 71 21.51 -18.77 -9.73
CA ALA G 71 20.99 -19.41 -8.54
C ALA G 71 22.13 -19.85 -7.63
N ASP G 72 21.81 -19.99 -6.34
CA ASP G 72 22.72 -20.14 -5.21
C ASP G 72 23.79 -19.05 -5.27
N PRO G 73 23.47 -17.79 -4.95
CA PRO G 73 24.50 -16.75 -5.02
C PRO G 73 25.53 -16.83 -3.92
N THR G 74 25.22 -17.49 -2.80
CA THR G 74 26.19 -17.69 -1.74
C THR G 74 27.27 -18.68 -2.16
N GLY G 75 26.88 -19.75 -2.86
CA GLY G 75 27.86 -20.71 -3.35
C GLY G 75 28.76 -20.14 -4.42
N ARG G 76 28.21 -19.34 -5.33
CA ARG G 76 29.02 -18.68 -6.33
C ARG G 76 29.84 -17.56 -5.74
N LEU G 77 29.37 -16.98 -4.65
CA LEU G 77 30.15 -16.00 -3.90
C LEU G 77 31.36 -16.65 -3.23
N LEU G 78 31.18 -17.83 -2.64
CA LEU G 78 32.30 -18.54 -2.07
C LEU G 78 33.24 -19.10 -3.12
N ASP G 79 32.72 -19.43 -4.30
CA ASP G 79 33.59 -19.86 -5.39
C ASP G 79 34.40 -18.69 -5.95
N ALA G 80 33.80 -17.50 -6.01
CA ALA G 80 34.54 -16.33 -6.47
C ALA G 80 35.48 -15.81 -5.40
N TRP G 81 35.27 -16.19 -4.15
CA TRP G 81 36.18 -15.81 -3.10
C TRP G 81 37.14 -16.94 -2.75
N GLN G 82 37.24 -17.97 -3.59
CA GLN G 82 38.29 -18.97 -3.46
C GLN G 82 39.66 -18.33 -3.63
N GLY G 83 39.93 -17.85 -4.84
CA GLY G 83 41.21 -17.21 -5.07
C GLY G 83 41.12 -15.71 -4.93
N ARG G 84 41.40 -15.23 -3.73
CA ARG G 84 41.46 -13.83 -3.36
C ARG G 84 42.56 -13.74 -2.31
N PRO G 85 43.25 -12.59 -2.23
CA PRO G 85 44.47 -12.54 -1.40
C PRO G 85 44.25 -12.70 0.11
N GLY G 86 43.04 -12.50 0.60
CA GLY G 86 42.83 -12.66 2.03
C GLY G 86 41.99 -13.84 2.45
N ALA G 87 41.65 -14.73 1.54
CA ALA G 87 40.61 -15.72 1.81
C ALA G 87 41.13 -16.88 2.64
N SER G 88 40.37 -17.26 3.66
CA SER G 88 40.63 -18.45 4.46
C SER G 88 39.32 -18.83 5.15
N VAL G 89 39.38 -19.89 5.95
CA VAL G 89 38.20 -20.30 6.70
C VAL G 89 37.98 -19.41 7.90
N GLY G 90 39.06 -19.08 8.63
CA GLY G 90 38.96 -18.18 9.76
C GLY G 90 38.59 -16.77 9.40
N ARG G 91 39.00 -16.31 8.22
CA ARG G 91 38.55 -15.02 7.72
C ARG G 91 37.05 -15.02 7.45
N LEU G 92 36.52 -16.12 6.93
CA LEU G 92 35.07 -16.25 6.76
C LEU G 92 34.35 -16.27 8.09
N LEU G 93 34.90 -16.98 9.08
CA LEU G 93 34.26 -17.05 10.38
C LEU G 93 34.31 -15.73 11.13
N GLU G 94 35.31 -14.89 10.87
CA GLU G 94 35.32 -13.58 11.51
C GLU G 94 34.57 -12.52 10.72
N LEU G 95 34.41 -12.69 9.41
CA LEU G 95 33.51 -11.81 8.67
C LEU G 95 32.05 -12.10 8.95
N LEU G 96 31.71 -13.35 9.26
CA LEU G 96 30.35 -13.64 9.69
C LEU G 96 30.09 -13.17 11.12
N THR G 97 31.14 -12.91 11.90
CA THR G 97 30.97 -12.30 13.20
C THR G 97 30.89 -10.78 13.08
N LYS G 98 31.65 -10.21 12.13
CA LYS G 98 31.61 -8.77 11.89
C LYS G 98 30.25 -8.32 11.38
N LEU G 99 29.57 -9.18 10.61
CA LEU G 99 28.20 -8.89 10.23
C LEU G 99 27.21 -9.12 11.37
N GLY G 100 27.65 -9.68 12.48
CA GLY G 100 26.78 -9.93 13.61
C GLY G 100 25.89 -11.13 13.46
N ARG G 101 25.93 -11.83 12.33
CA ARG G 101 25.11 -13.00 12.17
C ARG G 101 25.70 -14.17 12.94
N ASP G 102 25.29 -14.31 14.20
CA ASP G 102 25.63 -15.45 15.04
C ASP G 102 24.63 -16.58 14.86
N ASP G 103 23.70 -16.43 13.93
CA ASP G 103 22.80 -17.51 13.53
C ASP G 103 23.60 -18.66 12.93
N VAL G 104 24.59 -18.35 12.10
CA VAL G 104 25.31 -19.38 11.38
C VAL G 104 26.43 -20.00 12.20
N LEU G 105 27.06 -19.25 13.10
CA LEU G 105 28.20 -19.79 13.83
C LEU G 105 27.77 -20.74 14.93
N LEU G 106 26.51 -20.73 15.33
CA LEU G 106 26.05 -21.65 16.34
C LEU G 106 25.62 -22.99 15.74
N GLU G 107 25.20 -23.00 14.48
CA GLU G 107 24.82 -24.26 13.85
C GLU G 107 25.95 -24.83 13.01
N LEU G 108 26.69 -23.98 12.29
CA LEU G 108 27.86 -24.40 11.54
C LEU G 108 29.14 -24.26 12.34
N GLY G 109 29.03 -24.30 13.66
CA GLY G 109 30.18 -24.34 14.53
C GLY G 109 30.99 -25.62 14.40
N PRO G 110 30.42 -26.76 14.82
CA PRO G 110 31.20 -28.01 14.76
C PRO G 110 31.38 -28.56 13.37
N SER G 111 30.50 -28.24 12.41
CA SER G 111 30.62 -28.80 11.07
C SER G 111 31.81 -28.23 10.30
N ILE G 112 32.09 -26.94 10.46
CA ILE G 112 33.24 -26.34 9.81
C ILE G 112 34.55 -26.89 10.38
N GLU G 113 34.60 -27.12 11.70
CA GLU G 113 35.77 -27.76 12.29
C GLU G 113 35.91 -29.22 11.86
N GLU G 114 34.78 -29.92 11.73
CA GLU G 114 34.80 -31.32 11.31
C GLU G 114 35.24 -31.48 9.87
N ASP G 115 34.95 -30.49 9.02
CA ASP G 115 35.46 -30.50 7.66
C ASP G 115 36.82 -29.85 7.51
N CYS G 116 37.27 -29.10 8.52
CA CYS G 116 38.67 -28.69 8.59
C CYS G 116 39.57 -29.87 8.89
N GLN G 117 39.20 -30.65 9.92
CA GLN G 117 40.00 -31.81 10.31
C GLN G 117 40.00 -32.91 9.28
N LYS G 118 38.97 -33.00 8.44
CA LYS G 118 38.95 -33.97 7.35
C LYS G 118 39.89 -33.56 6.24
N TYR G 119 39.99 -32.26 5.96
CA TYR G 119 40.91 -31.77 4.94
C TYR G 119 42.36 -31.90 5.41
N ILE G 120 42.59 -31.69 6.71
CA ILE G 120 43.93 -31.88 7.27
C ILE G 120 44.34 -33.34 7.20
N LEU G 121 43.41 -34.25 7.51
CA LEU G 121 43.70 -35.68 7.43
C LEU G 121 43.86 -36.14 5.99
N LYS G 122 43.22 -35.45 5.04
CA LYS G 122 43.49 -35.75 3.64
C LYS G 122 44.87 -35.26 3.22
N GLN G 123 45.34 -34.14 3.76
CA GLN G 123 46.71 -33.73 3.56
C GLN G 123 47.71 -34.57 4.35
N GLN G 124 47.24 -35.35 5.33
CA GLN G 124 48.03 -36.21 6.22
C GLN G 124 49.13 -35.44 6.96
N SER H 22 18.23 -19.75 23.00
CA SER H 22 18.32 -21.17 22.68
C SER H 22 18.54 -21.40 21.18
N LEU H 23 17.51 -21.89 20.51
CA LEU H 23 17.59 -22.34 19.13
C LEU H 23 17.03 -21.28 18.20
N PRO H 24 17.53 -21.17 16.95
CA PRO H 24 17.14 -20.04 16.10
C PRO H 24 15.72 -20.12 15.56
N LEU H 25 15.32 -19.11 14.82
CA LEU H 25 13.97 -19.01 14.29
C LEU H 25 13.76 -19.82 13.03
N ALA H 26 14.75 -20.59 12.58
CA ALA H 26 14.53 -21.55 11.52
C ALA H 26 13.74 -22.76 12.00
N ALA H 27 13.58 -22.93 13.31
CA ALA H 27 12.72 -23.98 13.83
C ALA H 27 11.25 -23.69 13.55
N LEU H 28 10.90 -22.41 13.41
CA LEU H 28 9.52 -22.02 13.19
C LEU H 28 9.19 -22.16 11.71
N ASN H 29 8.38 -23.16 11.37
CA ASN H 29 8.03 -23.43 9.98
C ASN H 29 6.91 -22.52 9.50
N MET H 30 6.30 -22.86 8.37
CA MET H 30 5.30 -21.99 7.74
C MET H 30 3.97 -21.90 8.49
N ARG H 31 3.57 -22.93 9.23
CA ARG H 31 2.23 -22.88 9.84
C ARG H 31 2.20 -21.95 11.05
N VAL H 32 3.21 -22.01 11.91
CA VAL H 32 3.33 -21.07 13.01
C VAL H 32 3.58 -19.65 12.53
N ARG H 33 4.43 -19.48 11.55
CA ARG H 33 4.77 -18.18 11.02
C ARG H 33 3.62 -17.52 10.27
N ARG H 34 2.63 -18.29 9.82
CA ARG H 34 1.37 -17.71 9.34
C ARG H 34 0.41 -17.35 10.46
N ARG H 35 0.39 -18.13 11.54
CA ARG H 35 -0.51 -17.84 12.64
C ARG H 35 -0.04 -16.66 13.46
N LEU H 36 1.28 -16.46 13.60
CA LEU H 36 1.78 -15.19 14.12
C LEU H 36 1.44 -14.02 13.23
N SER H 37 1.41 -14.25 11.91
CA SER H 37 1.11 -13.16 11.00
C SER H 37 -0.34 -12.71 11.11
N LEU H 38 -1.26 -13.65 11.34
CA LEU H 38 -2.67 -13.31 11.44
C LEU H 38 -2.96 -12.42 12.64
N PHE H 39 -2.25 -12.66 13.75
CA PHE H 39 -2.43 -11.82 14.92
C PHE H 39 -1.68 -10.50 14.78
N LEU H 40 -0.44 -10.57 14.29
CA LEU H 40 0.46 -9.44 14.50
C LEU H 40 0.38 -8.38 13.40
N ASN H 41 -0.04 -8.71 12.19
CA ASN H 41 -0.08 -7.66 11.18
C ASN H 41 -1.46 -7.03 11.05
N VAL H 42 -2.38 -7.33 11.96
CA VAL H 42 -3.58 -6.51 12.13
C VAL H 42 -3.10 -5.17 12.68
N ARG H 43 -3.08 -4.15 11.83
CA ARG H 43 -2.39 -2.92 12.15
C ARG H 43 -3.30 -2.01 12.94
N THR H 44 -2.99 -1.82 14.21
CA THR H 44 -3.76 -0.96 15.09
C THR H 44 -2.91 0.21 15.55
N GLN H 45 -3.57 1.35 15.77
CA GLN H 45 -2.93 2.58 16.19
C GLN H 45 -2.77 2.65 17.69
N VAL H 46 -3.51 1.82 18.43
CA VAL H 46 -3.59 1.91 19.88
C VAL H 46 -2.74 0.83 20.54
N ALA H 47 -2.96 -0.42 20.16
CA ALA H 47 -2.34 -1.55 20.82
C ALA H 47 -1.02 -1.91 20.15
N ALA H 48 -0.50 -3.10 20.48
CA ALA H 48 0.81 -3.55 20.03
C ALA H 48 0.64 -4.53 18.86
N ASP H 49 0.75 -4.00 17.65
CA ASP H 49 0.81 -4.81 16.44
C ASP H 49 2.28 -5.14 16.16
N TRP H 50 2.60 -5.57 14.93
CA TRP H 50 3.96 -5.98 14.61
C TRP H 50 4.96 -4.83 14.65
N THR H 51 4.52 -3.57 14.60
CA THR H 51 5.47 -2.46 14.64
C THR H 51 6.01 -2.23 16.04
N ALA H 52 5.21 -2.49 17.07
CA ALA H 52 5.72 -2.46 18.43
C ALA H 52 6.74 -3.57 18.66
N LEU H 53 6.48 -4.74 18.09
CA LEU H 53 7.44 -5.84 18.16
C LEU H 53 8.71 -5.51 17.39
N ALA H 54 8.57 -4.85 16.24
CA ALA H 54 9.72 -4.44 15.45
C ALA H 54 10.55 -3.39 16.16
N GLU H 55 9.90 -2.52 16.92
CA GLU H 55 10.66 -1.57 17.73
C GLU H 55 11.35 -2.27 18.90
N GLU H 56 10.73 -3.28 19.48
CA GLU H 56 11.37 -4.01 20.57
C GLU H 56 12.56 -4.84 20.13
N MET H 57 12.71 -5.08 18.83
CA MET H 57 13.84 -5.82 18.29
C MET H 57 14.87 -4.91 17.66
N ASP H 58 14.93 -3.65 18.12
CA ASP H 58 15.99 -2.69 17.80
C ASP H 58 16.08 -2.37 16.32
N PHE H 59 14.93 -2.31 15.65
CA PHE H 59 14.88 -1.84 14.27
C PHE H 59 14.70 -0.33 14.24
N GLU H 60 15.35 0.30 13.27
CA GLU H 60 15.20 1.71 12.99
C GLU H 60 13.80 1.97 12.44
N TYR H 61 13.37 3.23 12.52
CA TYR H 61 12.06 3.60 11.99
C TYR H 61 11.98 3.39 10.48
N LEU H 62 13.07 3.66 9.76
CA LEU H 62 13.05 3.48 8.32
C LEU H 62 13.02 2.01 7.92
N GLU H 63 13.56 1.13 8.76
CA GLU H 63 13.44 -0.30 8.51
C GLU H 63 12.01 -0.77 8.63
N ILE H 64 11.33 -0.35 9.70
CA ILE H 64 9.92 -0.67 9.93
C ILE H 64 9.05 -0.09 8.83
N ARG H 65 9.38 1.13 8.41
CA ARG H 65 8.67 1.79 7.34
C ARG H 65 8.87 1.10 6.01
N GLN H 66 10.04 0.48 5.80
CA GLN H 66 10.26 -0.34 4.61
C GLN H 66 9.51 -1.65 4.70
N LEU H 67 9.40 -2.23 5.90
CA LEU H 67 8.66 -3.47 6.06
C LEU H 67 7.16 -3.28 5.94
N GLU H 68 6.66 -2.06 6.17
CA GLU H 68 5.23 -1.81 6.01
C GLU H 68 4.77 -1.95 4.57
N THR H 69 5.67 -1.74 3.60
CA THR H 69 5.27 -1.67 2.20
C THR H 69 4.89 -3.04 1.65
N GLN H 70 5.72 -4.03 1.90
CA GLN H 70 5.49 -5.35 1.35
C GLN H 70 4.49 -6.14 2.18
N ALA H 71 3.77 -7.04 1.52
CA ALA H 71 2.75 -7.84 2.18
C ALA H 71 3.39 -8.86 3.10
N ASP H 72 2.60 -9.30 4.08
CA ASP H 72 3.01 -10.06 5.27
C ASP H 72 4.20 -9.38 5.95
N PRO H 73 4.02 -8.25 6.64
CA PRO H 73 5.17 -7.60 7.26
C PRO H 73 5.70 -8.33 8.47
N THR H 74 4.89 -9.18 9.10
CA THR H 74 5.37 -9.99 10.22
C THR H 74 6.32 -11.07 9.74
N GLY H 75 6.03 -11.69 8.60
CA GLY H 75 6.93 -12.70 8.07
C GLY H 75 8.24 -12.12 7.60
N ARG H 76 8.20 -10.95 6.97
CA ARG H 76 9.43 -10.28 6.57
C ARG H 76 10.17 -9.71 7.75
N LEU H 77 9.45 -9.39 8.81
CA LEU H 77 10.06 -8.97 10.06
C LEU H 77 10.81 -10.13 10.72
N LEU H 78 10.22 -11.32 10.73
CA LEU H 78 10.91 -12.48 11.25
C LEU H 78 12.06 -12.93 10.36
N ASP H 79 11.95 -12.71 9.05
CA ASP H 79 13.07 -13.01 8.16
C ASP H 79 14.21 -12.02 8.36
N ALA H 80 13.90 -10.76 8.61
CA ALA H 80 14.95 -9.79 8.86
C ALA H 80 15.52 -9.92 10.26
N TRP H 81 14.81 -10.61 11.14
CA TRP H 81 15.32 -10.87 12.48
C TRP H 81 15.88 -12.29 12.59
N GLN H 82 16.08 -12.97 11.47
CA GLN H 82 16.82 -14.23 11.48
C GLN H 82 18.25 -14.01 11.95
N GLY H 83 19.03 -13.28 11.16
CA GLY H 83 20.38 -13.01 11.55
C GLY H 83 20.52 -11.68 12.25
N ARG H 84 20.43 -11.71 13.56
CA ARG H 84 20.60 -10.58 14.46
C ARG H 84 21.25 -11.15 15.71
N PRO H 85 22.05 -10.36 16.43
CA PRO H 85 22.87 -10.94 17.51
C PRO H 85 22.10 -11.49 18.70
N GLY H 86 20.85 -11.09 18.88
CA GLY H 86 20.12 -11.62 20.02
C GLY H 86 18.98 -12.56 19.70
N ALA H 87 18.84 -12.98 18.45
CA ALA H 87 17.62 -13.65 18.02
C ALA H 87 17.59 -15.11 18.43
N SER H 88 16.45 -15.54 18.97
CA SER H 88 16.18 -16.94 19.27
C SER H 88 14.67 -17.11 19.37
N VAL H 89 14.25 -18.33 19.66
CA VAL H 89 12.82 -18.58 19.84
C VAL H 89 12.35 -18.09 21.20
N GLY H 90 13.13 -18.35 22.25
CA GLY H 90 12.78 -17.87 23.57
C GLY H 90 12.83 -16.36 23.71
N ARG H 91 13.71 -15.70 22.97
CA ARG H 91 13.71 -14.24 22.93
C ARG H 91 12.44 -13.71 22.29
N LEU H 92 11.94 -14.39 21.25
CA LEU H 92 10.67 -14.01 20.65
C LEU H 92 9.52 -14.24 21.62
N LEU H 93 9.54 -15.34 22.36
CA LEU H 93 8.47 -15.63 23.29
C LEU H 93 8.47 -14.69 24.49
N GLU H 94 9.63 -14.15 24.86
CA GLU H 94 9.65 -13.18 25.95
C GLU H 94 9.43 -11.76 25.47
N LEU H 95 9.73 -11.45 24.21
CA LEU H 95 9.34 -10.14 23.67
C LEU H 95 7.85 -10.07 23.40
N LEU H 96 7.20 -11.19 23.09
CA LEU H 96 5.75 -11.16 22.99
C LEU H 96 5.08 -11.11 24.35
N THR H 97 5.80 -11.44 25.42
CA THR H 97 5.28 -11.25 26.76
C THR H 97 5.53 -9.82 27.23
N LYS H 98 6.66 -9.23 26.83
CA LYS H 98 6.98 -7.85 27.18
C LYS H 98 6.00 -6.88 26.54
N LEU H 99 5.50 -7.21 25.35
CA LEU H 99 4.43 -6.42 24.76
C LEU H 99 3.08 -6.68 25.39
N GLY H 100 2.97 -7.67 26.27
CA GLY H 100 1.73 -7.98 26.92
C GLY H 100 0.75 -8.76 26.07
N ARG H 101 1.07 -9.04 24.82
CA ARG H 101 0.15 -9.80 23.98
C ARG H 101 0.22 -11.27 24.37
N ASP H 102 -0.65 -11.66 25.31
CA ASP H 102 -0.83 -13.06 25.68
C ASP H 102 -1.89 -13.73 24.81
N ASP H 103 -2.38 -13.01 23.80
CA ASP H 103 -3.24 -13.59 22.79
C ASP H 103 -2.50 -14.68 22.01
N VAL H 104 -1.24 -14.44 21.67
CA VAL H 104 -0.50 -15.36 20.83
C VAL H 104 0.13 -16.50 21.61
N LEU H 105 0.50 -16.30 22.86
CA LEU H 105 1.18 -17.36 23.60
C LEU H 105 0.22 -18.44 24.08
N LEU H 106 -1.07 -18.18 24.08
CA LEU H 106 -2.04 -19.18 24.48
C LEU H 106 -2.45 -20.06 23.31
N GLU H 107 -2.37 -19.55 22.09
CA GLU H 107 -2.71 -20.38 20.93
C GLU H 107 -1.48 -20.97 20.27
N LEU H 108 -0.40 -20.20 20.19
CA LEU H 108 0.87 -20.69 19.68
C LEU H 108 1.78 -21.20 20.78
N GLY H 109 1.20 -21.63 21.89
CA GLY H 109 1.93 -22.28 22.94
C GLY H 109 2.49 -23.63 22.54
N PRO H 110 1.61 -24.62 22.31
CA PRO H 110 2.11 -25.95 21.98
C PRO H 110 2.70 -26.08 20.58
N SER H 111 2.29 -25.21 19.64
CA SER H 111 2.79 -25.33 18.26
C SER H 111 4.25 -24.94 18.14
N ILE H 112 4.69 -23.92 18.87
CA ILE H 112 6.08 -23.52 18.84
C ILE H 112 6.97 -24.57 19.49
N GLU H 113 6.49 -25.22 20.56
CA GLU H 113 7.24 -26.33 21.14
C GLU H 113 7.25 -27.54 20.22
N GLU H 114 6.15 -27.80 19.51
CA GLU H 114 6.07 -28.95 18.61
C GLU H 114 6.97 -28.76 17.40
N ASP H 115 7.20 -27.52 16.97
CA ASP H 115 8.15 -27.25 15.90
C ASP H 115 9.57 -27.03 16.41
N CYS H 116 9.74 -26.80 17.71
CA CYS H 116 11.06 -26.87 18.31
C CYS H 116 11.57 -28.31 18.35
N GLN H 117 10.73 -29.22 18.84
CA GLN H 117 11.10 -30.62 18.95
C GLN H 117 11.27 -31.30 17.59
N LYS H 118 10.62 -30.81 16.55
CA LYS H 118 10.83 -31.33 15.21
C LYS H 118 12.17 -30.88 14.65
N TYR H 119 12.58 -29.66 14.94
CA TYR H 119 13.89 -29.18 14.50
C TYR H 119 15.02 -29.88 15.25
N ILE H 120 14.80 -30.17 16.53
CA ILE H 120 15.78 -30.91 17.31
C ILE H 120 15.93 -32.33 16.78
N LEU H 121 14.81 -32.97 16.44
CA LEU H 121 14.85 -34.31 15.89
C LEU H 121 15.43 -34.33 14.48
N LYS H 122 15.31 -33.22 13.75
CA LYS H 122 16.01 -33.14 12.47
C LYS H 122 17.51 -32.98 12.67
N GLN H 123 17.94 -32.27 13.72
CA GLN H 123 19.35 -32.26 14.08
C GLN H 123 19.81 -33.56 14.71
N GLN H 124 18.89 -34.43 15.13
CA GLN H 124 19.15 -35.71 15.79
C GLN H 124 20.02 -35.58 17.03
N SER I 22 3.57 -46.66 -3.24
CA SER I 22 3.60 -47.44 -4.47
C SER I 22 4.78 -47.04 -5.37
N LEU I 23 4.47 -46.38 -6.47
CA LEU I 23 5.43 -46.08 -7.52
C LEU I 23 5.91 -44.63 -7.40
N PRO I 24 7.16 -44.32 -7.81
CA PRO I 24 7.71 -43.00 -7.53
C PRO I 24 7.12 -41.89 -8.39
N LEU I 25 7.56 -40.66 -8.14
CA LEU I 25 7.03 -39.50 -8.83
C LEU I 25 7.65 -39.28 -10.20
N ALA I 26 8.50 -40.19 -10.67
CA ALA I 26 8.93 -40.15 -12.05
C ALA I 26 7.84 -40.60 -13.02
N ALA I 27 6.77 -41.20 -12.50
CA ALA I 27 5.61 -41.53 -13.33
C ALA I 27 4.88 -40.27 -13.77
N LEU I 28 4.97 -39.21 -12.99
CA LEU I 28 4.27 -37.97 -13.30
C LEU I 28 5.07 -37.17 -14.31
N ASN I 29 4.59 -37.12 -15.56
CA ASN I 29 5.30 -36.42 -16.63
C ASN I 29 5.05 -34.92 -16.58
N MET I 30 5.37 -34.20 -17.66
CA MET I 30 5.31 -32.76 -17.68
C MET I 30 3.89 -32.18 -17.68
N ARG I 31 2.91 -32.88 -18.23
CA ARG I 31 1.57 -32.27 -18.34
C ARG I 31 0.87 -32.23 -16.99
N VAL I 32 0.92 -33.30 -16.22
CA VAL I 32 0.38 -33.31 -14.86
C VAL I 32 1.15 -32.38 -13.94
N ARG I 33 2.47 -32.38 -14.03
CA ARG I 33 3.32 -31.55 -13.19
C ARG I 33 3.19 -30.07 -13.50
N ARG I 34 2.70 -29.69 -14.68
CA ARG I 34 2.30 -28.31 -14.95
C ARG I 34 0.92 -27.98 -14.41
N ARG I 35 0.00 -28.94 -14.43
CA ARG I 35 -1.36 -28.68 -13.95
C ARG I 35 -1.40 -28.63 -12.44
N LEU I 36 -0.58 -29.42 -11.74
CA LEU I 36 -0.38 -29.21 -10.31
C LEU I 36 0.24 -27.86 -10.01
N SER I 37 1.11 -27.37 -10.89
CA SER I 37 1.77 -26.10 -10.65
C SER I 37 0.80 -24.95 -10.76
N LEU I 38 -0.17 -25.03 -11.69
CA LEU I 38 -1.13 -23.95 -11.87
C LEU I 38 -2.02 -23.78 -10.66
N PHE I 39 -2.37 -24.87 -9.99
CA PHE I 39 -3.17 -24.76 -8.79
C PHE I 39 -2.33 -24.40 -7.57
N LEU I 40 -1.15 -25.00 -7.45
CA LEU I 40 -0.48 -24.99 -6.15
C LEU I 40 0.44 -23.79 -5.96
N ASN I 41 0.96 -23.17 -7.01
CA ASN I 41 1.85 -22.04 -6.75
C ASN I 41 1.13 -20.70 -6.83
N VAL I 42 -0.20 -20.71 -6.90
CA VAL I 42 -0.98 -19.51 -6.60
C VAL I 42 -0.81 -19.25 -5.11
N ARG I 43 0.00 -18.25 -4.78
CA ARG I 43 0.46 -18.08 -3.41
C ARG I 43 -0.55 -17.29 -2.62
N THR I 44 -1.22 -17.96 -1.68
CA THR I 44 -2.21 -17.33 -0.83
C THR I 44 -1.74 -17.37 0.63
N GLN I 45 -2.13 -16.34 1.37
CA GLN I 45 -1.76 -16.19 2.77
C GLN I 45 -2.72 -16.93 3.69
N VAL I 46 -3.90 -17.30 3.18
CA VAL I 46 -4.97 -17.86 4.00
C VAL I 46 -5.08 -19.36 3.82
N ALA I 47 -5.18 -19.82 2.58
CA ALA I 47 -5.44 -21.21 2.27
C ALA I 47 -4.13 -21.98 2.11
N ALA I 48 -4.23 -23.19 1.55
CA ALA I 48 -3.11 -24.12 1.43
C ALA I 48 -2.57 -24.07 0.00
N ASP I 49 -1.54 -23.27 -0.20
CA ASP I 49 -0.78 -23.26 -1.44
C ASP I 49 0.35 -24.28 -1.32
N TRP I 50 1.36 -24.19 -2.19
CA TRP I 50 2.44 -25.17 -2.20
C TRP I 50 3.30 -25.14 -0.94
N THR I 51 3.27 -24.06 -0.16
CA THR I 51 4.09 -24.01 1.06
C THR I 51 3.49 -24.86 2.16
N ALA I 52 2.17 -24.96 2.23
CA ALA I 52 1.55 -25.90 3.17
C ALA I 52 1.87 -27.33 2.80
N LEU I 53 1.88 -27.63 1.50
CA LEU I 53 2.29 -28.94 1.02
C LEU I 53 3.75 -29.21 1.33
N ALA I 54 4.60 -28.20 1.17
CA ALA I 54 6.02 -28.34 1.47
C ALA I 54 6.26 -28.54 2.95
N GLU I 55 5.44 -27.93 3.80
CA GLU I 55 5.55 -28.21 5.22
C GLU I 55 5.07 -29.62 5.55
N GLU I 56 4.03 -30.11 4.87
CA GLU I 56 3.55 -31.46 5.13
C GLU I 56 4.52 -32.54 4.67
N MET I 57 5.51 -32.19 3.84
CA MET I 57 6.52 -33.12 3.38
C MET I 57 7.84 -32.96 4.12
N ASP I 58 7.78 -32.43 5.35
CA ASP I 58 8.90 -32.38 6.31
C ASP I 58 10.08 -31.56 5.78
N PHE I 59 9.78 -30.48 5.07
CA PHE I 59 10.82 -29.54 4.67
C PHE I 59 10.99 -28.48 5.75
N GLU I 60 12.25 -28.08 5.95
CA GLU I 60 12.61 -26.98 6.84
C GLU I 60 12.10 -25.67 6.24
N TYR I 61 11.98 -24.65 7.09
CA TYR I 61 11.54 -23.33 6.64
C TYR I 61 12.52 -22.74 5.64
N LEU I 62 13.82 -22.94 5.85
CA LEU I 62 14.81 -22.38 4.93
C LEU I 62 14.80 -23.08 3.59
N GLU I 63 14.41 -24.36 3.54
CA GLU I 63 14.25 -25.05 2.27
C GLU I 63 13.09 -24.46 1.46
N ILE I 64 11.95 -24.24 2.12
CA ILE I 64 10.78 -23.65 1.49
C ILE I 64 11.09 -22.23 1.05
N ARG I 65 11.83 -21.50 1.87
CA ARG I 65 12.23 -20.15 1.56
C ARG I 65 13.20 -20.10 0.39
N GLN I 66 14.02 -21.14 0.21
CA GLN I 66 14.87 -21.24 -0.97
C GLN I 66 14.05 -21.61 -2.21
N LEU I 67 13.01 -22.43 -2.03
CA LEU I 67 12.18 -22.80 -3.17
C LEU I 67 11.29 -21.65 -3.62
N GLU I 68 11.01 -20.69 -2.74
CA GLU I 68 10.20 -19.52 -3.12
C GLU I 68 10.90 -18.67 -4.18
N THR I 69 12.23 -18.68 -4.21
CA THR I 69 12.98 -17.74 -5.05
C THR I 69 12.85 -18.09 -6.52
N GLN I 70 13.05 -19.35 -6.86
CA GLN I 70 13.06 -19.76 -8.25
C GLN I 70 11.64 -19.98 -8.76
N ALA I 71 11.46 -19.76 -10.06
CA ALA I 71 10.16 -19.89 -10.68
C ALA I 71 9.74 -21.36 -10.75
N ASP I 72 8.42 -21.56 -10.84
CA ASP I 72 7.72 -22.82 -10.65
C ASP I 72 8.16 -23.49 -9.36
N PRO I 73 7.76 -22.99 -8.18
CA PRO I 73 8.20 -23.61 -6.94
C PRO I 73 7.56 -24.95 -6.66
N THR I 74 6.41 -25.24 -7.27
CA THR I 74 5.79 -26.55 -7.12
C THR I 74 6.57 -27.62 -7.86
N GLY I 75 7.08 -27.30 -9.05
CA GLY I 75 7.88 -28.24 -9.80
C GLY I 75 9.22 -28.53 -9.13
N ARG I 76 9.85 -27.49 -8.59
CA ARG I 76 11.09 -27.70 -7.86
C ARG I 76 10.85 -28.36 -6.52
N LEU I 77 9.66 -28.19 -5.96
CA LEU I 77 9.26 -28.89 -4.76
C LEU I 77 9.09 -30.38 -5.02
N LEU I 78 8.47 -30.73 -6.16
CA LEU I 78 8.34 -32.13 -6.52
C LEU I 78 9.67 -32.74 -6.93
N ASP I 79 10.57 -31.95 -7.50
CA ASP I 79 11.91 -32.45 -7.80
C ASP I 79 12.73 -32.67 -6.54
N ALA I 80 12.55 -31.81 -5.54
CA ALA I 80 13.27 -32.01 -4.29
C ALA I 80 12.63 -33.10 -3.45
N TRP I 81 11.40 -33.45 -3.75
CA TRP I 81 10.74 -34.55 -3.06
C TRP I 81 10.78 -35.83 -3.89
N GLN I 82 11.58 -35.87 -4.95
CA GLN I 82 11.85 -37.13 -5.64
C GLN I 82 12.52 -38.12 -4.71
N GLY I 83 13.75 -37.82 -4.31
CA GLY I 83 14.44 -38.71 -3.41
C GLY I 83 14.28 -38.30 -1.97
N ARG I 84 13.27 -38.86 -1.33
CA ARG I 84 12.95 -38.68 0.08
C ARG I 84 12.39 -40.02 0.54
N PRO I 85 12.58 -40.38 1.82
CA PRO I 85 12.25 -41.75 2.24
C PRO I 85 10.77 -42.13 2.18
N GLY I 86 9.87 -41.16 2.14
CA GLY I 86 8.47 -41.53 2.07
C GLY I 86 7.75 -41.23 0.79
N ALA I 87 8.47 -40.83 -0.25
CA ALA I 87 7.84 -40.25 -1.43
C ALA I 87 7.25 -41.32 -2.34
N SER I 88 6.01 -41.09 -2.79
CA SER I 88 5.37 -41.91 -3.80
C SER I 88 4.24 -41.09 -4.41
N VAL I 89 3.51 -41.70 -5.34
CA VAL I 89 2.38 -41.01 -5.95
C VAL I 89 1.18 -41.02 -5.01
N GLY I 90 0.92 -42.16 -4.38
CA GLY I 90 -0.17 -42.24 -3.42
C GLY I 90 0.03 -41.41 -2.18
N ARG I 91 1.28 -41.24 -1.75
CA ARG I 91 1.58 -40.33 -0.66
C ARG I 91 1.27 -38.89 -1.04
N LEU I 92 1.55 -38.51 -2.29
CA LEU I 92 1.19 -37.19 -2.78
C LEU I 92 -0.32 -37.00 -2.83
N LEU I 93 -1.03 -38.04 -3.28
CA LEU I 93 -2.48 -37.95 -3.39
C LEU I 93 -3.16 -37.92 -2.03
N GLU I 94 -2.54 -38.51 -1.00
CA GLU I 94 -3.13 -38.42 0.33
C GLU I 94 -2.67 -37.19 1.10
N LEU I 95 -1.52 -36.61 0.77
CA LEU I 95 -1.16 -35.32 1.34
C LEU I 95 -1.97 -34.18 0.73
N LEU I 96 -2.37 -34.31 -0.53
CA LEU I 96 -3.28 -33.32 -1.08
C LEU I 96 -4.70 -33.47 -0.55
N THR I 97 -5.04 -34.62 0.02
CA THR I 97 -6.31 -34.78 0.70
C THR I 97 -6.22 -34.27 2.14
N LYS I 98 -5.06 -34.47 2.78
CA LYS I 98 -4.84 -33.98 4.14
C LYS I 98 -4.86 -32.46 4.20
N LEU I 99 -4.41 -31.80 3.13
CA LEU I 99 -4.56 -30.35 3.04
C LEU I 99 -5.98 -29.93 2.70
N GLY I 100 -6.87 -30.87 2.37
CA GLY I 100 -8.23 -30.54 2.04
C GLY I 100 -8.43 -30.01 0.64
N ARG I 101 -7.36 -29.82 -0.13
CA ARG I 101 -7.52 -29.33 -1.48
C ARG I 101 -8.03 -30.44 -2.38
N ASP I 102 -9.35 -30.54 -2.49
CA ASP I 102 -10.00 -31.45 -3.43
C ASP I 102 -10.21 -30.78 -4.78
N ASP I 103 -9.69 -29.57 -4.94
CA ASP I 103 -9.65 -28.91 -6.24
C ASP I 103 -8.80 -29.70 -7.23
N VAL I 104 -7.67 -30.21 -6.77
CA VAL I 104 -6.73 -30.87 -7.67
C VAL I 104 -7.08 -32.33 -7.91
N LEU I 105 -7.68 -33.03 -6.95
CA LEU I 105 -7.95 -34.45 -7.14
C LEU I 105 -9.13 -34.72 -8.05
N LEU I 106 -9.96 -33.71 -8.30
CA LEU I 106 -11.08 -33.89 -9.20
C LEU I 106 -10.70 -33.64 -10.65
N GLU I 107 -9.67 -32.82 -10.88
CA GLU I 107 -9.23 -32.57 -12.25
C GLU I 107 -8.03 -33.44 -12.62
N LEU I 108 -7.10 -33.63 -11.69
CA LEU I 108 -5.96 -34.51 -11.89
C LEU I 108 -6.23 -35.92 -11.38
N GLY I 109 -7.49 -36.30 -11.31
CA GLY I 109 -7.87 -37.66 -10.99
C GLY I 109 -7.46 -38.66 -12.05
N PRO I 110 -8.06 -38.60 -13.23
CA PRO I 110 -7.73 -39.59 -14.27
C PRO I 110 -6.36 -39.40 -14.90
N SER I 111 -5.80 -38.19 -14.89
CA SER I 111 -4.52 -37.95 -15.53
C SER I 111 -3.36 -38.61 -14.77
N ILE I 112 -3.40 -38.59 -13.44
CA ILE I 112 -2.36 -39.23 -12.66
C ILE I 112 -2.42 -40.75 -12.81
N GLU I 113 -3.62 -41.32 -12.91
CA GLU I 113 -3.74 -42.75 -13.18
C GLU I 113 -3.30 -43.09 -14.61
N GLU I 114 -3.58 -42.21 -15.56
CA GLU I 114 -3.21 -42.45 -16.95
C GLU I 114 -1.69 -42.37 -17.14
N ASP I 115 -1.01 -41.56 -16.33
CA ASP I 115 0.44 -41.52 -16.36
C ASP I 115 1.09 -42.53 -15.43
N CYS I 116 0.32 -43.10 -14.49
CA CYS I 116 0.77 -44.27 -13.75
C CYS I 116 0.82 -45.49 -14.65
N GLN I 117 -0.27 -45.74 -15.39
CA GLN I 117 -0.35 -46.88 -16.28
C GLN I 117 0.61 -46.80 -17.45
N LYS I 118 1.00 -45.59 -17.87
CA LYS I 118 2.00 -45.44 -18.91
C LYS I 118 3.40 -45.78 -18.40
N TYR I 119 3.69 -45.43 -17.14
CA TYR I 119 4.98 -45.77 -16.55
C TYR I 119 5.08 -47.27 -16.29
N ILE I 120 3.96 -47.89 -15.91
CA ILE I 120 3.93 -49.35 -15.70
C ILE I 120 4.14 -50.07 -17.03
N LEU I 121 3.51 -49.57 -18.11
CA LEU I 121 3.69 -50.18 -19.42
C LEU I 121 5.09 -49.93 -19.98
N LYS I 122 5.72 -48.84 -19.56
CA LYS I 122 7.13 -48.65 -19.92
C LYS I 122 8.03 -49.61 -19.16
N GLN I 123 7.71 -49.93 -17.91
CA GLN I 123 8.40 -51.00 -17.20
C GLN I 123 8.02 -52.40 -17.71
N GLN I 124 6.94 -52.52 -18.48
CA GLN I 124 6.41 -53.77 -19.02
C GLN I 124 6.13 -54.82 -17.95
N SER J 22 -1.28 -13.02 -40.61
CA SER J 22 -0.13 -12.81 -41.49
C SER J 22 1.13 -13.43 -40.91
N LEU J 23 2.05 -12.60 -40.45
CA LEU J 23 3.38 -13.01 -40.04
C LEU J 23 3.45 -13.12 -38.51
N PRO J 24 4.29 -14.02 -37.97
CA PRO J 24 4.24 -14.27 -36.52
C PRO J 24 4.83 -13.15 -35.68
N LEU J 25 4.76 -13.33 -34.35
CA LEU J 25 5.21 -12.30 -33.42
C LEU J 25 6.72 -12.31 -33.20
N ALA J 26 7.47 -13.13 -33.93
CA ALA J 26 8.92 -13.02 -33.92
C ALA J 26 9.39 -11.82 -34.71
N ALA J 27 8.52 -11.18 -35.49
CA ALA J 27 8.86 -9.94 -36.16
C ALA J 27 9.00 -8.80 -35.16
N LEU J 28 8.32 -8.89 -34.03
CA LEU J 28 8.35 -7.83 -33.03
C LEU J 28 9.60 -7.99 -32.17
N ASN J 29 10.57 -7.10 -32.35
CA ASN J 29 11.82 -7.17 -31.61
C ASN J 29 11.69 -6.57 -30.22
N MET J 30 12.82 -6.31 -29.56
CA MET J 30 12.82 -5.87 -28.18
C MET J 30 12.30 -4.46 -27.96
N ARG J 31 12.44 -3.54 -28.91
CA ARG J 31 12.04 -2.16 -28.65
C ARG J 31 10.53 -1.99 -28.64
N VAL J 32 9.83 -2.59 -29.60
CA VAL J 32 8.37 -2.58 -29.60
C VAL J 32 7.81 -3.37 -28.43
N ARG J 33 8.38 -4.53 -28.12
CA ARG J 33 7.92 -5.38 -27.04
C ARG J 33 8.15 -4.77 -25.66
N ARG J 34 9.07 -3.81 -25.54
CA ARG J 34 9.18 -3.01 -24.32
C ARG J 34 8.17 -1.88 -24.28
N ARG J 35 7.85 -1.28 -25.42
CA ARG J 35 6.90 -0.18 -25.44
C ARG J 35 5.47 -0.66 -25.26
N LEU J 36 5.13 -1.86 -25.75
CA LEU J 36 3.87 -2.48 -25.36
C LEU J 36 3.83 -2.81 -23.88
N SER J 37 4.98 -3.15 -23.30
CA SER J 37 5.00 -3.50 -21.89
C SER J 37 4.74 -2.29 -21.02
N LEU J 38 5.25 -1.12 -21.42
CA LEU J 38 5.06 0.08 -20.61
C LEU J 38 3.60 0.50 -20.53
N PHE J 39 2.86 0.30 -21.61
CA PHE J 39 1.44 0.61 -21.59
C PHE J 39 0.63 -0.48 -20.91
N LEU J 40 0.95 -1.74 -21.21
CA LEU J 40 -0.01 -2.79 -20.91
C LEU J 40 0.15 -3.39 -19.52
N ASN J 41 1.32 -3.33 -18.90
CA ASN J 41 1.41 -3.92 -17.56
C ASN J 41 1.22 -2.91 -16.45
N VAL J 42 0.80 -1.69 -16.78
CA VAL J 42 0.24 -0.80 -15.77
C VAL J 42 -1.09 -1.41 -15.33
N ARG J 43 -1.09 -2.00 -14.14
CA ARG J 43 -2.18 -2.87 -13.74
C ARG J 43 -3.30 -2.04 -13.14
N THR J 44 -4.42 -1.95 -13.85
CA THR J 44 -5.58 -1.20 -13.39
C THR J 44 -6.75 -2.15 -13.18
N GLN J 45 -7.58 -1.80 -12.21
CA GLN J 45 -8.75 -2.59 -11.84
C GLN J 45 -9.96 -2.24 -12.70
N VAL J 46 -9.93 -1.10 -13.37
CA VAL J 46 -11.08 -0.57 -14.08
C VAL J 46 -10.96 -0.80 -15.58
N ALA J 47 -9.85 -0.38 -16.17
CA ALA J 47 -9.67 -0.40 -17.61
C ALA J 47 -9.03 -1.71 -18.06
N ALA J 48 -8.56 -1.72 -19.31
CA ALA J 48 -8.03 -2.93 -19.95
C ALA J 48 -6.50 -2.89 -19.92
N ASP J 49 -5.93 -3.54 -18.92
CA ASP J 49 -4.49 -3.78 -18.85
C ASP J 49 -4.19 -5.09 -19.56
N TRP J 50 -3.00 -5.67 -19.31
CA TRP J 50 -2.60 -6.88 -20.01
C TRP J 50 -3.46 -8.10 -19.65
N THR J 51 -4.19 -8.07 -18.54
CA THR J 51 -5.01 -9.23 -18.19
C THR J 51 -6.27 -9.31 -19.03
N ALA J 52 -6.82 -8.16 -19.45
CA ALA J 52 -7.92 -8.18 -20.40
C ALA J 52 -7.46 -8.71 -21.75
N LEU J 53 -6.25 -8.34 -22.16
CA LEU J 53 -5.67 -8.87 -23.39
C LEU J 53 -5.40 -10.36 -23.27
N ALA J 54 -4.94 -10.81 -22.10
CA ALA J 54 -4.70 -12.22 -21.87
C ALA J 54 -5.98 -13.02 -21.87
N GLU J 55 -7.08 -12.43 -21.40
CA GLU J 55 -8.36 -13.11 -21.50
C GLU J 55 -8.85 -13.16 -22.93
N GLU J 56 -8.59 -12.10 -23.72
CA GLU J 56 -9.01 -12.11 -25.12
C GLU J 56 -8.23 -13.09 -25.97
N MET J 57 -7.10 -13.59 -25.49
CA MET J 57 -6.30 -14.57 -26.19
C MET J 57 -6.50 -15.98 -25.65
N ASP J 58 -7.66 -16.23 -25.03
CA ASP J 58 -8.12 -17.56 -24.63
C ASP J 58 -7.21 -18.23 -23.61
N PHE J 59 -6.65 -17.43 -22.71
CA PHE J 59 -5.90 -17.98 -21.59
C PHE J 59 -6.82 -18.25 -20.42
N GLU J 60 -6.55 -19.35 -19.72
CA GLU J 60 -7.24 -19.71 -18.49
C GLU J 60 -6.87 -18.71 -17.39
N TYR J 61 -7.70 -18.64 -16.36
CA TYR J 61 -7.44 -17.75 -15.23
C TYR J 61 -6.14 -18.13 -14.52
N LEU J 62 -5.86 -19.42 -14.39
CA LEU J 62 -4.64 -19.84 -13.70
C LEU J 62 -3.39 -19.52 -14.51
N GLU J 63 -3.50 -19.48 -15.85
CA GLU J 63 -2.38 -19.06 -16.68
C GLU J 63 -2.05 -17.59 -16.46
N ILE J 64 -3.09 -16.75 -16.45
CA ILE J 64 -2.93 -15.32 -16.21
C ILE J 64 -2.41 -15.06 -14.81
N ARG J 65 -2.89 -15.84 -13.85
CA ARG J 65 -2.45 -15.74 -12.47
C ARG J 65 -1.00 -16.19 -12.32
N GLN J 66 -0.55 -17.12 -13.14
CA GLN J 66 0.87 -17.49 -13.16
C GLN J 66 1.71 -16.41 -13.82
N LEU J 67 1.17 -15.74 -14.85
CA LEU J 67 1.92 -14.69 -15.51
C LEU J 67 2.00 -13.43 -14.66
N GLU J 68 1.08 -13.24 -13.70
CA GLU J 68 1.15 -12.08 -12.82
C GLU J 68 2.38 -12.12 -11.91
N THR J 69 2.91 -13.31 -11.63
CA THR J 69 3.97 -13.44 -10.62
C THR J 69 5.29 -12.89 -11.13
N GLN J 70 5.67 -13.27 -12.33
CA GLN J 70 6.97 -12.88 -12.85
C GLN J 70 6.92 -11.48 -13.46
N ALA J 71 8.05 -10.80 -13.42
CA ALA J 71 8.16 -9.44 -13.91
C ALA J 71 8.06 -9.41 -15.43
N ASP J 72 7.65 -8.25 -15.95
CA ASP J 72 7.20 -8.01 -17.32
C ASP J 72 6.16 -9.04 -17.73
N PRO J 73 4.93 -8.97 -17.23
CA PRO J 73 3.94 -9.97 -17.61
C PRO J 73 3.44 -9.84 -19.02
N THR J 74 3.57 -8.66 -19.63
CA THR J 74 3.20 -8.49 -21.02
C THR J 74 4.18 -9.19 -21.95
N GLY J 75 5.47 -9.15 -21.63
CA GLY J 75 6.46 -9.84 -22.44
C GLY J 75 6.34 -11.35 -22.33
N ARG J 76 6.07 -11.85 -21.14
CA ARG J 76 5.84 -13.28 -20.97
C ARG J 76 4.51 -13.71 -21.53
N LEU J 77 3.55 -12.80 -21.59
CA LEU J 77 2.29 -13.04 -22.25
C LEU J 77 2.47 -13.17 -23.75
N LEU J 78 3.28 -12.31 -24.35
CA LEU J 78 3.58 -12.42 -25.77
C LEU J 78 4.45 -13.62 -26.09
N ASP J 79 5.31 -14.03 -25.16
CA ASP J 79 6.09 -15.25 -25.35
C ASP J 79 5.22 -16.48 -25.25
N ALA J 80 4.23 -16.48 -24.36
CA ALA J 80 3.33 -17.61 -24.26
C ALA J 80 2.31 -17.62 -25.39
N TRP J 81 2.12 -16.50 -26.06
CA TRP J 81 1.25 -16.44 -27.21
C TRP J 81 2.02 -16.50 -28.52
N GLN J 82 3.31 -16.86 -28.46
CA GLN J 82 4.04 -17.17 -29.69
C GLN J 82 3.43 -18.36 -30.40
N GLY J 83 3.50 -19.52 -29.77
CA GLY J 83 2.92 -20.69 -30.39
C GLY J 83 1.52 -20.96 -29.89
N ARG J 84 0.55 -20.42 -30.60
CA ARG J 84 -0.88 -20.59 -30.37
C ARG J 84 -1.51 -20.59 -31.75
N PRO J 85 -2.63 -21.31 -31.93
CA PRO J 85 -3.15 -21.52 -33.30
C PRO J 85 -3.64 -20.27 -34.01
N GLY J 86 -3.94 -19.20 -33.30
CA GLY J 86 -4.39 -18.02 -33.99
C GLY J 86 -3.45 -16.83 -33.99
N ALA J 87 -2.23 -17.00 -33.53
CA ALA J 87 -1.37 -15.86 -33.24
C ALA J 87 -0.74 -15.28 -34.50
N SER J 88 -0.78 -13.96 -34.62
CA SER J 88 -0.09 -13.22 -35.67
C SER J 88 0.07 -11.78 -35.19
N VAL J 89 0.67 -10.95 -36.04
CA VAL J 89 0.81 -9.54 -35.71
C VAL J 89 -0.50 -8.80 -35.90
N GLY J 90 -1.20 -9.08 -37.00
CA GLY J 90 -2.49 -8.46 -37.26
C GLY J 90 -3.56 -8.88 -36.28
N ARG J 91 -3.50 -10.11 -35.77
CA ARG J 91 -4.40 -10.54 -34.72
C ARG J 91 -4.15 -9.75 -33.44
N LEU J 92 -2.89 -9.46 -33.13
CA LEU J 92 -2.57 -8.62 -31.98
C LEU J 92 -3.07 -7.20 -32.17
N LEU J 93 -2.92 -6.67 -33.38
CA LEU J 93 -3.36 -5.30 -33.65
C LEU J 93 -4.88 -5.18 -33.65
N GLU J 94 -5.61 -6.25 -33.96
CA GLU J 94 -7.06 -6.17 -33.89
C GLU J 94 -7.60 -6.54 -32.52
N LEU J 95 -6.86 -7.31 -31.72
CA LEU J 95 -7.25 -7.51 -30.33
C LEU J 95 -6.98 -6.28 -29.48
N LEU J 96 -5.96 -5.49 -29.82
CA LEU J 96 -5.78 -4.22 -29.13
C LEU J 96 -6.81 -3.18 -29.56
N THR J 97 -7.46 -3.38 -30.70
CA THR J 97 -8.57 -2.52 -31.09
C THR J 97 -9.86 -2.98 -30.43
N LYS J 98 -10.03 -4.30 -30.29
CA LYS J 98 -11.21 -4.86 -29.63
C LYS J 98 -11.27 -4.47 -28.16
N LEU J 99 -10.10 -4.32 -27.52
CA LEU J 99 -10.07 -3.79 -26.17
C LEU J 99 -10.29 -2.28 -26.12
N GLY J 100 -10.31 -1.62 -27.27
CA GLY J 100 -10.50 -0.19 -27.31
C GLY J 100 -9.28 0.63 -26.98
N ARG J 101 -8.17 0.00 -26.62
CA ARG J 101 -6.97 0.75 -26.31
C ARG J 101 -6.33 1.25 -27.60
N ASP J 102 -6.71 2.44 -28.02
CA ASP J 102 -6.08 3.13 -29.14
C ASP J 102 -4.90 3.97 -28.68
N ASP J 103 -4.55 3.87 -27.40
CA ASP J 103 -3.33 4.47 -26.88
C ASP J 103 -2.11 3.86 -27.54
N VAL J 104 -2.11 2.54 -27.72
CA VAL J 104 -0.93 1.85 -28.22
C VAL J 104 -0.84 1.88 -29.74
N LEU J 105 -1.96 1.90 -30.46
CA LEU J 105 -1.88 1.84 -31.91
C LEU J 105 -1.48 3.16 -32.53
N LEU J 106 -1.55 4.25 -31.78
CA LEU J 106 -1.13 5.54 -32.32
C LEU J 106 0.36 5.77 -32.12
N GLU J 107 0.96 5.14 -31.10
CA GLU J 107 2.40 5.30 -30.90
C GLU J 107 3.18 4.13 -31.49
N LEU J 108 2.65 2.91 -31.36
CA LEU J 108 3.26 1.75 -31.97
C LEU J 108 2.68 1.44 -33.34
N GLY J 109 2.14 2.45 -34.01
CA GLY J 109 1.71 2.32 -35.37
C GLY J 109 2.84 2.08 -36.35
N PRO J 110 3.72 3.07 -36.54
CA PRO J 110 4.80 2.88 -37.53
C PRO J 110 5.89 1.92 -37.08
N SER J 111 6.09 1.73 -35.77
CA SER J 111 7.17 0.87 -35.32
C SER J 111 6.89 -0.61 -35.59
N ILE J 112 5.64 -1.04 -35.46
CA ILE J 112 5.29 -2.43 -35.75
C ILE J 112 5.41 -2.71 -37.25
N GLU J 113 5.05 -1.75 -38.10
CA GLU J 113 5.26 -1.90 -39.54
C GLU J 113 6.74 -1.88 -39.90
N GLU J 114 7.53 -1.05 -39.21
CA GLU J 114 8.96 -0.95 -39.49
C GLU J 114 9.69 -2.22 -39.07
N ASP J 115 9.20 -2.92 -38.05
CA ASP J 115 9.76 -4.20 -37.67
C ASP J 115 9.13 -5.38 -38.40
N CYS J 116 7.98 -5.16 -39.04
CA CYS J 116 7.46 -6.14 -40.00
C CYS J 116 8.31 -6.17 -41.26
N GLN J 117 8.59 -4.99 -41.82
CA GLN J 117 9.38 -4.89 -43.03
C GLN J 117 10.83 -5.32 -42.84
N LYS J 118 11.36 -5.21 -41.63
CA LYS J 118 12.69 -5.70 -41.34
C LYS J 118 12.74 -7.22 -41.29
N TYR J 119 11.69 -7.85 -40.76
CA TYR J 119 11.61 -9.30 -40.73
C TYR J 119 11.40 -9.87 -42.13
N ILE J 120 10.63 -9.16 -42.95
CA ILE J 120 10.43 -9.57 -44.34
C ILE J 120 11.73 -9.48 -45.12
N LEU J 121 12.49 -8.40 -44.91
CA LEU J 121 13.78 -8.24 -45.57
C LEU J 121 14.82 -9.23 -45.05
N LYS J 122 14.66 -9.68 -43.80
CA LYS J 122 15.53 -10.76 -43.33
C LYS J 122 15.15 -12.09 -43.97
N GLN J 123 13.86 -12.32 -44.24
CA GLN J 123 13.47 -13.48 -45.04
C GLN J 123 13.79 -13.32 -46.52
N GLN J 124 14.10 -12.10 -46.97
CA GLN J 124 14.40 -11.75 -48.36
C GLN J 124 13.31 -12.15 -49.34
N SER K 22 37.26 -1.20 -38.78
CA SER K 22 38.69 -1.43 -38.69
C SER K 22 39.01 -2.89 -38.41
N LEU K 23 39.46 -3.18 -37.19
CA LEU K 23 39.97 -4.49 -36.83
C LEU K 23 38.91 -5.28 -36.07
N PRO K 24 38.91 -6.63 -36.17
CA PRO K 24 37.80 -7.40 -35.62
C PRO K 24 37.79 -7.48 -34.10
N LEU K 25 36.77 -8.14 -33.56
CA LEU K 25 36.59 -8.24 -32.12
C LEU K 25 37.44 -9.32 -31.47
N ALA K 26 38.31 -9.98 -32.23
CA ALA K 26 39.30 -10.85 -31.62
C ALA K 26 40.41 -10.08 -30.94
N ALA K 27 40.50 -8.77 -31.18
CA ALA K 27 41.45 -7.93 -30.46
C ALA K 27 41.04 -7.77 -29.00
N LEU K 28 39.75 -7.89 -28.72
CA LEU K 28 39.26 -7.72 -27.35
C LEU K 28 39.44 -9.02 -26.58
N ASN K 29 40.38 -9.02 -25.65
CA ASN K 29 40.69 -10.21 -24.87
C ASN K 29 39.72 -10.40 -23.71
N MET K 30 40.05 -11.26 -22.76
CA MET K 30 39.14 -11.62 -21.68
C MET K 30 38.89 -10.52 -20.66
N ARG K 31 39.84 -9.61 -20.42
CA ARG K 31 39.64 -8.64 -19.35
C ARG K 31 38.65 -7.55 -19.75
N VAL K 32 38.76 -7.03 -20.97
CA VAL K 32 37.77 -6.08 -21.49
C VAL K 32 36.41 -6.72 -21.67
N ARG K 33 36.36 -7.93 -22.20
CA ARG K 33 35.12 -8.63 -22.45
C ARG K 33 34.41 -9.05 -21.16
N ARG K 34 35.11 -9.11 -20.03
CA ARG K 34 34.46 -9.24 -18.73
C ARG K 34 33.96 -7.91 -18.19
N ARG K 35 34.67 -6.82 -18.46
CA ARG K 35 34.26 -5.52 -17.95
C ARG K 35 33.07 -4.97 -18.73
N LEU K 36 32.98 -5.25 -20.04
CA LEU K 36 31.74 -5.00 -20.75
C LEU K 36 30.59 -5.84 -20.24
N SER K 37 30.87 -7.05 -19.79
CA SER K 37 29.81 -7.92 -19.30
C SER K 37 29.24 -7.41 -17.99
N LEU K 38 30.08 -6.84 -17.12
CA LEU K 38 29.61 -6.35 -15.83
C LEU K 38 28.65 -5.18 -15.99
N PHE K 39 28.88 -4.33 -16.98
CA PHE K 39 27.97 -3.22 -17.23
C PHE K 39 26.73 -3.68 -18.00
N LEU K 40 26.93 -4.52 -19.01
CA LEU K 40 25.88 -4.67 -20.00
C LEU K 40 24.87 -5.77 -19.67
N ASN K 41 25.23 -6.77 -18.87
CA ASN K 41 24.23 -7.80 -18.59
C ASN K 41 23.49 -7.56 -17.28
N VAL K 42 23.66 -6.38 -16.67
CA VAL K 42 22.73 -5.94 -15.65
C VAL K 42 21.42 -5.65 -16.36
N ARG K 43 20.45 -6.54 -16.18
CA ARG K 43 19.27 -6.54 -17.02
C ARG K 43 18.23 -5.58 -16.45
N THR K 44 18.02 -4.47 -17.16
CA THR K 44 17.05 -3.47 -16.76
C THR K 44 15.93 -3.39 -17.79
N GLN K 45 14.73 -3.07 -17.30
CA GLN K 45 13.53 -2.95 -18.12
C GLN K 45 13.40 -1.57 -18.74
N VAL K 46 14.12 -0.59 -18.22
CA VAL K 46 13.96 0.81 -18.59
C VAL K 46 15.07 1.27 -19.52
N ALA K 47 16.32 1.05 -19.11
CA ALA K 47 17.46 1.58 -19.83
C ALA K 47 17.97 0.57 -20.85
N ALA K 48 19.19 0.82 -21.36
CA ALA K 48 19.78 0.03 -22.44
C ALA K 48 20.78 -0.95 -21.85
N ASP K 49 20.34 -2.18 -21.62
CA ASP K 49 21.21 -3.29 -21.26
C ASP K 49 21.69 -3.97 -22.54
N TRP K 50 22.18 -5.19 -22.44
CA TRP K 50 22.73 -5.90 -23.59
C TRP K 50 21.68 -6.23 -24.64
N THR K 51 20.39 -6.25 -24.29
CA THR K 51 19.36 -6.58 -25.28
C THR K 51 19.11 -5.43 -26.24
N ALA K 52 19.25 -4.19 -25.77
CA ALA K 52 19.20 -3.06 -26.68
C ALA K 52 20.37 -3.06 -27.65
N LEU K 53 21.55 -3.44 -27.15
CA LEU K 53 22.72 -3.58 -28.00
C LEU K 53 22.55 -4.72 -28.99
N ALA K 54 21.93 -5.82 -28.56
CA ALA K 54 21.67 -6.95 -29.44
C ALA K 54 20.66 -6.60 -30.50
N GLU K 55 19.69 -5.75 -30.18
CA GLU K 55 18.78 -5.28 -31.21
C GLU K 55 19.47 -4.34 -32.18
N GLU K 56 20.39 -3.50 -31.70
CA GLU K 56 21.12 -2.61 -32.59
C GLU K 56 22.07 -3.33 -33.53
N MET K 57 22.39 -4.59 -33.25
CA MET K 57 23.26 -5.39 -34.11
C MET K 57 22.47 -6.37 -34.96
N ASP K 58 21.20 -6.05 -35.25
CA ASP K 58 20.34 -6.74 -36.22
C ASP K 58 20.11 -8.20 -35.86
N PHE K 59 19.98 -8.48 -34.58
CA PHE K 59 19.59 -9.81 -34.15
C PHE K 59 18.07 -9.91 -34.06
N GLU K 60 17.56 -11.07 -34.43
CA GLU K 60 16.14 -11.40 -34.29
C GLU K 60 15.80 -11.52 -32.82
N TYR K 61 14.50 -11.41 -32.51
CA TYR K 61 14.04 -11.55 -31.13
C TYR K 61 14.33 -12.94 -30.57
N LEU K 62 14.18 -13.96 -31.40
CA LEU K 62 14.43 -15.32 -30.93
C LEU K 62 15.91 -15.58 -30.68
N GLU K 63 16.80 -14.88 -31.39
CA GLU K 63 18.23 -14.98 -31.11
C GLU K 63 18.56 -14.39 -29.75
N ILE K 64 18.02 -13.20 -29.46
CA ILE K 64 18.22 -12.53 -28.18
C ILE K 64 17.60 -13.36 -27.05
N ARG K 65 16.45 -13.95 -27.32
CA ARG K 65 15.77 -14.80 -26.36
C ARG K 65 16.55 -16.09 -26.09
N GLN K 66 17.29 -16.59 -27.09
CA GLN K 66 18.18 -17.72 -26.88
C GLN K 66 19.42 -17.31 -26.11
N LEU K 67 19.92 -16.09 -26.34
CA LEU K 67 21.09 -15.63 -25.61
C LEU K 67 20.77 -15.30 -24.16
N GLU K 68 19.50 -15.01 -23.84
CA GLU K 68 19.13 -14.75 -22.44
C GLU K 68 19.31 -15.99 -21.55
N THR K 69 19.23 -17.19 -22.13
CA THR K 69 19.19 -18.41 -21.32
C THR K 69 20.55 -18.70 -20.70
N GLN K 70 21.60 -18.64 -21.50
CA GLN K 70 22.91 -19.01 -21.01
C GLN K 70 23.57 -17.85 -20.28
N ALA K 71 24.43 -18.19 -19.33
CA ALA K 71 25.11 -17.21 -18.51
C ALA K 71 26.15 -16.43 -19.33
N ASP K 72 26.45 -15.22 -18.85
CA ASP K 72 27.18 -14.17 -19.56
C ASP K 72 26.58 -13.94 -20.94
N PRO K 73 25.41 -13.32 -21.05
CA PRO K 73 24.83 -13.12 -22.38
C PRO K 73 25.53 -12.06 -23.20
N THR K 74 26.28 -11.16 -22.57
CA THR K 74 27.06 -10.19 -23.32
C THR K 74 28.25 -10.84 -24.00
N GLY K 75 28.90 -11.80 -23.34
CA GLY K 75 30.02 -12.50 -23.95
C GLY K 75 29.57 -13.39 -25.10
N ARG K 76 28.44 -14.06 -24.94
CA ARG K 76 27.90 -14.86 -26.03
C ARG K 76 27.34 -14.01 -27.14
N LEU K 77 26.90 -12.80 -26.79
CA LEU K 77 26.48 -11.82 -27.79
C LEU K 77 27.65 -11.34 -28.62
N LEU K 78 28.79 -11.07 -27.99
CA LEU K 78 29.98 -10.69 -28.73
C LEU K 78 30.58 -11.85 -29.51
N ASP K 79 30.41 -13.09 -29.02
CA ASP K 79 30.85 -14.24 -29.79
C ASP K 79 29.96 -14.48 -31.00
N ALA K 80 28.66 -14.23 -30.87
CA ALA K 80 27.77 -14.39 -32.01
C ALA K 80 27.89 -13.22 -32.97
N TRP K 81 28.46 -12.11 -32.53
CA TRP K 81 28.70 -10.98 -33.40
C TRP K 81 30.14 -10.94 -33.87
N GLN K 82 30.91 -12.02 -33.67
CA GLN K 82 32.23 -12.13 -34.29
C GLN K 82 32.10 -12.13 -35.80
N GLY K 83 31.49 -13.18 -36.35
CA GLY K 83 31.32 -13.23 -37.77
C GLY K 83 29.97 -12.72 -38.21
N ARG K 84 29.93 -11.44 -38.52
CA ARG K 84 28.78 -10.71 -39.03
C ARG K 84 29.34 -9.67 -39.99
N PRO K 85 28.58 -9.30 -41.04
CA PRO K 85 29.17 -8.48 -42.10
C PRO K 85 29.59 -7.08 -41.70
N GLY K 86 29.08 -6.55 -40.60
CA GLY K 86 29.48 -5.21 -40.22
C GLY K 86 30.34 -5.09 -38.98
N ALA K 87 30.80 -6.22 -38.42
CA ALA K 87 31.39 -6.20 -37.09
C ALA K 87 32.82 -5.69 -37.10
N SER K 88 33.11 -4.80 -36.15
CA SER K 88 34.47 -4.34 -35.90
C SER K 88 34.50 -3.77 -34.48
N VAL K 89 35.67 -3.26 -34.08
CA VAL K 89 35.79 -2.65 -32.76
C VAL K 89 35.19 -1.26 -32.77
N GLY K 90 35.46 -0.47 -33.82
CA GLY K 90 34.88 0.85 -33.93
C GLY K 90 33.38 0.86 -34.11
N ARG K 91 32.84 -0.16 -34.77
CA ARG K 91 31.39 -0.31 -34.85
C ARG K 91 30.79 -0.58 -33.49
N LEU K 92 31.47 -1.36 -32.64
CA LEU K 92 31.01 -1.58 -31.28
C LEU K 92 31.08 -0.29 -30.47
N LEU K 93 32.15 0.48 -30.64
CA LEU K 93 32.29 1.72 -29.89
C LEU K 93 31.29 2.79 -30.34
N GLU K 94 30.83 2.75 -31.57
CA GLU K 94 29.82 3.71 -31.99
C GLU K 94 28.40 3.21 -31.74
N LEU K 95 28.19 1.90 -31.65
CA LEU K 95 26.89 1.41 -31.21
C LEU K 95 26.69 1.60 -29.71
N LEU K 96 27.77 1.57 -28.92
CA LEU K 96 27.63 1.92 -27.52
C LEU K 96 27.44 3.42 -27.31
N THR K 97 27.79 4.24 -28.30
CA THR K 97 27.47 5.66 -28.23
C THR K 97 26.05 5.92 -28.70
N LYS K 98 25.59 5.16 -29.70
CA LYS K 98 24.23 5.29 -30.20
C LYS K 98 23.21 4.90 -29.13
N LEU K 99 23.55 3.95 -28.28
CA LEU K 99 22.70 3.64 -27.13
C LEU K 99 22.81 4.68 -26.03
N GLY K 100 23.74 5.61 -26.13
CA GLY K 100 23.91 6.63 -25.12
C GLY K 100 24.65 6.19 -23.88
N ARG K 101 25.02 4.92 -23.78
CA ARG K 101 25.73 4.46 -22.62
C ARG K 101 27.18 4.91 -22.69
N ASP K 102 27.45 6.09 -22.13
CA ASP K 102 28.80 6.60 -21.97
C ASP K 102 29.41 6.16 -20.67
N ASP K 103 28.71 5.28 -19.93
CA ASP K 103 29.27 4.62 -18.76
C ASP K 103 30.45 3.75 -19.15
N VAL K 104 30.33 3.03 -20.26
CA VAL K 104 31.36 2.07 -20.64
C VAL K 104 32.51 2.71 -21.39
N LEU K 105 32.29 3.77 -22.16
CA LEU K 105 33.37 4.35 -22.95
C LEU K 105 34.33 5.16 -22.11
N LEU K 106 33.95 5.54 -20.90
CA LEU K 106 34.86 6.29 -20.05
C LEU K 106 35.75 5.38 -19.24
N GLU K 107 35.31 4.14 -18.97
CA GLU K 107 36.16 3.22 -18.22
C GLU K 107 36.89 2.26 -19.17
N LEU K 108 36.22 1.80 -20.22
CA LEU K 108 36.85 0.96 -21.23
C LEU K 108 37.38 1.77 -22.40
N GLY K 109 37.69 3.04 -22.16
CA GLY K 109 38.35 3.87 -23.14
C GLY K 109 39.77 3.42 -23.44
N PRO K 110 40.68 3.54 -22.48
CA PRO K 110 42.08 3.17 -22.76
C PRO K 110 42.31 1.67 -22.88
N SER K 111 41.47 0.83 -22.25
CA SER K 111 41.71 -0.61 -22.30
C SER K 111 41.45 -1.20 -23.68
N ILE K 112 40.43 -0.72 -24.38
CA ILE K 112 40.16 -1.20 -25.73
C ILE K 112 41.26 -0.77 -26.69
N GLU K 113 41.80 0.44 -26.53
CA GLU K 113 42.94 0.85 -27.35
C GLU K 113 44.20 0.06 -26.99
N GLU K 114 44.39 -0.26 -25.71
CA GLU K 114 45.56 -1.00 -25.28
C GLU K 114 45.51 -2.44 -25.77
N ASP K 115 44.33 -3.00 -25.95
CA ASP K 115 44.20 -4.33 -26.53
C ASP K 115 44.07 -4.30 -28.05
N CYS K 116 43.81 -3.14 -28.63
CA CYS K 116 43.96 -2.96 -30.07
C CYS K 116 45.43 -2.96 -30.46
N GLN K 117 46.24 -2.18 -29.76
CA GLN K 117 47.66 -2.08 -30.05
C GLN K 117 48.41 -3.37 -29.75
N LYS K 118 47.92 -4.20 -28.85
CA LYS K 118 48.52 -5.50 -28.59
C LYS K 118 48.23 -6.48 -29.72
N TYR K 119 47.02 -6.41 -30.29
CA TYR K 119 46.69 -7.26 -31.42
C TYR K 119 47.44 -6.84 -32.68
N ILE K 120 47.65 -5.53 -32.84
CA ILE K 120 48.43 -5.03 -33.97
C ILE K 120 49.89 -5.46 -33.85
N LEU K 121 50.44 -5.40 -32.63
CA LEU K 121 51.81 -5.84 -32.41
C LEU K 121 51.95 -7.36 -32.54
N LYS K 122 50.87 -8.09 -32.26
CA LYS K 122 50.91 -9.52 -32.55
C LYS K 122 50.87 -9.81 -34.04
N GLN K 123 50.15 -9.00 -34.82
CA GLN K 123 50.25 -9.07 -36.27
C GLN K 123 51.56 -8.52 -36.82
N GLN K 124 52.32 -7.78 -36.01
CA GLN K 124 53.59 -7.14 -36.37
C GLN K 124 53.47 -6.22 -37.59
N SER L 22 31.78 13.14 -12.88
CA SER L 22 33.02 12.48 -12.49
C SER L 22 32.94 10.98 -12.75
N LEU L 23 32.86 10.20 -11.67
CA LEU L 23 32.97 8.75 -11.71
C LEU L 23 31.58 8.13 -11.65
N PRO L 24 31.37 6.94 -12.27
CA PRO L 24 30.01 6.40 -12.38
C PRO L 24 29.45 5.87 -11.09
N LEU L 25 28.19 5.42 -11.14
CA LEU L 25 27.49 4.93 -9.95
C LEU L 25 27.84 3.49 -9.59
N ALA L 26 28.80 2.87 -10.28
CA ALA L 26 29.33 1.60 -9.82
C ALA L 26 30.24 1.76 -8.62
N ALA L 27 30.64 2.99 -8.30
CA ALA L 27 31.41 3.23 -7.07
C ALA L 27 30.53 3.05 -5.84
N LEU L 28 29.23 3.23 -5.98
CA LEU L 28 28.31 3.11 -4.85
C LEU L 28 27.97 1.65 -4.62
N ASN L 29 28.50 1.07 -3.56
CA ASN L 29 28.28 -0.33 -3.25
C ASN L 29 26.93 -0.57 -2.57
N MET L 30 26.75 -1.74 -1.98
CA MET L 30 25.46 -2.13 -1.42
C MET L 30 25.07 -1.38 -0.15
N ARG L 31 26.01 -0.93 0.67
CA ARG L 31 25.62 -0.32 1.94
C ARG L 31 25.06 1.09 1.74
N VAL L 32 25.69 1.90 0.91
CA VAL L 32 25.14 3.21 0.57
C VAL L 32 23.85 3.10 -0.22
N ARG L 33 23.77 2.19 -1.17
CA ARG L 33 22.60 2.00 -1.99
C ARG L 33 21.41 1.45 -1.21
N ARG L 34 21.63 0.83 -0.06
CA ARG L 34 20.55 0.51 0.86
C ARG L 34 20.13 1.68 1.72
N ARG L 35 21.08 2.54 2.11
CA ARG L 35 20.75 3.68 2.95
C ARG L 35 20.04 4.77 2.16
N LEU L 36 20.39 4.95 0.89
CA LEU L 36 19.55 5.77 0.02
C LEU L 36 18.16 5.20 -0.17
N SER L 37 18.04 3.88 -0.18
CA SER L 37 16.73 3.26 -0.37
C SER L 37 15.84 3.49 0.83
N LEU L 38 16.40 3.48 2.05
CA LEU L 38 15.59 3.67 3.25
C LEU L 38 14.97 5.06 3.31
N PHE L 39 15.71 6.06 2.83
CA PHE L 39 15.16 7.42 2.80
C PHE L 39 14.23 7.62 1.62
N LEU L 40 14.62 7.12 0.44
CA LEU L 40 13.98 7.60 -0.77
C LEU L 40 12.74 6.82 -1.17
N ASN L 41 12.59 5.55 -0.77
CA ASN L 41 11.39 4.84 -1.19
C ASN L 41 10.29 4.87 -0.15
N VAL L 42 10.45 5.68 0.90
CA VAL L 42 9.31 6.06 1.72
C VAL L 42 8.41 6.93 0.86
N ARG L 43 7.30 6.37 0.40
CA ARG L 43 6.52 6.98 -0.65
C ARG L 43 5.54 7.99 -0.05
N THR L 44 5.80 9.26 -0.29
CA THR L 44 4.95 10.34 0.20
C THR L 44 4.31 11.07 -0.97
N GLN L 45 3.10 11.57 -0.74
CA GLN L 45 2.32 12.28 -1.74
C GLN L 45 2.67 13.76 -1.78
N VAL L 46 3.32 14.27 -0.73
CA VAL L 46 3.55 15.69 -0.56
C VAL L 46 4.99 16.06 -0.90
N ALA L 47 5.95 15.37 -0.29
CA ALA L 47 7.35 15.72 -0.40
C ALA L 47 8.01 14.97 -1.57
N ALA L 48 9.34 14.99 -1.59
CA ALA L 48 10.13 14.43 -2.69
C ALA L 48 10.66 13.07 -2.30
N ASP L 49 9.94 12.01 -2.69
CA ASP L 49 10.40 10.64 -2.57
C ASP L 49 11.18 10.28 -3.84
N TRP L 50 11.38 9.00 -4.10
CA TRP L 50 12.16 8.56 -5.25
C TRP L 50 11.52 8.90 -6.58
N THR L 51 10.21 9.16 -6.63
CA THR L 51 9.58 9.48 -7.90
C THR L 51 9.89 10.89 -8.36
N ALA L 52 10.08 11.83 -7.43
CA ALA L 52 10.56 13.15 -7.80
C ALA L 52 11.98 13.09 -8.33
N LEU L 53 12.82 12.24 -7.72
CA LEU L 53 14.17 12.02 -8.22
C LEU L 53 14.15 11.36 -9.59
N ALA L 54 13.23 10.41 -9.80
CA ALA L 54 13.11 9.75 -11.08
C ALA L 54 12.63 10.70 -12.16
N GLU L 55 11.78 11.66 -11.80
CA GLU L 55 11.40 12.67 -12.76
C GLU L 55 12.55 13.62 -13.07
N GLU L 56 13.39 13.94 -12.07
CA GLU L 56 14.53 14.82 -12.31
C GLU L 56 15.61 14.16 -13.16
N MET L 57 15.57 12.85 -13.32
CA MET L 57 16.52 12.13 -14.16
C MET L 57 15.93 11.75 -15.51
N ASP L 58 14.93 12.51 -15.97
CA ASP L 58 14.37 12.45 -17.33
C ASP L 58 13.77 11.09 -17.65
N PHE L 59 13.14 10.46 -16.66
CA PHE L 59 12.38 9.25 -16.91
C PHE L 59 10.94 9.60 -17.28
N GLU L 60 10.39 8.82 -18.20
CA GLU L 60 8.99 8.91 -18.59
C GLU L 60 8.11 8.45 -17.42
N TYR L 61 6.84 8.85 -17.46
CA TYR L 61 5.90 8.42 -16.43
C TYR L 61 5.71 6.92 -16.41
N LEU L 62 5.69 6.29 -17.58
CA LEU L 62 5.51 4.85 -17.63
C LEU L 62 6.72 4.10 -17.11
N GLU L 63 7.92 4.68 -17.23
CA GLU L 63 9.10 4.06 -16.64
C GLU L 63 9.02 4.08 -15.12
N ILE L 64 8.64 5.22 -14.54
CA ILE L 64 8.48 5.36 -13.09
C ILE L 64 7.37 4.45 -12.60
N ARG L 65 6.30 4.35 -13.37
CA ARG L 65 5.19 3.48 -13.04
C ARG L 65 5.57 2.01 -13.10
N GLN L 66 6.50 1.65 -13.99
CA GLN L 66 7.04 0.30 -14.00
C GLN L 66 7.98 0.05 -12.83
N LEU L 67 8.72 1.07 -12.41
CA LEU L 67 9.63 0.91 -11.28
C LEU L 67 8.87 0.84 -9.96
N GLU L 68 7.65 1.37 -9.91
CA GLU L 68 6.85 1.30 -8.68
C GLU L 68 6.47 -0.13 -8.33
N THR L 69 6.38 -1.02 -9.33
CA THR L 69 5.84 -2.36 -9.12
C THR L 69 6.80 -3.23 -8.32
N GLN L 70 8.07 -3.24 -8.71
CA GLN L 70 9.03 -4.12 -8.08
C GLN L 70 9.58 -3.49 -6.81
N ALA L 71 9.97 -4.37 -5.87
CA ALA L 71 10.47 -3.93 -4.58
C ALA L 71 11.85 -3.29 -4.72
N ASP L 72 12.17 -2.44 -3.74
CA ASP L 72 13.29 -1.49 -3.75
C ASP L 72 13.28 -0.68 -5.04
N PRO L 73 12.35 0.27 -5.21
CA PRO L 73 12.34 1.04 -6.46
C PRO L 73 13.48 2.03 -6.58
N THR L 74 14.09 2.43 -5.46
CA THR L 74 15.25 3.30 -5.53
C THR L 74 16.47 2.57 -6.07
N GLY L 75 16.65 1.31 -5.69
CA GLY L 75 17.76 0.54 -6.21
C GLY L 75 17.61 0.22 -7.68
N ARG L 76 16.39 -0.10 -8.11
CA ARG L 76 16.16 -0.32 -9.53
C ARG L 76 16.19 0.97 -10.32
N LEU L 77 15.88 2.09 -9.67
CA LEU L 77 16.03 3.39 -10.27
C LEU L 77 17.50 3.73 -10.50
N LEU L 78 18.35 3.43 -9.52
CA LEU L 78 19.78 3.65 -9.71
C LEU L 78 20.40 2.67 -10.69
N ASP L 79 19.85 1.46 -10.79
CA ASP L 79 20.31 0.52 -11.80
C ASP L 79 19.89 0.95 -13.20
N ALA L 80 18.70 1.52 -13.33
CA ALA L 80 18.27 2.01 -14.64
C ALA L 80 18.93 3.33 -14.99
N TRP L 81 19.50 4.01 -14.01
CA TRP L 81 20.23 5.24 -14.28
C TRP L 81 21.74 4.98 -14.28
N GLN L 82 22.17 3.71 -14.32
CA GLN L 82 23.58 3.41 -14.56
C GLN L 82 24.01 3.92 -15.93
N GLY L 83 23.44 3.33 -16.98
CA GLY L 83 23.80 3.77 -18.30
C GLY L 83 22.81 4.78 -18.84
N ARG L 84 23.13 6.04 -18.63
CA ARG L 84 22.38 7.20 -19.11
C ARG L 84 23.43 8.27 -19.39
N PRO L 85 23.17 9.15 -20.36
CA PRO L 85 24.26 10.05 -20.83
C PRO L 85 24.75 11.07 -19.81
N GLY L 86 23.97 11.35 -18.76
CA GLY L 86 24.45 12.31 -17.79
C GLY L 86 24.81 11.77 -16.43
N ALA L 87 24.83 10.46 -16.26
CA ALA L 87 24.88 9.87 -14.93
C ALA L 87 26.29 9.92 -14.34
N SER L 88 26.39 10.33 -13.08
CA SER L 88 27.62 10.26 -12.31
C SER L 88 27.24 10.32 -10.84
N VAL L 89 28.26 10.30 -9.98
CA VAL L 89 28.00 10.41 -8.54
C VAL L 89 27.71 11.85 -8.16
N GLY L 90 28.47 12.79 -8.70
CA GLY L 90 28.23 14.21 -8.43
C GLY L 90 26.92 14.72 -8.99
N ARG L 91 26.47 14.16 -10.12
CA ARG L 91 25.16 14.49 -10.65
C ARG L 91 24.07 14.01 -9.70
N LEU L 92 24.24 12.84 -9.09
CA LEU L 92 23.30 12.35 -8.10
C LEU L 92 23.29 13.25 -6.86
N LEU L 93 24.47 13.67 -6.42
CA LEU L 93 24.56 14.51 -5.23
C LEU L 93 24.01 15.91 -5.47
N GLU L 94 24.02 16.40 -6.71
CA GLU L 94 23.43 17.70 -6.97
C GLU L 94 21.94 17.60 -7.32
N LEU L 95 21.47 16.45 -7.81
CA LEU L 95 20.03 16.26 -7.96
C LEU L 95 19.36 16.02 -6.62
N LEU L 96 20.05 15.44 -5.66
CA LEU L 96 19.48 15.35 -4.32
C LEU L 96 19.51 16.69 -3.60
N THR L 97 20.32 17.64 -4.05
CA THR L 97 20.28 18.99 -3.52
C THR L 97 19.18 19.80 -4.21
N LYS L 98 18.99 19.56 -5.51
CA LYS L 98 17.94 20.25 -6.26
C LYS L 98 16.55 19.88 -5.75
N LEU L 99 16.38 18.64 -5.28
CA LEU L 99 15.14 18.27 -4.62
C LEU L 99 15.03 18.82 -3.22
N GLY L 100 16.09 19.43 -2.68
CA GLY L 100 16.07 19.98 -1.35
C GLY L 100 16.22 18.97 -0.24
N ARG L 101 16.29 17.69 -0.56
CA ARG L 101 16.45 16.69 0.48
C ARG L 101 17.87 16.69 0.99
N ASP L 102 18.14 17.50 2.02
CA ASP L 102 19.41 17.51 2.71
C ASP L 102 19.42 16.50 3.85
N ASP L 103 18.36 15.70 3.97
CA ASP L 103 18.33 14.58 4.89
C ASP L 103 19.39 13.55 4.52
N VAL L 104 19.55 13.29 3.23
CA VAL L 104 20.45 12.23 2.79
C VAL L 104 21.90 12.69 2.69
N LEU L 105 22.15 13.95 2.38
CA LEU L 105 23.53 14.39 2.19
C LEU L 105 24.27 14.59 3.51
N LEU L 106 23.55 14.66 4.62
CA LEU L 106 24.20 14.80 5.91
C LEU L 106 24.56 13.46 6.50
N GLU L 107 23.84 12.39 6.14
CA GLU L 107 24.19 11.08 6.65
C GLU L 107 25.01 10.28 5.65
N LEU L 108 24.70 10.39 4.36
CA LEU L 108 25.49 9.76 3.30
C LEU L 108 26.54 10.70 2.74
N GLY L 109 26.97 11.67 3.53
CA GLY L 109 28.07 12.52 3.18
C GLY L 109 29.40 11.79 3.10
N PRO L 110 29.91 11.32 4.26
CA PRO L 110 31.22 10.65 4.23
C PRO L 110 31.20 9.27 3.61
N SER L 111 30.07 8.57 3.60
CA SER L 111 30.03 7.21 3.05
C SER L 111 30.18 7.18 1.54
N ILE L 112 29.59 8.16 0.83
CA ILE L 112 29.73 8.21 -0.62
C ILE L 112 31.16 8.57 -1.00
N GLU L 113 31.82 9.44 -0.24
CA GLU L 113 33.24 9.73 -0.48
C GLU L 113 34.12 8.53 -0.15
N GLU L 114 33.78 7.79 0.90
CA GLU L 114 34.56 6.63 1.31
C GLU L 114 34.44 5.49 0.29
N ASP L 115 33.31 5.40 -0.39
CA ASP L 115 33.15 4.43 -1.47
C ASP L 115 33.59 4.96 -2.83
N CYS L 116 33.77 6.28 -2.95
CA CYS L 116 34.46 6.83 -4.11
C CYS L 116 35.95 6.51 -4.06
N GLN L 117 36.57 6.76 -2.91
CA GLN L 117 38.00 6.50 -2.75
C GLN L 117 38.35 5.03 -2.79
N LYS L 118 37.41 4.15 -2.46
CA LYS L 118 37.64 2.72 -2.58
C LYS L 118 37.61 2.28 -4.04
N TYR L 119 36.73 2.87 -4.83
CA TYR L 119 36.67 2.55 -6.26
C TYR L 119 37.88 3.10 -6.99
N ILE L 120 38.37 4.27 -6.57
CA ILE L 120 39.58 4.84 -7.15
C ILE L 120 40.79 3.97 -6.83
N LEU L 121 40.87 3.48 -5.59
CA LEU L 121 41.97 2.60 -5.20
C LEU L 121 41.86 1.23 -5.86
N LYS L 122 40.64 0.81 -6.20
CA LYS L 122 40.52 -0.41 -7.00
C LYS L 122 40.97 -0.19 -8.43
N GLN L 123 40.74 1.01 -8.99
CA GLN L 123 41.34 1.35 -10.28
C GLN L 123 42.83 1.64 -10.19
N GLN L 124 43.37 1.82 -8.98
CA GLN L 124 44.78 2.13 -8.70
C GLN L 124 45.28 3.37 -9.46
N SER M 22 -20.17 -28.74 -8.56
CA SER M 22 -19.84 -29.06 -9.95
C SER M 22 -18.37 -28.79 -10.26
N LEU M 23 -18.12 -27.75 -11.05
CA LEU M 23 -16.81 -27.44 -11.59
C LEU M 23 -16.15 -26.33 -10.78
N PRO M 24 -14.80 -26.32 -10.67
CA PRO M 24 -14.15 -25.38 -9.75
C PRO M 24 -14.18 -23.94 -10.22
N LEU M 25 -13.64 -23.04 -9.40
CA LEU M 25 -13.64 -21.61 -9.68
C LEU M 25 -12.54 -21.19 -10.63
N ALA M 26 -11.76 -22.12 -11.18
CA ALA M 26 -10.86 -21.79 -12.26
C ALA M 26 -11.59 -21.55 -13.57
N ALA M 27 -12.87 -21.92 -13.65
CA ALA M 27 -13.68 -21.60 -14.82
C ALA M 27 -13.95 -20.11 -14.91
N LEU M 28 -13.94 -19.42 -13.77
CA LEU M 28 -14.25 -18.00 -13.75
C LEU M 28 -13.00 -17.21 -14.09
N ASN M 29 -12.98 -16.62 -15.29
CA ASN M 29 -11.82 -15.88 -15.75
C ASN M 29 -11.78 -14.47 -15.19
N MET M 30 -10.96 -13.60 -15.77
CA MET M 30 -10.74 -12.26 -15.22
C MET M 30 -11.92 -11.31 -15.37
N ARG M 31 -12.75 -11.46 -16.40
CA ARG M 31 -13.82 -10.47 -16.61
C ARG M 31 -14.95 -10.63 -15.60
N VAL M 32 -15.38 -11.86 -15.35
CA VAL M 32 -16.37 -12.12 -14.30
C VAL M 32 -15.83 -11.81 -12.92
N ARG M 33 -14.59 -12.19 -12.64
CA ARG M 33 -13.97 -11.97 -11.35
C ARG M 33 -13.70 -10.51 -11.05
N ARG M 34 -13.65 -9.64 -12.07
CA ARG M 34 -13.66 -8.20 -11.87
C ARG M 34 -15.05 -7.65 -11.63
N ARG M 35 -16.06 -8.21 -12.28
CA ARG M 35 -17.42 -7.72 -12.12
C ARG M 35 -18.01 -8.13 -10.78
N LEU M 36 -17.66 -9.31 -10.27
CA LEU M 36 -17.96 -9.63 -8.88
C LEU M 36 -17.25 -8.71 -7.91
N SER M 37 -16.05 -8.27 -8.26
CA SER M 37 -15.29 -7.39 -7.36
C SER M 37 -15.94 -6.02 -7.26
N LEU M 38 -16.49 -5.52 -8.37
CA LEU M 38 -17.10 -4.19 -8.35
C LEU M 38 -18.32 -4.14 -7.46
N PHE M 39 -19.09 -5.22 -7.41
CA PHE M 39 -20.24 -5.26 -6.52
C PHE M 39 -19.84 -5.57 -5.09
N LEU M 40 -18.93 -6.52 -4.90
CA LEU M 40 -18.79 -7.11 -3.59
C LEU M 40 -17.80 -6.38 -2.68
N ASN M 41 -16.82 -5.66 -3.21
CA ASN M 41 -15.90 -4.99 -2.30
C ASN M 41 -16.28 -3.54 -2.04
N VAL M 42 -17.47 -3.12 -2.46
CA VAL M 42 -18.06 -1.89 -1.92
C VAL M 42 -18.40 -2.18 -0.47
N ARG M 43 -17.60 -1.64 0.43
CA ARG M 43 -17.64 -2.06 1.82
C ARG M 43 -18.71 -1.28 2.56
N THR M 44 -19.78 -1.97 2.94
CA THR M 44 -20.88 -1.37 3.67
C THR M 44 -20.99 -2.01 5.05
N GLN M 45 -21.44 -1.20 6.01
CA GLN M 45 -21.59 -1.61 7.40
C GLN M 45 -22.93 -2.27 7.65
N VAL M 46 -23.89 -2.08 6.74
CA VAL M 46 -25.27 -2.50 6.95
C VAL M 46 -25.58 -3.76 6.16
N ALA M 47 -25.29 -3.75 4.87
CA ALA M 47 -25.68 -4.84 3.97
C ALA M 47 -24.57 -5.88 3.87
N ALA M 48 -24.69 -6.76 2.88
CA ALA M 48 -23.79 -7.89 2.70
C ALA M 48 -22.77 -7.58 1.62
N ASP M 49 -21.60 -7.11 2.04
CA ASP M 49 -20.46 -6.95 1.16
C ASP M 49 -19.67 -8.25 1.15
N TRP M 50 -18.40 -8.20 0.71
CA TRP M 50 -17.59 -9.42 0.60
C TRP M 50 -17.27 -10.04 1.95
N THR M 51 -17.38 -9.30 3.06
CA THR M 51 -17.07 -9.90 4.36
C THR M 51 -18.18 -10.82 4.84
N ALA M 52 -19.43 -10.53 4.49
CA ALA M 52 -20.50 -11.48 4.78
C ALA M 52 -20.34 -12.74 3.96
N LEU M 53 -19.91 -12.61 2.72
CA LEU M 53 -19.62 -13.77 1.88
C LEU M 53 -18.44 -14.55 2.43
N ALA M 54 -17.42 -13.86 2.93
CA ALA M 54 -16.26 -14.51 3.52
C ALA M 54 -16.62 -15.24 4.80
N GLU M 55 -17.56 -14.71 5.56
CA GLU M 55 -18.03 -15.43 6.73
C GLU M 55 -18.86 -16.65 6.33
N GLU M 56 -19.65 -16.55 5.26
CA GLU M 56 -20.43 -17.71 4.81
C GLU M 56 -19.57 -18.83 4.25
N MET M 57 -18.31 -18.55 3.92
CA MET M 57 -17.39 -19.57 3.42
C MET M 57 -16.42 -20.05 4.49
N ASP M 58 -16.83 -19.94 5.76
CA ASP M 58 -16.15 -20.54 6.92
C ASP M 58 -14.73 -20.01 7.11
N PHE M 59 -14.53 -18.73 6.83
CA PHE M 59 -13.27 -18.08 7.14
C PHE M 59 -13.30 -17.51 8.55
N GLU M 60 -12.16 -17.60 9.22
CA GLU M 60 -11.95 -17.01 10.54
C GLU M 60 -11.96 -15.49 10.40
N TYR M 61 -12.19 -14.80 11.52
CA TYR M 61 -12.18 -13.34 11.53
C TYR M 61 -10.81 -12.79 11.16
N LEU M 62 -9.74 -13.44 11.61
CA LEU M 62 -8.41 -12.96 11.30
C LEU M 62 -8.04 -13.16 9.83
N GLU M 63 -8.63 -14.18 9.19
CA GLU M 63 -8.43 -14.35 7.75
C GLU M 63 -9.08 -13.21 6.97
N ILE M 64 -10.32 -12.87 7.32
CA ILE M 64 -11.05 -11.78 6.69
C ILE M 64 -10.36 -10.45 6.95
N ARG M 65 -9.83 -10.29 8.17
CA ARG M 65 -9.10 -9.09 8.54
C ARG M 65 -7.78 -8.99 7.78
N GLN M 66 -7.16 -10.11 7.45
CA GLN M 66 -5.98 -10.10 6.60
C GLN M 66 -6.34 -9.80 5.15
N LEU M 67 -7.50 -10.27 4.69
CA LEU M 67 -7.92 -9.98 3.31
C LEU M 67 -8.35 -8.54 3.14
N GLU M 68 -8.75 -7.86 4.22
CA GLU M 68 -9.13 -6.44 4.12
C GLU M 68 -7.96 -5.56 3.73
N THR M 69 -6.73 -5.98 4.06
CA THR M 69 -5.57 -5.10 3.91
C THR M 69 -5.20 -4.91 2.44
N GLN M 70 -5.14 -6.00 1.70
CA GLN M 70 -4.70 -5.93 0.31
C GLN M 70 -5.84 -5.53 -0.60
N ALA M 71 -5.49 -4.88 -1.71
CA ALA M 71 -6.48 -4.39 -2.66
C ALA M 71 -7.11 -5.56 -3.41
N ASP M 72 -8.32 -5.30 -3.92
CA ASP M 72 -9.27 -6.29 -4.46
C ASP M 72 -9.45 -7.42 -3.46
N PRO M 73 -10.16 -7.22 -2.35
CA PRO M 73 -10.31 -8.31 -1.38
C PRO M 73 -11.26 -9.40 -1.85
N THR M 74 -12.15 -9.11 -2.80
CA THR M 74 -13.00 -10.15 -3.36
C THR M 74 -12.22 -11.12 -4.23
N GLY M 75 -11.26 -10.60 -5.00
CA GLY M 75 -10.44 -11.48 -5.82
C GLY M 75 -9.51 -12.34 -4.99
N ARG M 76 -8.94 -11.78 -3.93
CA ARG M 76 -8.11 -12.57 -3.04
C ARG M 76 -8.94 -13.52 -2.20
N LEU M 77 -10.20 -13.17 -1.95
CA LEU M 77 -11.13 -14.06 -1.29
C LEU M 77 -11.47 -15.25 -2.17
N LEU M 78 -11.69 -15.03 -3.46
CA LEU M 78 -11.93 -16.13 -4.37
C LEU M 78 -10.68 -16.97 -4.62
N ASP M 79 -9.50 -16.35 -4.55
CA ASP M 79 -8.26 -17.11 -4.66
C ASP M 79 -8.02 -17.96 -3.42
N ALA M 80 -8.37 -17.44 -2.24
CA ALA M 80 -8.23 -18.23 -1.03
C ALA M 80 -9.32 -19.28 -0.90
N TRP M 81 -10.40 -19.13 -1.64
CA TRP M 81 -11.45 -20.13 -1.65
C TRP M 81 -11.35 -21.03 -2.88
N GLN M 82 -10.23 -20.99 -3.61
CA GLN M 82 -9.97 -21.97 -4.64
C GLN M 82 -9.88 -23.37 -4.04
N GLY M 83 -8.86 -23.60 -3.23
CA GLY M 83 -8.72 -24.89 -2.61
C GLY M 83 -9.32 -24.92 -1.23
N ARG M 84 -10.58 -25.31 -1.17
CA ARG M 84 -11.35 -25.51 0.06
C ARG M 84 -12.28 -26.68 -0.23
N PRO M 85 -12.65 -27.45 0.80
CA PRO M 85 -13.35 -28.73 0.53
C PRO M 85 -14.74 -28.59 -0.06
N GLY M 86 -15.37 -27.43 0.03
CA GLY M 86 -16.70 -27.31 -0.54
C GLY M 86 -16.82 -26.42 -1.75
N ALA M 87 -15.71 -25.94 -2.30
CA ALA M 87 -15.76 -24.87 -3.28
C ALA M 87 -16.17 -25.36 -4.66
N SER M 88 -17.08 -24.64 -5.29
CA SER M 88 -17.46 -24.85 -6.68
C SER M 88 -18.10 -23.58 -7.20
N VAL M 89 -18.54 -23.61 -8.45
CA VAL M 89 -19.22 -22.45 -9.01
C VAL M 89 -20.66 -22.38 -8.51
N GLY M 90 -21.35 -23.53 -8.48
CA GLY M 90 -22.71 -23.56 -7.98
C GLY M 90 -22.82 -23.27 -6.50
N ARG M 91 -21.80 -23.63 -5.72
CA ARG M 91 -21.76 -23.25 -4.31
C ARG M 91 -21.63 -21.74 -4.16
N LEU M 92 -20.85 -21.10 -5.03
CA LEU M 92 -20.76 -19.65 -5.02
C LEU M 92 -22.09 -19.00 -5.41
N LEU M 93 -22.76 -19.56 -6.42
CA LEU M 93 -24.02 -19.01 -6.86
C LEU M 93 -25.14 -19.21 -5.83
N GLU M 94 -25.06 -20.23 -5.01
CA GLU M 94 -26.07 -20.39 -3.95
C GLU M 94 -25.70 -19.68 -2.67
N LEU M 95 -24.41 -19.41 -2.42
CA LEU M 95 -24.05 -18.54 -1.32
C LEU M 95 -24.36 -17.08 -1.61
N LEU M 96 -24.30 -16.67 -2.88
CA LEU M 96 -24.74 -15.31 -3.21
C LEU M 96 -26.25 -15.19 -3.18
N THR M 97 -26.98 -16.30 -3.24
CA THR M 97 -28.42 -16.27 -3.04
C THR M 97 -28.76 -16.29 -1.56
N LYS M 98 -27.98 -17.02 -0.76
CA LYS M 98 -28.19 -17.08 0.68
C LYS M 98 -27.95 -15.71 1.33
N LEU M 99 -27.02 -14.93 0.78
CA LEU M 99 -26.86 -13.56 1.24
C LEU M 99 -27.95 -12.63 0.72
N GLY M 100 -28.81 -13.10 -0.17
CA GLY M 100 -29.87 -12.29 -0.71
C GLY M 100 -29.45 -11.31 -1.77
N ARG M 101 -28.16 -11.23 -2.08
CA ARG M 101 -27.71 -10.31 -3.12
C ARG M 101 -28.06 -10.87 -4.48
N ASP M 102 -29.25 -10.53 -4.98
CA ASP M 102 -29.66 -10.84 -6.34
C ASP M 102 -29.24 -9.75 -7.31
N ASP M 103 -28.48 -8.77 -6.84
CA ASP M 103 -27.85 -7.78 -7.70
C ASP M 103 -26.87 -8.45 -8.65
N VAL M 104 -26.09 -9.40 -8.14
CA VAL M 104 -25.03 -10.00 -8.94
C VAL M 104 -25.52 -11.12 -9.83
N LEU M 105 -26.56 -11.86 -9.43
CA LEU M 105 -26.99 -13.01 -10.23
C LEU M 105 -27.78 -12.59 -11.45
N LEU M 106 -28.27 -11.35 -11.50
CA LEU M 106 -28.99 -10.88 -12.66
C LEU M 106 -28.06 -10.33 -13.72
N GLU M 107 -26.90 -9.83 -13.32
CA GLU M 107 -25.95 -9.32 -14.31
C GLU M 107 -24.88 -10.35 -14.66
N LEU M 108 -24.41 -11.10 -13.66
CA LEU M 108 -23.46 -12.18 -13.88
C LEU M 108 -24.15 -13.52 -14.07
N GLY M 109 -25.40 -13.50 -14.50
CA GLY M 109 -26.11 -14.70 -14.86
C GLY M 109 -25.54 -15.39 -16.08
N PRO M 110 -25.65 -14.78 -17.25
CA PRO M 110 -25.15 -15.45 -18.46
C PRO M 110 -23.64 -15.50 -18.57
N SER M 111 -22.91 -14.59 -17.93
CA SER M 111 -21.46 -14.58 -18.06
C SER M 111 -20.79 -15.75 -17.35
N ILE M 112 -21.32 -16.14 -16.19
CA ILE M 112 -20.78 -17.29 -15.47
C ILE M 112 -21.05 -18.59 -16.22
N GLU M 113 -22.22 -18.70 -16.85
CA GLU M 113 -22.49 -19.87 -17.69
C GLU M 113 -21.63 -19.86 -18.96
N GLU M 114 -21.39 -18.68 -19.53
CA GLU M 114 -20.58 -18.58 -20.74
C GLU M 114 -19.11 -18.91 -20.46
N ASP M 115 -18.64 -18.65 -19.25
CA ASP M 115 -17.29 -19.05 -18.86
C ASP M 115 -17.23 -20.45 -18.27
N CYS M 116 -18.37 -21.01 -17.90
CA CYS M 116 -18.45 -22.44 -17.59
C CYS M 116 -18.31 -23.27 -18.86
N GLN M 117 -19.07 -22.92 -19.89
CA GLN M 117 -19.03 -23.64 -21.15
C GLN M 117 -17.71 -23.50 -21.88
N LYS M 118 -16.98 -22.41 -21.66
CA LYS M 118 -15.66 -22.25 -22.24
C LYS M 118 -14.64 -23.15 -21.56
N TYR M 119 -14.76 -23.32 -20.24
CA TYR M 119 -13.86 -24.21 -19.51
C TYR M 119 -14.15 -25.67 -19.84
N ILE M 120 -15.43 -26.00 -20.06
CA ILE M 120 -15.80 -27.36 -20.47
C ILE M 120 -15.25 -27.66 -21.87
N LEU M 121 -15.34 -26.69 -22.78
CA LEU M 121 -14.81 -26.86 -24.12
C LEU M 121 -13.29 -26.89 -24.13
N LYS M 122 -12.66 -26.25 -23.16
CA LYS M 122 -11.22 -26.40 -23.03
C LYS M 122 -10.85 -27.78 -22.50
N GLN M 123 -11.66 -28.37 -21.62
CA GLN M 123 -11.48 -29.76 -21.24
C GLN M 123 -11.89 -30.73 -22.33
N GLN M 124 -12.63 -30.27 -23.34
CA GLN M 124 -13.15 -31.06 -24.47
C GLN M 124 -13.99 -32.26 -24.02
#